data_5KUH
#
_entry.id   5KUH
#
_cell.length_a   1
_cell.length_b   1
_cell.length_c   1
_cell.angle_alpha   90.00
_cell.angle_beta   90.00
_cell.angle_gamma   90.00
#
_symmetry.space_group_name_H-M   'P 1'
#
loop_
_entity.id
_entity.type
_entity.pdbx_description
1 polymer 'Glutamate receptor ionotropic, kainate 2'
2 non-polymer '(3S,4aR,6S,8aR)-6-{[(2S)-2-carboxy-4,4-difluoropyrrolidin-1-yl]methyl}decahydroisoquinoline-3-carboxylic acid'
#
_entity_poly.entity_id   1
_entity_poly.type   'polypeptide(L)'
_entity_poly.pdbx_seq_one_letter_code
;TTHVLRFGGIFEYVESGPMGAEELAFRFAVNTINRNRTLLPNTTLTYDTQKINLYDSFEASKKACDQLSLGVAAIFGPSH
SSSANAVQSICNALGVPHIQTRWKHQVSDNKDSFYVSLYPDFSSLSRAILDLVQFFKWKTVTVVYDDSTGLIRLQELIKA
PSRYNLRLKIRQLPADTKDAKPLLKEMKRGKEFHVIFDCSHEMAAGILKQALAMGMMTEYYHYIFTTLDLFALDVEPYRY
SGVNMTGFRILNTENTQVSSIIEKWSMERLQAPPKPDSGLLDGFMTTDAALMYDAVHVVSVAVQQFPQMTVSSLQCNRHK
PWRFGTRFMSLIKEAHWEGLTGRITFNKTNGLRTDFDLDVISLKEEGLEKIGTWDPASGLNMTESQKGKPANITDSLSNR
SLIVTTILEEPYVLFKKSDKPLYGNDRFEGYCIDLLRELSTILGFTYEIRLVEDGKYGAQDDVNGQWNGMVRELIDHKAD
LAVAPLTITYVREKVIDFSKPFMTLGISILYRKGTPIDSADDLAKQTKIEYGAVEDGSTMTFFKKSKISTYDKMWAFMSS
RRQSVLVKSSEEGIQRVLTSDYALLMESTTIEFVTQRNCNLTQIGGLIDSKGYGVGTPMGSPYRDKITIAILQLQEEGKL
HMMKEKWWRGNGCPEEESKEASALGVQNIGGIFIVLAAGLVLSVFVAVGEFLYKSKKNAQLEKRSFCSAMVEELRMSLKC
QRRLKHKPQAPVIVKTEEVINMHTFNDRRLPGKETMA
;
_entity_poly.pdbx_strand_id   A,B,C,D
#
loop_
_chem_comp.id
_chem_comp.type
_chem_comp.name
_chem_comp.formula
LY5 non-polymer '(3S,4aR,6S,8aR)-6-{[(2S)-2-carboxy-4,4-difluoropyrrolidin-1-yl]methyl}decahydroisoquinoline-3-carboxylic acid' 'C16 H24 F2 N2 O4'
#
# COMPACT_ATOMS: atom_id res chain seq x y z
N THR A 2 -47.57 47.24 53.97
CA THR A 2 -46.14 47.41 54.07
C THR A 2 -45.52 47.65 52.69
N HIS A 3 -44.29 47.18 52.49
CA HIS A 3 -43.56 47.35 51.24
C HIS A 3 -44.20 46.52 50.11
N VAL A 4 -44.21 47.05 48.87
CA VAL A 4 -44.84 46.35 47.75
C VAL A 4 -44.04 46.40 46.43
N LEU A 5 -44.04 45.28 45.72
CA LEU A 5 -43.25 45.10 44.51
C LEU A 5 -44.07 44.42 43.41
N ARG A 6 -44.02 44.94 42.18
CA ARG A 6 -44.85 44.40 41.09
C ARG A 6 -44.03 43.64 40.05
N PHE A 7 -44.47 42.42 39.73
CA PHE A 7 -43.89 41.63 38.61
C PHE A 7 -44.79 41.71 37.41
N GLY A 8 -44.20 41.57 36.23
CA GLY A 8 -44.98 41.49 34.99
C GLY A 8 -45.03 40.06 34.50
N GLY A 9 -46.09 39.71 33.80
CA GLY A 9 -46.24 38.37 33.23
C GLY A 9 -46.74 38.46 31.82
N ILE A 10 -46.09 37.75 30.89
CA ILE A 10 -46.59 37.69 29.52
C ILE A 10 -46.76 36.25 29.07
N PHE A 11 -48.01 35.83 28.85
CA PHE A 11 -48.32 34.44 28.55
C PHE A 11 -48.96 34.24 27.17
N GLU A 12 -48.44 33.25 26.45
CA GLU A 12 -48.80 33.01 25.05
C GLU A 12 -49.96 32.02 25.01
N TYR A 13 -50.87 32.17 24.05
CA TYR A 13 -51.97 31.21 23.91
C TYR A 13 -52.64 31.19 22.51
N VAL A 14 -53.40 30.13 22.23
CA VAL A 14 -54.18 30.04 20.99
C VAL A 14 -55.68 30.08 21.33
N GLU A 15 -56.48 30.70 20.46
CA GLU A 15 -57.91 30.89 20.71
C GLU A 15 -58.16 31.76 21.96
N SER A 16 -58.81 31.21 22.98
CA SER A 16 -59.14 31.98 24.19
C SER A 16 -58.82 31.18 25.45
N GLY A 17 -59.55 31.45 26.52
CA GLY A 17 -59.37 30.73 27.77
C GLY A 17 -59.52 29.23 27.58
N PRO A 18 -59.29 28.45 28.65
CA PRO A 18 -58.98 28.88 30.02
C PRO A 18 -57.57 29.47 30.14
N MET A 19 -57.08 29.63 31.36
CA MET A 19 -55.69 29.98 31.59
C MET A 19 -54.83 28.77 31.27
N GLY A 20 -53.59 29.01 30.86
CA GLY A 20 -52.68 27.93 30.59
C GLY A 20 -51.87 27.57 31.83
N ALA A 21 -51.13 26.46 31.74
CA ALA A 21 -50.31 26.01 32.85
C ALA A 21 -49.32 27.09 33.32
N GLU A 22 -48.65 27.76 32.39
CA GLU A 22 -47.65 28.75 32.78
C GLU A 22 -48.29 29.90 33.55
N GLU A 23 -49.30 30.56 32.98
CA GLU A 23 -49.91 31.70 33.67
C GLU A 23 -50.47 31.26 35.00
N LEU A 24 -50.89 29.99 35.10
CA LEU A 24 -51.44 29.49 36.35
C LEU A 24 -50.37 29.31 37.42
N ALA A 25 -49.24 28.73 37.06
CA ALA A 25 -48.15 28.52 38.00
C ALA A 25 -47.59 29.86 38.49
N PHE A 26 -47.60 30.86 37.61
CA PHE A 26 -47.11 32.18 37.93
C PHE A 26 -47.93 32.75 39.05
N ARG A 27 -49.26 32.76 38.85
CA ARG A 27 -50.19 33.30 39.82
C ARG A 27 -50.12 32.54 41.12
N PHE A 28 -50.04 31.21 40.98
CA PHE A 28 -50.02 30.32 42.11
C PHE A 28 -48.77 30.56 42.97
N ALA A 29 -47.65 30.84 42.32
CA ALA A 29 -46.40 31.09 43.04
C ALA A 29 -46.49 32.37 43.83
N VAL A 30 -46.99 33.42 43.18
CA VAL A 30 -47.19 34.70 43.85
C VAL A 30 -48.14 34.60 45.07
N ASN A 31 -49.26 33.88 44.94
CA ASN A 31 -50.21 33.76 46.06
C ASN A 31 -49.59 33.01 47.23
N THR A 32 -48.80 31.98 46.90
CA THR A 32 -48.14 31.16 47.89
C THR A 32 -47.10 31.94 48.66
N ILE A 33 -46.22 32.64 47.92
CA ILE A 33 -45.11 33.36 48.52
C ILE A 33 -45.63 34.43 49.46
N ASN A 34 -46.71 35.09 49.06
CA ASN A 34 -47.30 36.12 49.90
C ASN A 34 -47.63 35.57 51.29
N ARG A 35 -48.20 34.37 51.33
CA ARG A 35 -48.62 33.73 52.58
C ARG A 35 -47.45 33.16 53.39
N ASN A 36 -46.34 32.83 52.74
CA ASN A 36 -45.12 32.44 53.44
C ASN A 36 -44.67 33.61 54.30
N ARG A 37 -44.30 33.34 55.55
CA ARG A 37 -43.87 34.40 56.45
C ARG A 37 -42.36 34.38 56.64
N THR A 38 -41.71 33.40 56.03
CA THR A 38 -40.25 33.34 56.03
C THR A 38 -39.68 34.04 54.81
N LEU A 39 -40.40 33.93 53.69
CA LEU A 39 -39.95 34.51 52.44
C LEU A 39 -40.71 35.81 52.15
N LEU A 40 -39.96 36.87 51.92
CA LEU A 40 -40.55 38.19 51.80
C LEU A 40 -41.58 38.38 52.90
N PRO A 41 -41.09 38.54 54.15
CA PRO A 41 -41.91 38.75 55.34
C PRO A 41 -42.63 40.08 55.27
N ASN A 42 -41.85 41.14 55.08
CA ASN A 42 -42.36 42.51 55.09
C ASN A 42 -42.70 43.00 53.70
N THR A 43 -42.60 42.12 52.71
CA THR A 43 -42.82 42.49 51.31
C THR A 43 -44.00 41.70 50.71
N THR A 44 -44.84 42.39 49.94
CA THR A 44 -46.04 41.79 49.36
C THR A 44 -46.04 41.92 47.82
N LEU A 45 -46.01 40.79 47.11
CA LEU A 45 -45.94 40.78 45.65
C LEU A 45 -47.29 41.03 44.96
N THR A 46 -47.24 41.81 43.89
CA THR A 46 -48.39 42.12 43.05
C THR A 46 -47.99 41.85 41.59
N TYR A 47 -48.93 41.84 40.66
CA TYR A 47 -48.57 41.61 39.26
C TYR A 47 -49.54 42.16 38.24
N ASP A 48 -49.02 42.42 37.04
CA ASP A 48 -49.84 42.64 35.86
C ASP A 48 -49.67 41.43 34.93
N THR A 49 -50.77 40.89 34.41
CA THR A 49 -50.67 39.83 33.40
C THR A 49 -51.26 40.27 32.08
N GLN A 50 -50.54 39.94 31.02
CA GLN A 50 -50.95 40.25 29.66
C GLN A 50 -50.94 38.95 28.89
N LYS A 51 -51.92 38.78 28.01
CA LYS A 51 -51.99 37.57 27.19
C LYS A 51 -51.73 37.97 25.75
N ILE A 52 -50.98 37.14 25.01
CA ILE A 52 -50.69 37.44 23.62
C ILE A 52 -50.83 36.20 22.74
N ASN A 53 -50.91 36.45 21.43
CA ASN A 53 -50.96 35.39 20.44
C ASN A 53 -49.60 34.73 20.37
N LEU A 54 -49.58 33.47 19.93
CA LEU A 54 -48.32 32.78 19.75
C LEU A 54 -47.65 33.34 18.51
N TYR A 55 -46.38 33.73 18.64
CA TYR A 55 -45.57 34.09 17.49
C TYR A 55 -45.83 35.51 17.00
N ASP A 56 -46.52 36.32 17.81
CA ASP A 56 -46.69 37.72 17.47
C ASP A 56 -45.69 38.53 18.29
N SER A 57 -44.46 38.66 17.80
CA SER A 57 -43.44 39.38 18.56
C SER A 57 -43.81 40.85 18.67
N PHE A 58 -44.44 41.42 17.64
CA PHE A 58 -44.98 42.77 17.71
C PHE A 58 -45.89 42.99 18.91
N GLU A 59 -46.86 42.10 19.12
CA GLU A 59 -47.75 42.24 20.26
C GLU A 59 -46.99 42.05 21.57
N ALA A 60 -46.06 41.10 21.61
CA ALA A 60 -45.27 40.89 22.80
C ALA A 60 -44.46 42.13 23.16
N SER A 61 -43.98 42.85 22.15
CA SER A 61 -43.24 44.09 22.37
C SER A 61 -44.15 45.11 23.03
N LYS A 62 -45.30 45.38 22.40
CA LYS A 62 -46.27 46.33 22.94
C LYS A 62 -46.61 46.02 24.40
N LYS A 63 -47.01 44.77 24.69
CA LYS A 63 -47.40 44.44 26.05
C LYS A 63 -46.24 44.59 27.04
N ALA A 64 -45.01 44.27 26.60
CA ALA A 64 -43.86 44.45 27.48
C ALA A 64 -43.63 45.94 27.77
N CYS A 65 -43.74 46.77 26.75
CA CYS A 65 -43.64 48.22 26.93
C CYS A 65 -44.73 48.78 27.86
N ASP A 66 -45.98 48.31 27.72
CA ASP A 66 -47.03 48.70 28.64
C ASP A 66 -46.65 48.38 30.07
N GLN A 67 -46.12 47.19 30.29
CA GLN A 67 -45.78 46.74 31.63
C GLN A 67 -44.64 47.53 32.23
N LEU A 68 -43.66 47.88 31.40
CA LEU A 68 -42.53 48.66 31.86
C LEU A 68 -43.02 50.08 32.21
N SER A 69 -44.14 50.46 31.63
CA SER A 69 -44.76 51.75 31.88
C SER A 69 -45.51 51.76 33.21
N LEU A 70 -46.33 50.75 33.45
CA LEU A 70 -46.91 50.52 34.77
C LEU A 70 -45.86 50.45 35.86
N GLY A 71 -44.69 49.92 35.51
CA GLY A 71 -43.60 49.76 36.45
C GLY A 71 -43.53 48.34 36.98
N VAL A 72 -42.44 47.63 36.67
CA VAL A 72 -42.27 46.26 37.14
C VAL A 72 -40.82 45.97 37.39
N ALA A 73 -40.56 45.06 38.33
CA ALA A 73 -39.20 44.75 38.76
C ALA A 73 -38.59 43.66 37.90
N ALA A 74 -39.45 42.95 37.16
CA ALA A 74 -39.02 41.90 36.24
C ALA A 74 -40.20 41.50 35.39
N ILE A 75 -39.90 41.07 34.18
CA ILE A 75 -40.91 40.52 33.30
C ILE A 75 -40.66 39.04 33.11
N PHE A 76 -41.59 38.21 33.57
CA PHE A 76 -41.50 36.79 33.30
C PHE A 76 -41.98 36.56 31.89
N GLY A 77 -41.17 37.07 30.96
CA GLY A 77 -41.54 37.23 29.56
C GLY A 77 -42.08 35.95 29.03
N PRO A 78 -42.53 35.95 27.77
CA PRO A 78 -43.20 34.81 27.11
C PRO A 78 -42.24 33.66 26.78
N SER A 79 -42.79 32.55 26.31
CA SER A 79 -42.06 31.28 26.21
C SER A 79 -41.31 31.06 24.88
N HIS A 80 -41.97 31.40 23.78
CA HIS A 80 -41.49 30.95 22.47
C HIS A 80 -40.47 31.88 21.82
N SER A 81 -39.50 31.27 21.15
CA SER A 81 -38.31 31.96 20.66
C SER A 81 -38.50 33.42 20.22
N SER A 82 -39.34 33.68 19.22
CA SER A 82 -39.36 35.01 18.61
C SER A 82 -39.93 36.09 19.56
N SER A 83 -40.99 35.78 20.30
CA SER A 83 -41.51 36.76 21.23
C SER A 83 -40.54 36.96 22.39
N ALA A 84 -39.90 35.88 22.80
CA ALA A 84 -39.01 35.90 23.95
C ALA A 84 -37.75 36.69 23.66
N ASN A 85 -37.24 36.60 22.43
CA ASN A 85 -36.06 37.37 22.00
C ASN A 85 -36.36 38.86 21.90
N ALA A 86 -37.61 39.19 21.64
CA ALA A 86 -38.01 40.58 21.43
C ALA A 86 -38.20 41.25 22.79
N VAL A 87 -38.82 40.53 23.71
CA VAL A 87 -39.01 41.05 25.06
C VAL A 87 -37.66 41.11 25.80
N GLN A 88 -36.72 40.28 25.39
CA GLN A 88 -35.41 40.22 26.04
C GLN A 88 -34.55 41.41 25.63
N SER A 89 -34.74 41.85 24.39
CA SER A 89 -33.98 42.98 23.85
C SER A 89 -34.49 44.27 24.47
N ILE A 90 -35.80 44.34 24.64
CA ILE A 90 -36.45 45.47 25.29
C ILE A 90 -35.99 45.54 26.75
N CYS A 91 -36.19 44.45 27.47
CA CYS A 91 -35.73 44.35 28.84
C CYS A 91 -34.26 44.72 29.00
N ASN A 92 -33.45 44.47 27.98
CA ASN A 92 -32.03 44.76 28.08
C ASN A 92 -31.76 46.25 27.92
N ALA A 93 -32.49 46.88 27.01
CA ALA A 93 -32.38 48.31 26.78
C ALA A 93 -32.86 49.14 27.99
N LEU A 94 -33.88 48.65 28.70
CA LEU A 94 -34.40 49.35 29.88
C LEU A 94 -33.90 48.72 31.19
N GLY A 95 -32.97 47.79 31.08
CA GLY A 95 -32.34 47.21 32.27
C GLY A 95 -33.30 46.66 33.30
N VAL A 96 -34.39 46.05 32.84
CA VAL A 96 -35.24 45.23 33.72
C VAL A 96 -35.01 43.75 33.45
N PRO A 97 -34.80 42.95 34.51
CA PRO A 97 -34.55 41.51 34.30
C PRO A 97 -35.68 40.82 33.56
N HIS A 98 -35.30 40.02 32.57
CA HIS A 98 -36.25 39.19 31.84
C HIS A 98 -36.04 37.76 32.31
N ILE A 99 -37.06 37.16 32.92
CA ILE A 99 -36.97 35.77 33.40
C ILE A 99 -37.60 34.74 32.47
N GLN A 100 -36.78 33.86 31.89
CA GLN A 100 -37.24 32.86 30.94
C GLN A 100 -37.40 31.49 31.59
N THR A 101 -38.25 30.65 31.02
CA THR A 101 -38.50 29.33 31.57
C THR A 101 -38.31 28.22 30.53
N ARG A 102 -37.96 28.62 29.32
CA ARG A 102 -37.93 27.69 28.20
C ARG A 102 -36.67 27.96 27.40
N TRP A 103 -36.11 26.91 26.83
CA TRP A 103 -34.90 27.03 26.05
C TRP A 103 -35.18 27.76 24.74
N LYS A 104 -34.24 28.60 24.32
CA LYS A 104 -34.24 29.14 22.96
C LYS A 104 -32.79 29.21 22.52
N HIS A 105 -32.55 29.23 21.20
CA HIS A 105 -31.16 29.15 20.71
C HIS A 105 -30.36 30.40 21.07
N GLN A 106 -29.27 30.18 21.80
CA GLN A 106 -28.38 31.26 22.19
C GLN A 106 -27.43 31.60 21.05
N VAL A 107 -27.52 32.84 20.56
CA VAL A 107 -26.55 33.34 19.59
C VAL A 107 -25.35 33.88 20.35
N SER A 108 -24.15 33.50 19.92
CA SER A 108 -22.93 33.82 20.65
C SER A 108 -22.69 35.32 20.72
N ASP A 109 -22.75 35.96 19.56
CA ASP A 109 -22.45 37.39 19.44
C ASP A 109 -23.58 38.29 19.93
N ASN A 110 -24.53 37.74 20.68
CA ASN A 110 -25.61 38.54 21.24
C ASN A 110 -25.24 38.97 22.65
N LYS A 111 -25.30 40.29 22.87
CA LYS A 111 -24.74 40.92 24.06
C LYS A 111 -25.74 41.17 25.20
N ASP A 112 -27.00 40.78 25.02
CA ASP A 112 -28.00 40.98 26.08
C ASP A 112 -27.49 40.33 27.36
N SER A 113 -27.71 41.01 28.48
CA SER A 113 -27.21 40.53 29.77
C SER A 113 -28.28 40.57 30.85
N PHE A 114 -29.40 41.20 30.57
CA PHE A 114 -30.52 41.25 31.51
C PHE A 114 -31.49 40.08 31.38
N TYR A 115 -30.98 38.86 31.46
CA TYR A 115 -31.87 37.71 31.51
C TYR A 115 -31.21 36.50 32.15
N VAL A 116 -32.02 35.68 32.79
CA VAL A 116 -31.63 34.34 33.22
C VAL A 116 -32.66 33.38 32.66
N SER A 117 -32.30 32.10 32.59
CA SER A 117 -33.21 31.09 32.07
C SER A 117 -33.25 29.92 33.02
N LEU A 118 -34.44 29.55 33.49
CA LEU A 118 -34.56 28.45 34.44
C LEU A 118 -34.58 27.07 33.81
N TYR A 119 -34.55 27.02 32.49
CA TYR A 119 -34.61 25.75 31.79
C TYR A 119 -33.24 25.07 31.77
N PRO A 120 -33.19 23.77 32.08
CA PRO A 120 -31.92 23.02 32.09
C PRO A 120 -31.26 23.09 30.73
N ASP A 121 -30.07 23.68 30.63
CA ASP A 121 -29.47 23.93 29.34
C ASP A 121 -29.30 22.66 28.51
N PHE A 122 -29.45 22.80 27.21
CA PHE A 122 -29.32 21.71 26.27
C PHE A 122 -27.97 21.01 26.34
N SER A 123 -26.88 21.77 26.44
CA SER A 123 -25.54 21.18 26.47
C SER A 123 -25.44 20.09 27.53
N SER A 124 -25.97 20.35 28.73
CA SER A 124 -25.91 19.40 29.82
C SER A 124 -26.84 18.22 29.63
N LEU A 125 -28.00 18.46 29.01
CA LEU A 125 -29.00 17.40 28.79
C LEU A 125 -28.50 16.44 27.72
N SER A 126 -28.00 17.02 26.64
CA SER A 126 -27.29 16.30 25.60
C SER A 126 -26.29 15.33 26.21
N ARG A 127 -25.45 15.79 27.15
CA ARG A 127 -24.43 14.92 27.71
C ARG A 127 -25.06 13.80 28.52
N ALA A 128 -26.11 14.10 29.26
CA ALA A 128 -26.73 13.10 30.12
C ALA A 128 -27.46 12.03 29.30
N ILE A 129 -27.91 12.38 28.10
CA ILE A 129 -28.49 11.38 27.20
C ILE A 129 -27.37 10.44 26.81
N LEU A 130 -26.28 11.01 26.32
CA LEU A 130 -25.13 10.22 25.89
C LEU A 130 -24.59 9.36 27.05
N ASP A 131 -24.58 9.90 28.26
CA ASP A 131 -24.07 9.14 29.41
C ASP A 131 -24.91 7.89 29.63
N LEU A 132 -26.21 8.03 29.44
CA LEU A 132 -27.15 6.96 29.67
C LEU A 132 -27.00 5.86 28.62
N VAL A 133 -27.01 6.27 27.35
CA VAL A 133 -26.72 5.36 26.25
C VAL A 133 -25.47 4.52 26.52
N GLN A 134 -24.40 5.15 26.99
CA GLN A 134 -23.15 4.44 27.21
C GLN A 134 -23.24 3.48 28.38
N PHE A 135 -24.12 3.78 29.33
CA PHE A 135 -24.28 2.91 30.49
C PHE A 135 -25.07 1.65 30.10
N PHE A 136 -25.97 1.79 29.15
CA PHE A 136 -26.69 0.63 28.61
C PHE A 136 -25.81 -0.09 27.59
N LYS A 137 -24.60 0.43 27.37
CA LYS A 137 -23.64 -0.22 26.47
C LYS A 137 -24.14 -0.36 25.04
N TRP A 138 -25.05 0.51 24.62
CA TRP A 138 -25.53 0.49 23.24
C TRP A 138 -24.43 0.86 22.25
N LYS A 139 -24.34 0.10 21.17
CA LYS A 139 -23.41 0.41 20.09
C LYS A 139 -24.18 0.84 18.85
N THR A 140 -25.48 0.65 18.88
CA THR A 140 -26.37 0.98 17.77
C THR A 140 -27.55 1.71 18.35
N VAL A 141 -27.95 2.81 17.71
CA VAL A 141 -29.10 3.57 18.20
C VAL A 141 -29.72 4.43 17.11
N THR A 142 -31.04 4.47 17.07
CA THR A 142 -31.75 5.31 16.12
C THR A 142 -32.32 6.52 16.86
N VAL A 143 -31.82 7.72 16.52
CA VAL A 143 -32.36 8.98 17.04
C VAL A 143 -33.50 9.45 16.16
N VAL A 144 -34.70 9.58 16.74
CA VAL A 144 -35.86 10.13 16.04
C VAL A 144 -36.23 11.51 16.62
N TYR A 145 -36.20 12.55 15.80
CA TYR A 145 -36.54 13.88 16.29
C TYR A 145 -37.79 14.45 15.61
N ASP A 146 -38.45 15.43 16.24
CA ASP A 146 -39.62 16.07 15.62
C ASP A 146 -39.23 17.23 14.68
N ASP A 147 -38.76 18.34 15.23
CA ASP A 147 -38.47 19.49 14.38
C ASP A 147 -37.02 19.91 14.51
N SER A 148 -36.52 20.64 13.51
CA SER A 148 -35.14 21.12 13.47
C SER A 148 -34.46 21.25 14.83
N THR A 149 -35.06 21.99 15.77
CA THR A 149 -34.35 22.31 17.01
C THR A 149 -34.05 21.08 17.85
N GLY A 150 -34.82 20.01 17.64
CA GLY A 150 -34.46 18.71 18.18
C GLY A 150 -33.01 18.35 17.88
N LEU A 151 -32.60 18.46 16.62
CA LEU A 151 -31.19 18.27 16.24
C LEU A 151 -30.21 18.94 17.19
N ILE A 152 -30.47 20.19 17.53
CA ILE A 152 -29.56 20.97 18.36
C ILE A 152 -29.48 20.43 19.80
N ARG A 153 -30.59 19.92 20.32
CA ARG A 153 -30.61 19.38 21.68
C ARG A 153 -29.79 18.10 21.77
N LEU A 154 -29.61 17.42 20.64
CA LEU A 154 -28.85 16.19 20.62
C LEU A 154 -27.50 16.31 19.91
N GLN A 155 -26.94 17.52 19.75
CA GLN A 155 -25.69 17.61 19.01
C GLN A 155 -24.56 16.83 19.68
N GLU A 156 -24.42 16.94 20.99
CA GLU A 156 -23.43 16.13 21.70
C GLU A 156 -23.53 14.65 21.34
N LEU A 157 -24.76 14.17 21.14
CA LEU A 157 -24.98 12.77 20.85
C LEU A 157 -24.64 12.46 19.39
N ILE A 158 -24.99 13.37 18.51
CA ILE A 158 -24.80 13.20 17.08
C ILE A 158 -23.32 13.21 16.69
N LYS A 159 -22.49 13.84 17.54
CA LYS A 159 -21.05 13.97 17.27
C LYS A 159 -20.24 12.85 17.94
N ALA A 160 -20.92 11.98 18.67
CA ALA A 160 -20.25 10.88 19.38
C ALA A 160 -19.65 9.82 18.45
N PRO A 161 -20.33 9.48 17.33
CA PRO A 161 -19.85 8.39 16.46
C PRO A 161 -18.42 8.53 15.91
N SER A 162 -17.72 9.61 16.23
CA SER A 162 -16.33 9.77 15.77
C SER A 162 -15.33 9.59 16.90
N ARG A 163 -15.80 9.76 18.13
CA ARG A 163 -15.00 9.50 19.33
C ARG A 163 -15.25 8.07 19.85
N TYR A 164 -16.46 7.80 20.34
CA TYR A 164 -16.80 6.45 20.81
C TYR A 164 -17.20 5.55 19.64
N ASN A 165 -17.71 4.37 19.96
CA ASN A 165 -18.12 3.43 18.92
C ASN A 165 -19.63 3.27 18.85
N LEU A 166 -20.30 4.32 18.40
CA LEU A 166 -21.74 4.26 18.14
C LEU A 166 -22.01 4.52 16.68
N ARG A 167 -22.55 3.52 15.99
CA ARG A 167 -23.16 3.78 14.69
C ARG A 167 -24.53 4.29 15.06
N LEU A 168 -25.07 5.22 14.28
CA LEU A 168 -26.35 5.76 14.63
C LEU A 168 -27.09 6.27 13.40
N LYS A 169 -28.41 6.03 13.39
CA LYS A 169 -29.25 6.41 12.27
C LYS A 169 -30.16 7.54 12.74
N ILE A 170 -30.37 8.53 11.88
CA ILE A 170 -31.17 9.68 12.25
C ILE A 170 -32.41 9.74 11.37
N ARG A 171 -33.58 9.72 12.00
CA ARG A 171 -34.84 9.78 11.28
C ARG A 171 -35.68 10.92 11.84
N GLN A 172 -36.62 11.42 11.05
CA GLN A 172 -37.48 12.50 11.51
C GLN A 172 -38.93 12.06 11.54
N LEU A 173 -39.66 12.44 12.59
CA LEU A 173 -41.10 12.20 12.67
C LEU A 173 -41.82 13.07 11.67
N PRO A 174 -43.04 12.69 11.27
CA PRO A 174 -43.80 13.61 10.43
C PRO A 174 -44.56 14.61 11.32
N ALA A 175 -45.23 15.58 10.70
CA ALA A 175 -46.04 16.54 11.44
C ALA A 175 -46.98 15.84 12.45
N ASP A 176 -47.74 14.85 11.98
CA ASP A 176 -48.71 14.14 12.82
C ASP A 176 -48.27 12.71 13.13
N THR A 177 -48.35 12.30 14.40
CA THR A 177 -47.90 10.96 14.80
C THR A 177 -48.73 9.83 14.17
N LYS A 178 -49.95 10.15 13.74
CA LYS A 178 -50.78 9.17 13.04
C LYS A 178 -50.14 8.81 11.71
N ASP A 179 -49.24 9.66 11.23
CA ASP A 179 -48.58 9.44 9.97
C ASP A 179 -47.30 8.63 10.19
N ALA A 180 -47.11 8.13 11.42
CA ALA A 180 -45.80 7.57 11.80
C ALA A 180 -45.64 6.05 11.62
N LYS A 181 -46.64 5.36 11.09
CA LYS A 181 -46.50 3.91 10.91
C LYS A 181 -45.42 3.60 9.86
N PRO A 182 -45.47 4.27 8.71
CA PRO A 182 -44.48 3.97 7.66
C PRO A 182 -43.06 4.11 8.18
N LEU A 183 -42.83 5.12 9.01
CA LEU A 183 -41.52 5.33 9.61
C LEU A 183 -41.18 4.22 10.59
N LEU A 184 -42.17 3.79 11.36
CA LEU A 184 -41.94 2.74 12.36
C LEU A 184 -41.72 1.39 11.69
N LYS A 185 -42.34 1.22 10.52
CA LYS A 185 -42.21 -0.03 9.79
C LYS A 185 -40.77 -0.15 9.28
N GLU A 186 -40.20 0.96 8.84
CA GLU A 186 -38.80 0.95 8.39
C GLU A 186 -37.86 0.60 9.53
N MET A 187 -38.13 1.16 10.72
CA MET A 187 -37.30 0.84 11.88
C MET A 187 -37.44 -0.63 12.23
N LYS A 188 -38.63 -1.19 12.07
CA LYS A 188 -38.89 -2.59 12.42
C LYS A 188 -38.12 -3.52 11.49
N ARG A 189 -38.27 -3.32 10.18
CA ARG A 189 -37.50 -4.05 9.18
C ARG A 189 -36.02 -3.87 9.43
N GLY A 190 -35.65 -2.67 9.87
CA GLY A 190 -34.27 -2.33 10.09
C GLY A 190 -33.72 -2.94 11.37
N LYS A 191 -34.57 -3.52 12.19
CA LYS A 191 -34.12 -4.15 13.44
C LYS A 191 -33.55 -3.09 14.36
N GLU A 192 -34.11 -1.88 14.27
CA GLU A 192 -33.69 -0.78 15.12
C GLU A 192 -34.40 -0.88 16.46
N PHE A 193 -33.85 -1.70 17.33
CA PHE A 193 -34.44 -1.96 18.63
C PHE A 193 -34.12 -0.90 19.68
N HIS A 194 -33.07 -0.12 19.46
CA HIS A 194 -32.62 0.85 20.43
C HIS A 194 -32.87 2.24 19.90
N VAL A 195 -33.76 2.98 20.55
CA VAL A 195 -34.30 4.19 19.96
C VAL A 195 -34.44 5.34 20.94
N ILE A 196 -33.93 6.50 20.56
CA ILE A 196 -34.12 7.73 21.32
C ILE A 196 -35.19 8.59 20.64
N PHE A 197 -36.28 8.89 21.35
CA PHE A 197 -37.29 9.84 20.81
C PHE A 197 -37.06 11.25 21.36
N ASP A 198 -36.62 12.17 20.48
CA ASP A 198 -36.54 13.60 20.81
C ASP A 198 -37.78 14.34 20.31
N CYS A 199 -38.65 14.71 21.24
CA CYS A 199 -39.95 15.24 20.89
C CYS A 199 -40.72 15.60 22.17
N SER A 200 -41.80 16.36 22.01
CA SER A 200 -42.58 16.74 23.19
C SER A 200 -43.23 15.49 23.81
N HIS A 201 -43.61 15.58 25.09
CA HIS A 201 -44.28 14.45 25.72
C HIS A 201 -45.63 14.14 25.11
N GLU A 202 -46.27 15.10 24.45
CA GLU A 202 -47.53 14.82 23.75
C GLU A 202 -47.28 14.01 22.50
N MET A 203 -46.20 14.33 21.78
CA MET A 203 -45.75 13.51 20.65
C MET A 203 -45.39 12.10 21.10
N ALA A 204 -44.75 11.99 22.26
CA ALA A 204 -44.29 10.72 22.79
C ALA A 204 -45.48 9.82 23.16
N ALA A 205 -46.52 10.40 23.75
CA ALA A 205 -47.75 9.67 24.03
C ALA A 205 -48.36 9.14 22.74
N GLY A 206 -48.34 9.97 21.72
CA GLY A 206 -48.86 9.60 20.41
C GLY A 206 -48.05 8.51 19.70
N ILE A 207 -46.72 8.56 19.81
CA ILE A 207 -45.88 7.67 19.04
C ILE A 207 -45.85 6.29 19.71
N LEU A 208 -45.99 6.26 21.03
CA LEU A 208 -46.14 5.00 21.74
C LEU A 208 -47.37 4.20 21.28
N LYS A 209 -48.51 4.86 21.08
CA LYS A 209 -49.71 4.15 20.64
C LYS A 209 -49.45 3.51 19.30
N GLN A 210 -48.76 4.24 18.42
CA GLN A 210 -48.44 3.72 17.09
C GLN A 210 -47.44 2.57 17.20
N ALA A 211 -46.58 2.63 18.20
CA ALA A 211 -45.57 1.61 18.35
C ALA A 211 -46.20 0.30 18.85
N LEU A 212 -47.25 0.42 19.65
CA LEU A 212 -47.99 -0.72 20.17
C LEU A 212 -48.70 -1.43 19.02
N ALA A 213 -49.43 -0.64 18.25
CA ALA A 213 -50.11 -1.12 17.05
C ALA A 213 -49.17 -1.92 16.14
N MET A 214 -47.90 -1.56 16.19
CA MET A 214 -46.91 -2.07 15.25
C MET A 214 -46.13 -3.26 15.80
N GLY A 215 -46.49 -3.72 16.99
CA GLY A 215 -45.83 -4.86 17.58
C GLY A 215 -44.45 -4.52 18.03
N MET A 216 -44.28 -3.30 18.53
CA MET A 216 -42.97 -2.79 18.89
C MET A 216 -42.91 -2.34 20.35
N MET A 217 -43.91 -2.72 21.14
CA MET A 217 -43.80 -2.59 22.58
C MET A 217 -43.64 -3.99 23.18
N THR A 218 -42.41 -4.49 23.12
CA THR A 218 -42.08 -5.78 23.69
C THR A 218 -40.70 -5.74 24.32
N GLU A 219 -40.30 -6.85 24.94
CA GLU A 219 -38.99 -6.95 25.59
C GLU A 219 -37.82 -6.68 24.64
N TYR A 220 -38.07 -6.71 23.33
CA TYR A 220 -36.99 -6.52 22.35
C TYR A 220 -36.59 -5.06 22.18
N TYR A 221 -37.47 -4.14 22.59
CA TYR A 221 -37.29 -2.74 22.28
C TYR A 221 -36.96 -1.94 23.53
N HIS A 222 -35.99 -1.03 23.41
CA HIS A 222 -35.67 -0.12 24.48
C HIS A 222 -35.71 1.33 23.96
N TYR A 223 -36.55 2.15 24.57
CA TYR A 223 -36.80 3.53 24.14
C TYR A 223 -36.28 4.49 25.18
N ILE A 224 -35.40 5.39 24.78
CA ILE A 224 -35.00 6.49 25.64
C ILE A 224 -35.72 7.76 25.21
N PHE A 225 -36.31 8.45 26.18
CA PHE A 225 -37.10 9.65 25.90
C PHE A 225 -36.41 10.90 26.36
N THR A 226 -36.38 11.84 25.43
CA THR A 226 -35.67 13.08 25.60
C THR A 226 -36.46 13.99 26.52
N THR A 227 -37.79 13.89 26.49
CA THR A 227 -38.66 14.77 27.26
C THR A 227 -38.57 14.61 28.77
N LEU A 228 -38.61 15.72 29.47
CA LEU A 228 -38.54 15.75 30.92
C LEU A 228 -39.90 15.51 31.55
N ASP A 229 -40.93 15.53 30.71
CA ASP A 229 -42.30 15.29 31.15
C ASP A 229 -42.73 13.86 30.89
N LEU A 230 -41.73 12.98 30.77
CA LEU A 230 -41.99 11.55 30.64
C LEU A 230 -42.95 11.05 31.70
N PHE A 231 -42.75 11.50 32.93
CA PHE A 231 -43.54 11.05 34.08
C PHE A 231 -45.03 11.43 33.95
N ALA A 232 -45.37 12.25 32.95
CA ALA A 232 -46.75 12.69 32.75
C ALA A 232 -47.53 11.75 31.84
N LEU A 233 -46.82 10.78 31.25
CA LEU A 233 -47.45 9.88 30.30
C LEU A 233 -48.27 8.82 31.02
N ASP A 234 -49.51 8.62 30.56
CA ASP A 234 -50.28 7.44 30.91
C ASP A 234 -49.47 6.24 30.50
N VAL A 235 -49.03 5.47 31.48
CA VAL A 235 -48.19 4.30 31.19
C VAL A 235 -48.94 2.96 31.43
N GLU A 236 -50.24 3.05 31.71
CA GLU A 236 -51.06 1.88 32.00
C GLU A 236 -51.16 0.90 30.82
N PRO A 237 -51.25 1.42 29.59
CA PRO A 237 -51.24 0.53 28.44
C PRO A 237 -49.94 -0.24 28.17
N TYR A 238 -48.84 0.07 28.86
CA TYR A 238 -47.56 -0.47 28.38
C TYR A 238 -46.75 -1.21 29.46
N ARG A 239 -47.09 -1.02 30.74
CA ARG A 239 -46.21 -1.56 31.79
C ARG A 239 -46.21 -3.07 31.92
N TYR A 240 -47.22 -3.73 31.35
CA TYR A 240 -47.29 -5.19 31.46
C TYR A 240 -46.56 -5.88 30.31
N SER A 241 -46.10 -5.09 29.34
CA SER A 241 -45.65 -5.64 28.05
C SER A 241 -44.19 -6.04 28.03
N GLY A 242 -43.38 -5.50 28.93
CA GLY A 242 -41.97 -5.80 28.93
C GLY A 242 -41.08 -4.82 28.18
N VAL A 243 -41.63 -3.84 27.47
CA VAL A 243 -40.75 -2.83 26.85
C VAL A 243 -39.97 -2.15 27.92
N ASN A 244 -38.84 -1.61 27.48
CA ASN A 244 -38.01 -0.77 28.31
C ASN A 244 -38.20 0.68 27.86
N MET A 245 -38.60 1.53 28.80
CA MET A 245 -38.67 2.97 28.55
C MET A 245 -37.85 3.65 29.61
N THR A 246 -36.85 4.41 29.17
CA THR A 246 -36.04 5.16 30.11
C THR A 246 -35.97 6.61 29.70
N GLY A 247 -36.01 7.50 30.69
CA GLY A 247 -35.87 8.91 30.45
C GLY A 247 -35.42 9.64 31.70
N PHE A 248 -35.60 10.96 31.72
CA PHE A 248 -35.14 11.74 32.85
C PHE A 248 -36.28 12.54 33.43
N ARG A 249 -36.11 12.98 34.67
CA ARG A 249 -37.09 13.81 35.35
C ARG A 249 -36.39 14.84 36.24
N ILE A 250 -36.70 16.11 36.04
CA ILE A 250 -36.09 17.16 36.85
C ILE A 250 -37.03 17.60 37.97
N LEU A 251 -38.31 17.28 37.82
CA LEU A 251 -39.28 17.59 38.85
C LEU A 251 -39.01 16.66 40.04
N ASN A 252 -38.75 17.25 41.20
CA ASN A 252 -38.29 16.50 42.36
C ASN A 252 -39.43 15.92 43.19
N THR A 253 -40.06 14.86 42.67
CA THR A 253 -41.28 14.32 43.26
C THR A 253 -41.05 13.45 44.51
N GLU A 254 -39.80 13.04 44.72
CA GLU A 254 -39.46 12.20 45.88
C GLU A 254 -39.49 13.01 47.19
N ASN A 255 -39.15 14.29 47.11
CA ASN A 255 -39.22 15.18 48.25
C ASN A 255 -40.68 15.37 48.67
N THR A 256 -40.97 15.15 49.95
CA THR A 256 -42.35 15.17 50.41
C THR A 256 -42.97 16.56 50.33
N GLN A 257 -42.18 17.58 50.67
CA GLN A 257 -42.64 18.96 50.57
C GLN A 257 -43.06 19.33 49.14
N VAL A 258 -42.37 18.78 48.15
CA VAL A 258 -42.65 19.08 46.75
C VAL A 258 -43.88 18.31 46.25
N SER A 259 -44.13 17.13 46.83
CA SER A 259 -45.28 16.33 46.43
C SER A 259 -46.55 17.04 46.86
N SER A 260 -46.55 17.58 48.08
CA SER A 260 -47.74 18.24 48.61
C SER A 260 -48.08 19.50 47.83
N ILE A 261 -47.06 20.16 47.28
CA ILE A 261 -47.28 21.38 46.50
C ILE A 261 -47.88 21.02 45.13
N ILE A 262 -47.36 19.96 44.51
CA ILE A 262 -47.89 19.49 43.22
C ILE A 262 -49.34 19.06 43.35
N GLU A 263 -49.74 18.65 44.54
CA GLU A 263 -51.11 18.20 44.79
C GLU A 263 -52.07 19.38 44.83
N LYS A 264 -51.76 20.39 45.64
CA LYS A 264 -52.62 21.57 45.77
C LYS A 264 -52.81 22.22 44.41
N TRP A 265 -51.86 21.97 43.52
CA TRP A 265 -51.92 22.46 42.16
C TRP A 265 -52.98 21.69 41.37
N SER A 266 -52.91 20.36 41.45
CA SER A 266 -53.85 19.49 40.76
C SER A 266 -55.30 19.78 41.14
N MET A 267 -55.52 20.29 42.35
CA MET A 267 -56.88 20.50 42.83
C MET A 267 -57.54 21.71 42.15
N GLU A 268 -56.77 22.79 42.01
CA GLU A 268 -57.28 23.97 41.32
C GLU A 268 -57.18 23.82 39.81
N ARG A 269 -56.33 22.91 39.35
CA ARG A 269 -56.17 22.69 37.91
C ARG A 269 -57.01 21.53 37.38
N LEU A 270 -56.76 20.32 37.89
CA LEU A 270 -57.52 19.12 37.49
C LEU A 270 -59.03 19.39 37.50
N GLN A 271 -59.44 20.39 38.26
CA GLN A 271 -60.82 20.84 38.33
C GLN A 271 -61.36 21.30 36.97
N ALA A 272 -60.45 21.55 36.03
CA ALA A 272 -60.78 22.05 34.71
C ALA A 272 -60.37 21.01 33.66
N PRO A 273 -60.40 21.35 32.35
CA PRO A 273 -60.51 20.33 31.30
C PRO A 273 -59.38 19.29 31.16
N PRO A 274 -59.70 18.01 31.40
CA PRO A 274 -58.83 16.86 31.07
C PRO A 274 -59.29 16.16 29.79
N LYS A 275 -58.43 15.34 29.18
CA LYS A 275 -58.81 14.68 27.93
C LYS A 275 -58.69 13.15 28.06
N PRO A 276 -59.49 12.42 27.26
CA PRO A 276 -59.62 10.97 27.35
C PRO A 276 -58.64 10.24 26.43
N ASP A 277 -58.48 10.77 25.23
CA ASP A 277 -57.73 10.12 24.16
C ASP A 277 -56.31 10.66 24.12
N SER A 278 -55.91 11.38 25.17
CA SER A 278 -54.63 12.06 25.20
C SER A 278 -53.47 11.08 25.37
N GLY A 279 -53.58 10.23 26.38
CA GLY A 279 -52.48 9.37 26.77
C GLY A 279 -51.60 10.05 27.80
N LEU A 280 -52.07 11.19 28.30
CA LEU A 280 -51.43 11.90 29.41
C LEU A 280 -52.28 11.74 30.66
N LEU A 281 -51.63 11.71 31.81
CA LEU A 281 -52.33 11.76 33.08
C LEU A 281 -52.96 13.13 33.22
N ASP A 282 -54.18 13.18 33.72
CA ASP A 282 -54.85 14.46 33.93
C ASP A 282 -54.36 15.11 35.22
N GLY A 283 -54.13 16.43 35.16
CA GLY A 283 -53.76 17.20 36.33
C GLY A 283 -52.37 16.96 36.88
N PHE A 284 -51.45 16.50 36.04
CA PHE A 284 -50.06 16.40 36.43
C PHE A 284 -49.42 17.75 36.14
N MET A 285 -48.55 18.22 37.04
CA MET A 285 -47.87 19.49 36.84
C MET A 285 -46.70 19.30 35.88
N THR A 286 -46.78 19.90 34.69
CA THR A 286 -45.74 19.74 33.69
C THR A 286 -44.52 20.53 34.09
N THR A 287 -43.44 20.34 33.34
CA THR A 287 -42.18 21.01 33.66
C THR A 287 -42.23 22.50 33.27
N ASP A 288 -42.88 22.83 32.15
CA ASP A 288 -43.04 24.23 31.73
C ASP A 288 -43.61 25.11 32.86
N ALA A 289 -44.36 24.50 33.77
CA ALA A 289 -45.12 25.24 34.78
C ALA A 289 -44.44 25.20 36.12
N ALA A 290 -43.79 24.09 36.43
CA ALA A 290 -42.98 23.99 37.63
C ALA A 290 -41.82 24.99 37.55
N LEU A 291 -41.32 25.22 36.35
CA LEU A 291 -40.22 26.14 36.15
C LEU A 291 -40.67 27.58 36.34
N MET A 292 -41.84 27.93 35.85
CA MET A 292 -42.35 29.29 36.05
C MET A 292 -42.54 29.55 37.53
N TYR A 293 -43.08 28.56 38.25
CA TYR A 293 -43.34 28.69 39.67
C TYR A 293 -42.03 28.78 40.44
N ASP A 294 -41.00 28.12 39.94
CA ASP A 294 -39.70 28.17 40.58
C ASP A 294 -39.01 29.51 40.29
N ALA A 295 -39.27 30.04 39.10
CA ALA A 295 -38.67 31.29 38.70
C ALA A 295 -39.17 32.42 39.59
N VAL A 296 -40.44 32.38 39.97
CA VAL A 296 -41.03 33.42 40.78
C VAL A 296 -40.43 33.37 42.18
N HIS A 297 -40.06 32.17 42.63
CA HIS A 297 -39.40 32.02 43.92
C HIS A 297 -37.95 32.51 43.88
N VAL A 298 -37.15 32.00 42.95
CA VAL A 298 -35.72 32.36 42.86
C VAL A 298 -35.54 33.87 42.77
N VAL A 299 -36.29 34.52 41.88
CA VAL A 299 -36.30 35.96 41.82
C VAL A 299 -36.68 36.61 43.15
N SER A 300 -37.63 36.03 43.89
CA SER A 300 -38.03 36.59 45.18
C SER A 300 -36.90 36.51 46.22
N VAL A 301 -36.13 35.43 46.20
CA VAL A 301 -35.01 35.29 47.11
C VAL A 301 -34.06 36.47 46.91
N ALA A 302 -34.02 36.99 45.69
CA ALA A 302 -33.16 38.12 45.35
C ALA A 302 -33.76 39.42 45.84
N VAL A 303 -35.08 39.54 45.72
CA VAL A 303 -35.80 40.72 46.21
C VAL A 303 -35.61 40.92 47.72
N GLN A 304 -35.53 39.82 48.46
CA GLN A 304 -35.34 39.89 49.91
C GLN A 304 -34.04 40.62 50.24
N GLN A 305 -33.04 40.46 49.38
CA GLN A 305 -31.72 41.03 49.61
C GLN A 305 -31.55 42.45 49.06
N PHE A 306 -32.66 43.05 48.61
CA PHE A 306 -32.63 44.37 47.99
C PHE A 306 -33.84 45.20 48.43
N PRO A 307 -33.97 45.45 49.75
CA PRO A 307 -35.13 46.16 50.29
C PRO A 307 -35.27 47.59 49.77
N GLN A 308 -34.18 48.19 49.30
CA GLN A 308 -34.19 49.56 48.81
C GLN A 308 -35.02 49.69 47.55
N MET A 309 -35.00 48.62 46.74
CA MET A 309 -35.56 48.63 45.40
C MET A 309 -37.05 48.96 45.33
N THR A 310 -37.40 49.73 44.30
CA THR A 310 -38.78 50.02 43.98
C THR A 310 -38.93 50.09 42.48
N VAL A 311 -40.15 49.93 42.02
CA VAL A 311 -40.45 49.96 40.60
C VAL A 311 -40.45 51.40 40.08
N SER A 312 -40.09 51.58 38.81
CA SER A 312 -40.17 52.90 38.16
C SER A 312 -40.99 52.77 36.89
N SER A 313 -41.73 53.82 36.55
CA SER A 313 -42.45 53.85 35.28
C SER A 313 -41.49 54.24 34.16
N LEU A 314 -41.16 53.24 33.33
CA LEU A 314 -40.20 53.39 32.26
C LEU A 314 -40.91 53.48 30.91
N GLN A 315 -40.35 54.29 30.01
CA GLN A 315 -40.93 54.47 28.69
C GLN A 315 -40.00 53.94 27.60
N CYS A 316 -40.53 53.10 26.72
CA CYS A 316 -39.72 52.55 25.64
C CYS A 316 -39.25 53.66 24.70
N ASN A 317 -40.01 54.76 24.62
CA ASN A 317 -39.58 55.96 23.91
C ASN A 317 -38.16 56.37 24.20
N ARG A 318 -37.84 56.46 25.49
CA ARG A 318 -36.62 57.08 25.98
C ARG A 318 -35.56 56.06 26.36
N HIS A 319 -34.29 56.43 26.20
CA HIS A 319 -33.19 55.50 26.40
C HIS A 319 -32.73 55.47 27.85
N LYS A 320 -33.64 55.78 28.78
CA LYS A 320 -33.31 55.91 30.19
C LYS A 320 -33.66 54.63 30.96
N PRO A 321 -32.63 53.84 31.34
CA PRO A 321 -32.84 52.57 32.05
C PRO A 321 -33.21 52.73 33.53
N TRP A 322 -33.57 51.61 34.12
CA TRP A 322 -33.97 51.52 35.51
C TRP A 322 -32.75 51.57 36.44
N ARG A 323 -32.80 52.45 37.44
CA ARG A 323 -31.70 52.62 38.39
C ARG A 323 -31.23 51.29 38.98
N PHE A 324 -32.21 50.51 39.45
CA PHE A 324 -31.89 49.33 40.24
C PHE A 324 -31.64 48.08 39.42
N GLY A 325 -31.72 48.20 38.10
CA GLY A 325 -31.68 47.04 37.23
C GLY A 325 -30.41 46.25 37.35
N THR A 326 -29.28 46.94 37.18
CA THR A 326 -27.99 46.27 37.16
C THR A 326 -27.76 45.44 38.43
N ARG A 327 -28.10 46.03 39.58
CA ARG A 327 -27.86 45.40 40.87
C ARG A 327 -28.82 44.23 41.08
N PHE A 328 -30.08 44.40 40.68
CA PHE A 328 -31.07 43.35 40.80
C PHE A 328 -30.70 42.15 39.92
N MET A 329 -30.39 42.41 38.67
CA MET A 329 -29.95 41.36 37.77
C MET A 329 -28.80 40.58 38.38
N SER A 330 -27.88 41.27 39.02
CA SER A 330 -26.73 40.60 39.61
C SER A 330 -27.15 39.71 40.78
N LEU A 331 -28.14 40.14 41.55
CA LEU A 331 -28.59 39.38 42.70
C LEU A 331 -29.30 38.12 42.27
N ILE A 332 -30.04 38.23 41.16
CA ILE A 332 -30.78 37.10 40.62
C ILE A 332 -29.82 36.03 40.12
N LYS A 333 -28.78 36.43 39.40
CA LYS A 333 -27.82 35.46 38.87
C LYS A 333 -27.04 34.76 39.98
N GLU A 334 -26.92 35.42 41.15
CA GLU A 334 -26.18 34.84 42.26
C GLU A 334 -27.07 33.95 43.12
N ALA A 335 -28.37 33.96 42.85
CA ALA A 335 -29.34 33.35 43.74
C ALA A 335 -29.26 31.84 43.73
N HIS A 336 -29.72 31.24 44.82
CA HIS A 336 -29.71 29.79 45.04
C HIS A 336 -31.04 29.47 45.68
N TRP A 337 -31.66 28.37 45.26
CA TRP A 337 -32.99 28.04 45.77
C TRP A 337 -33.32 26.57 45.55
N GLU A 338 -33.96 25.95 46.54
CA GLU A 338 -34.50 24.60 46.40
C GLU A 338 -35.98 24.71 46.04
N GLY A 339 -36.31 24.43 44.79
CA GLY A 339 -37.69 24.53 44.33
C GLY A 339 -38.23 23.20 43.81
N LEU A 340 -39.36 23.27 43.13
CA LEU A 340 -39.98 22.07 42.58
C LEU A 340 -39.01 21.31 41.69
N THR A 341 -38.06 21.99 41.07
CA THR A 341 -37.16 21.33 40.13
C THR A 341 -35.73 21.15 40.64
N GLY A 342 -35.58 21.01 41.96
CA GLY A 342 -34.29 20.72 42.54
C GLY A 342 -33.44 21.95 42.83
N ARG A 343 -32.12 21.75 42.91
CA ARG A 343 -31.17 22.85 43.07
C ARG A 343 -31.32 23.82 41.92
N ILE A 344 -31.57 25.08 42.23
CA ILE A 344 -31.53 26.11 41.21
C ILE A 344 -30.28 26.93 41.42
N THR A 345 -29.51 27.07 40.36
CA THR A 345 -28.28 27.83 40.39
C THR A 345 -27.89 28.19 38.97
N PHE A 346 -27.61 29.46 38.74
CA PHE A 346 -27.25 29.89 37.39
C PHE A 346 -25.73 29.95 37.20
N ASN A 347 -25.35 29.98 35.94
CA ASN A 347 -23.98 30.00 35.52
C ASN A 347 -23.47 31.42 35.55
N LYS A 348 -22.44 31.68 36.35
CA LYS A 348 -21.88 33.02 36.43
C LYS A 348 -21.72 33.63 35.03
N THR A 349 -21.14 32.83 34.12
CA THR A 349 -20.82 33.28 32.77
C THR A 349 -22.02 33.77 31.91
N ASN A 350 -23.03 32.92 31.69
CA ASN A 350 -24.09 33.25 30.71
C ASN A 350 -25.54 33.29 31.26
N GLY A 351 -25.70 33.05 32.56
CA GLY A 351 -27.01 33.13 33.17
C GLY A 351 -27.91 31.97 32.78
N LEU A 352 -27.29 30.93 32.21
CA LEU A 352 -28.01 29.72 31.84
C LEU A 352 -27.90 28.71 32.98
N ARG A 353 -28.93 27.90 33.16
CA ARG A 353 -28.94 26.88 34.20
C ARG A 353 -28.20 25.65 33.68
N THR A 354 -26.89 25.57 33.89
CA THR A 354 -26.14 24.47 33.32
C THR A 354 -25.86 23.38 34.33
N ASP A 355 -26.02 23.69 35.61
CA ASP A 355 -25.80 22.70 36.64
C ASP A 355 -27.09 22.45 37.39
N PHE A 356 -27.57 21.20 37.37
CA PHE A 356 -28.84 20.84 37.98
C PHE A 356 -28.87 19.35 38.30
N ASP A 357 -29.92 18.89 38.96
CA ASP A 357 -30.03 17.48 39.34
C ASP A 357 -31.21 16.80 38.63
N LEU A 358 -30.94 15.67 38.00
CA LEU A 358 -31.99 14.86 37.38
C LEU A 358 -32.16 13.51 38.10
N ASP A 359 -33.40 13.10 38.33
CA ASP A 359 -33.69 11.70 38.63
C ASP A 359 -33.72 10.93 37.32
N VAL A 360 -33.25 9.69 37.31
CA VAL A 360 -33.34 8.87 36.11
C VAL A 360 -34.43 7.81 36.30
N ILE A 361 -35.43 7.81 35.40
CA ILE A 361 -36.60 6.95 35.56
C ILE A 361 -36.77 5.92 34.43
N SER A 362 -37.25 4.72 34.78
CA SER A 362 -37.44 3.61 33.83
C SER A 362 -38.78 2.93 34.08
N LEU A 363 -39.35 2.31 33.06
CA LEU A 363 -40.62 1.61 33.22
C LEU A 363 -40.41 0.21 33.80
N LYS A 364 -40.88 -0.01 35.02
CA LYS A 364 -40.96 -1.34 35.60
C LYS A 364 -42.43 -1.74 35.52
N GLU A 365 -42.75 -2.99 35.84
CA GLU A 365 -44.14 -3.44 35.79
C GLU A 365 -45.04 -2.62 36.73
N GLU A 366 -44.45 -2.06 37.79
CA GLU A 366 -45.21 -1.29 38.78
C GLU A 366 -45.59 0.11 38.27
N GLY A 367 -44.90 0.56 37.22
CA GLY A 367 -45.06 1.92 36.71
C GLY A 367 -43.70 2.54 36.47
N LEU A 368 -43.64 3.85 36.30
CA LEU A 368 -42.36 4.53 36.15
C LEU A 368 -41.75 4.77 37.51
N GLU A 369 -40.50 4.34 37.68
CA GLU A 369 -39.83 4.44 38.97
C GLU A 369 -38.38 4.93 38.81
N LYS A 370 -37.84 5.47 39.90
CA LYS A 370 -36.47 6.00 39.89
C LYS A 370 -35.45 4.86 39.94
N ILE A 371 -34.39 4.96 39.13
CA ILE A 371 -33.34 3.96 39.14
C ILE A 371 -31.95 4.55 39.26
N GLY A 372 -31.86 5.86 39.46
CA GLY A 372 -30.58 6.53 39.64
C GLY A 372 -30.67 8.05 39.67
N THR A 373 -29.55 8.71 39.43
CA THR A 373 -29.50 10.16 39.31
C THR A 373 -28.47 10.58 38.29
N TRP A 374 -28.51 11.84 37.88
CA TRP A 374 -27.46 12.41 37.04
C TRP A 374 -27.20 13.85 37.42
N ASP A 375 -25.94 14.26 37.38
CA ASP A 375 -25.57 15.67 37.50
C ASP A 375 -24.26 15.86 36.75
N PRO A 376 -24.02 17.07 36.22
CA PRO A 376 -22.89 17.19 35.28
C PRO A 376 -21.55 16.81 35.89
N ALA A 377 -21.38 16.85 37.20
CA ALA A 377 -20.06 16.59 37.81
C ALA A 377 -19.81 15.14 38.17
N SER A 378 -20.85 14.31 38.18
CA SER A 378 -20.72 12.93 38.65
C SER A 378 -21.06 11.93 37.56
N GLY A 379 -21.73 12.39 36.51
CA GLY A 379 -22.30 11.49 35.52
C GLY A 379 -23.43 10.74 36.19
N LEU A 380 -23.60 9.47 35.86
CA LEU A 380 -24.67 8.70 36.48
C LEU A 380 -24.27 8.17 37.86
N ASN A 381 -25.28 8.07 38.72
CA ASN A 381 -25.15 7.44 40.03
C ASN A 381 -26.24 6.40 40.09
N MET A 382 -26.13 5.35 39.27
CA MET A 382 -27.18 4.35 39.24
C MET A 382 -27.10 3.52 40.51
N THR A 383 -28.27 3.19 41.04
CA THR A 383 -28.36 2.44 42.27
C THR A 383 -28.79 1.00 41.98
N GLU A 384 -27.82 0.18 41.59
CA GLU A 384 -28.09 -1.20 41.19
C GLU A 384 -28.52 -2.04 42.39
N SER A 398 -22.91 -23.90 46.93
CA SER A 398 -21.96 -24.76 47.64
C SER A 398 -22.64 -26.06 48.10
N ASN A 399 -23.85 -25.95 48.64
CA ASN A 399 -24.72 -27.11 48.82
C ASN A 399 -25.82 -27.09 47.73
N ARG A 400 -25.72 -26.14 46.81
CA ARG A 400 -26.59 -26.03 45.63
C ARG A 400 -26.58 -27.30 44.79
N SER A 401 -27.75 -27.78 44.36
CA SER A 401 -27.76 -28.95 43.45
C SER A 401 -27.35 -28.53 42.06
N LEU A 402 -26.62 -29.41 41.39
CA LEU A 402 -26.27 -29.16 40.02
C LEU A 402 -27.41 -29.55 39.09
N ILE A 403 -27.65 -28.72 38.09
CA ILE A 403 -28.62 -29.04 37.06
C ILE A 403 -27.89 -29.81 35.98
N VAL A 404 -28.37 -31.02 35.69
CA VAL A 404 -27.72 -31.88 34.69
C VAL A 404 -28.62 -31.98 33.47
N THR A 405 -28.16 -31.51 32.31
CA THR A 405 -28.95 -31.65 31.08
C THR A 405 -28.54 -32.98 30.46
N THR A 406 -29.52 -33.66 29.87
CA THR A 406 -29.24 -34.89 29.20
C THR A 406 -30.31 -35.14 28.16
N ILE A 407 -30.23 -36.28 27.51
CA ILE A 407 -31.11 -36.57 26.40
C ILE A 407 -31.32 -38.10 26.36
N LEU A 408 -32.50 -38.55 25.94
CA LEU A 408 -32.74 -39.98 25.84
C LEU A 408 -31.91 -40.55 24.70
N GLU A 409 -31.18 -41.61 25.00
CA GLU A 409 -30.33 -42.25 24.00
C GLU A 409 -29.94 -43.63 24.54
N GLU A 410 -30.43 -44.69 23.92
CA GLU A 410 -30.10 -46.08 24.40
C GLU A 410 -28.66 -46.46 24.13
N PRO A 411 -27.95 -47.09 25.10
CA PRO A 411 -28.28 -47.41 26.51
C PRO A 411 -27.70 -46.42 27.49
N TYR A 412 -27.49 -45.17 27.08
CA TYR A 412 -26.89 -44.17 27.94
C TYR A 412 -27.87 -43.61 28.93
N VAL A 413 -29.06 -43.29 28.46
CA VAL A 413 -30.12 -42.66 29.28
C VAL A 413 -31.47 -43.18 28.73
N LEU A 414 -32.21 -43.83 29.59
CA LEU A 414 -33.54 -44.35 29.27
C LEU A 414 -34.45 -44.19 30.46
N PHE A 415 -35.75 -44.27 30.23
CA PHE A 415 -36.68 -44.37 31.36
C PHE A 415 -36.66 -45.81 31.87
N LYS A 416 -36.49 -45.96 33.17
CA LYS A 416 -36.48 -47.27 33.81
C LYS A 416 -37.88 -47.89 33.86
N LYS A 417 -37.97 -49.17 33.50
CA LYS A 417 -39.16 -49.99 33.79
C LYS A 417 -38.96 -50.61 35.17
N SER A 418 -39.93 -50.45 36.07
CA SER A 418 -39.77 -50.99 37.42
C SER A 418 -41.14 -51.32 37.99
N ASP A 419 -41.13 -52.22 38.97
CA ASP A 419 -42.36 -52.56 39.67
C ASP A 419 -42.60 -51.45 40.69
N LYS A 420 -41.57 -51.17 41.49
CA LYS A 420 -41.63 -50.13 42.53
C LYS A 420 -41.98 -48.75 41.96
N PRO A 421 -42.58 -47.91 42.81
CA PRO A 421 -42.69 -46.52 42.40
C PRO A 421 -41.33 -45.85 42.29
N LEU A 422 -41.22 -45.00 41.28
CA LEU A 422 -40.01 -44.25 41.01
C LEU A 422 -40.35 -42.77 40.94
N TYR A 423 -39.51 -41.95 41.54
CA TYR A 423 -39.72 -40.52 41.61
C TYR A 423 -38.50 -39.81 41.07
N GLY A 424 -38.71 -38.73 40.36
CA GLY A 424 -37.62 -37.78 40.11
C GLY A 424 -36.48 -38.38 39.33
N ASN A 425 -35.26 -38.14 39.80
CA ASN A 425 -34.09 -38.69 39.09
C ASN A 425 -34.07 -40.22 39.00
N ASP A 426 -34.74 -40.90 39.93
CA ASP A 426 -34.68 -42.36 39.93
C ASP A 426 -35.53 -42.95 38.82
N ARG A 427 -36.22 -42.10 38.05
CA ARG A 427 -36.97 -42.58 36.91
C ARG A 427 -36.09 -42.97 35.72
N PHE A 428 -34.82 -42.59 35.78
CA PHE A 428 -33.89 -42.79 34.68
C PHE A 428 -32.85 -43.85 35.00
N GLU A 429 -32.38 -44.54 33.98
CA GLU A 429 -31.24 -45.46 34.11
C GLU A 429 -30.40 -45.45 32.86
N GLY A 430 -29.25 -46.11 32.94
CA GLY A 430 -28.36 -46.23 31.79
C GLY A 430 -26.92 -45.97 32.15
N TYR A 431 -26.02 -46.13 31.17
CA TYR A 431 -24.60 -45.91 31.41
C TYR A 431 -24.31 -44.53 31.92
N CYS A 432 -24.91 -43.49 31.33
CA CYS A 432 -24.61 -42.13 31.74
C CYS A 432 -25.20 -41.83 33.09
N ILE A 433 -26.34 -42.46 33.42
CA ILE A 433 -26.93 -42.30 34.74
C ILE A 433 -26.04 -42.96 35.81
N ASP A 434 -25.54 -44.16 35.52
CA ASP A 434 -24.55 -44.78 36.39
C ASP A 434 -23.30 -43.92 36.58
N LEU A 435 -22.80 -43.31 35.50
CA LEU A 435 -21.66 -42.42 35.62
C LEU A 435 -21.97 -41.22 36.47
N LEU A 436 -23.13 -40.62 36.27
CA LEU A 436 -23.54 -39.46 37.04
C LEU A 436 -23.62 -39.80 38.52
N ARG A 437 -24.16 -40.97 38.85
CA ARG A 437 -24.28 -41.40 40.24
C ARG A 437 -22.92 -41.55 40.87
N GLU A 438 -21.99 -42.16 40.15
CA GLU A 438 -20.62 -42.27 40.66
C GLU A 438 -19.96 -40.90 40.85
N LEU A 439 -20.06 -40.02 39.84
CA LEU A 439 -19.49 -38.68 39.98
C LEU A 439 -20.08 -37.94 41.17
N SER A 440 -21.38 -38.10 41.43
CA SER A 440 -22.00 -37.32 42.49
C SER A 440 -21.49 -37.81 43.84
N THR A 441 -21.22 -39.10 43.95
CA THR A 441 -20.67 -39.66 45.17
C THR A 441 -19.21 -39.27 45.37
N ILE A 442 -18.41 -39.36 44.32
CA ILE A 442 -16.98 -39.09 44.41
C ILE A 442 -16.75 -37.63 44.71
N LEU A 443 -17.49 -36.77 44.03
CA LEU A 443 -17.27 -35.32 44.16
C LEU A 443 -18.19 -34.64 45.16
N GLY A 444 -19.23 -35.33 45.60
CA GLY A 444 -20.07 -34.85 46.69
C GLY A 444 -21.01 -33.74 46.29
N PHE A 445 -21.79 -33.97 45.25
CA PHE A 445 -22.81 -33.01 44.86
C PHE A 445 -24.14 -33.71 44.73
N THR A 446 -25.20 -32.93 44.88
CA THR A 446 -26.54 -33.39 44.55
C THR A 446 -26.91 -32.79 43.21
N TYR A 447 -27.94 -33.34 42.59
CA TYR A 447 -28.22 -32.94 41.22
C TYR A 447 -29.68 -33.15 40.83
N GLU A 448 -30.08 -32.48 39.76
CA GLU A 448 -31.41 -32.63 39.16
C GLU A 448 -31.26 -32.91 37.68
N ILE A 449 -31.76 -34.05 37.21
CA ILE A 449 -31.71 -34.39 35.80
C ILE A 449 -32.85 -33.71 35.04
N ARG A 450 -32.51 -33.06 33.96
CA ARG A 450 -33.48 -32.45 33.04
C ARG A 450 -33.24 -32.82 31.60
N LEU A 451 -34.26 -33.29 30.92
CA LEU A 451 -34.20 -33.62 29.52
C LEU A 451 -34.19 -32.35 28.67
N VAL A 452 -33.23 -32.26 27.78
CA VAL A 452 -33.06 -31.05 26.97
C VAL A 452 -34.26 -30.67 26.11
N GLU A 453 -34.55 -29.36 26.12
CA GLU A 453 -35.82 -28.87 25.58
C GLU A 453 -36.00 -29.06 24.10
N ASP A 454 -34.91 -29.01 23.32
CA ASP A 454 -35.08 -29.18 21.89
C ASP A 454 -34.68 -30.55 21.37
N GLY A 455 -34.39 -31.50 22.26
CA GLY A 455 -34.01 -32.82 21.81
C GLY A 455 -32.78 -32.90 20.95
N LYS A 456 -31.83 -32.00 21.20
CA LYS A 456 -30.59 -31.91 20.41
C LYS A 456 -29.35 -31.95 21.30
N TYR A 457 -28.27 -32.47 20.70
CA TYR A 457 -27.01 -32.49 21.38
C TYR A 457 -26.33 -31.13 21.37
N GLY A 458 -26.22 -30.52 20.20
CA GLY A 458 -25.69 -29.18 20.14
C GLY A 458 -24.93 -28.90 18.87
N ALA A 459 -25.49 -27.97 18.07
CA ALA A 459 -24.85 -27.49 16.87
C ALA A 459 -25.03 -25.99 16.69
N GLN A 460 -24.18 -25.40 15.86
CA GLN A 460 -24.20 -23.95 15.60
C GLN A 460 -24.89 -23.65 14.27
N ASP A 461 -25.83 -22.73 14.33
CA ASP A 461 -26.56 -22.29 13.14
C ASP A 461 -25.62 -21.58 12.18
N ASP A 462 -25.61 -21.97 10.92
CA ASP A 462 -24.62 -21.49 9.98
C ASP A 462 -24.88 -20.04 9.54
N VAL A 463 -26.05 -19.51 9.87
CA VAL A 463 -26.41 -18.14 9.49
C VAL A 463 -26.36 -17.16 10.68
N ASN A 464 -27.03 -17.45 11.80
CA ASN A 464 -26.98 -16.53 12.94
C ASN A 464 -25.98 -16.89 14.05
N GLY A 465 -25.23 -17.98 13.88
CA GLY A 465 -24.19 -18.35 14.82
C GLY A 465 -24.66 -18.80 16.21
N GLN A 466 -25.96 -18.94 16.42
CA GLN A 466 -26.50 -19.38 17.70
C GLN A 466 -26.41 -20.90 17.85
N TRP A 467 -26.13 -21.35 19.08
CA TRP A 467 -26.11 -22.77 19.41
C TRP A 467 -27.49 -23.28 19.85
N ASN A 468 -27.68 -24.58 19.74
CA ASN A 468 -28.83 -25.26 20.27
C ASN A 468 -28.44 -26.45 21.18
N GLY A 469 -29.44 -27.22 21.61
CA GLY A 469 -29.17 -28.43 22.36
C GLY A 469 -28.56 -28.24 23.74
N MET A 470 -27.92 -29.32 24.18
CA MET A 470 -27.26 -29.29 25.48
C MET A 470 -26.11 -28.26 25.51
N VAL A 471 -25.40 -28.10 24.39
CA VAL A 471 -24.34 -27.13 24.32
C VAL A 471 -24.85 -25.73 24.62
N ARG A 472 -25.99 -25.36 24.04
CA ARG A 472 -26.60 -24.07 24.35
C ARG A 472 -27.00 -23.94 25.83
N GLU A 473 -27.51 -25.00 26.45
CA GLU A 473 -27.87 -24.96 27.88
C GLU A 473 -26.64 -24.64 28.71
N LEU A 474 -25.49 -25.20 28.32
CA LEU A 474 -24.27 -24.93 29.06
C LEU A 474 -23.79 -23.49 28.84
N ILE A 475 -23.78 -23.05 27.60
CA ILE A 475 -23.28 -21.72 27.25
C ILE A 475 -24.06 -20.68 28.07
N ASP A 476 -25.36 -20.89 28.19
CA ASP A 476 -26.24 -19.93 28.86
C ASP A 476 -26.33 -20.13 30.35
N HIS A 477 -25.55 -21.06 30.88
CA HIS A 477 -25.53 -21.41 32.29
C HIS A 477 -26.89 -21.86 32.82
N LYS A 478 -27.68 -22.50 31.96
CA LYS A 478 -28.89 -23.12 32.40
C LYS A 478 -28.64 -24.51 32.96
N ALA A 479 -27.55 -25.15 32.55
CA ALA A 479 -27.15 -26.39 33.16
C ALA A 479 -25.74 -26.28 33.69
N ASP A 480 -25.44 -27.07 34.68
CA ASP A 480 -24.08 -27.17 35.21
C ASP A 480 -23.24 -28.21 34.49
N LEU A 481 -23.90 -29.30 34.13
CA LEU A 481 -23.27 -30.46 33.48
C LEU A 481 -24.18 -30.99 32.39
N ALA A 482 -23.58 -31.49 31.32
CA ALA A 482 -24.27 -32.28 30.31
C ALA A 482 -23.69 -33.67 30.42
N VAL A 483 -24.45 -34.62 30.93
CA VAL A 483 -23.97 -35.98 31.09
C VAL A 483 -24.75 -36.81 30.10
N ALA A 484 -24.09 -37.17 29.03
CA ALA A 484 -24.69 -37.71 27.82
C ALA A 484 -23.50 -38.12 26.94
N PRO A 485 -23.76 -38.92 25.89
CA PRO A 485 -22.66 -39.25 24.97
C PRO A 485 -22.42 -38.05 24.03
N LEU A 486 -21.88 -36.98 24.60
CA LEU A 486 -21.64 -35.73 23.90
C LEU A 486 -20.26 -35.78 23.28
N THR A 487 -20.19 -35.83 21.95
CA THR A 487 -18.91 -35.99 21.28
C THR A 487 -18.06 -34.75 21.47
N ILE A 488 -16.79 -34.98 21.83
CA ILE A 488 -15.82 -33.90 22.00
C ILE A 488 -15.32 -33.50 20.61
N THR A 489 -15.69 -32.30 20.16
CA THR A 489 -15.30 -31.85 18.83
C THR A 489 -14.68 -30.46 18.93
N TYR A 490 -13.92 -30.12 17.91
CA TYR A 490 -13.26 -28.83 17.78
C TYR A 490 -14.23 -27.67 17.96
N VAL A 491 -15.33 -27.67 17.22
CA VAL A 491 -16.23 -26.54 17.26
C VAL A 491 -16.89 -26.40 18.63
N ARG A 492 -17.23 -27.51 19.28
CA ARG A 492 -17.82 -27.45 20.61
C ARG A 492 -16.83 -27.06 21.71
N GLU A 493 -15.59 -27.57 21.62
CA GLU A 493 -14.63 -27.35 22.67
C GLU A 493 -14.23 -25.86 22.72
N LYS A 494 -14.45 -25.14 21.63
CA LYS A 494 -14.20 -23.71 21.62
C LYS A 494 -15.20 -22.93 22.43
N VAL A 495 -16.38 -23.49 22.72
CA VAL A 495 -17.46 -22.73 23.37
C VAL A 495 -17.91 -23.29 24.70
N ILE A 496 -17.60 -24.55 25.00
CA ILE A 496 -17.82 -25.13 26.32
C ILE A 496 -16.53 -25.82 26.75
N ASP A 497 -16.49 -26.28 28.01
CA ASP A 497 -15.35 -27.01 28.58
C ASP A 497 -15.73 -28.50 28.80
N PHE A 498 -15.09 -29.40 28.09
CA PHE A 498 -15.35 -30.82 28.23
C PHE A 498 -14.44 -31.44 29.25
N SER A 499 -14.95 -32.40 29.98
CA SER A 499 -14.07 -33.35 30.65
C SER A 499 -13.28 -34.15 29.66
N LYS A 500 -12.24 -34.82 30.13
CA LYS A 500 -11.58 -35.82 29.31
C LYS A 500 -12.59 -36.95 29.03
N PRO A 501 -12.38 -37.70 27.95
CA PRO A 501 -13.42 -38.63 27.50
C PRO A 501 -13.66 -39.81 28.44
N PHE A 502 -14.92 -40.12 28.72
CA PHE A 502 -15.21 -41.34 29.45
C PHE A 502 -15.34 -42.55 28.56
N MET A 503 -15.44 -42.34 27.25
CA MET A 503 -15.45 -43.41 26.25
C MET A 503 -14.69 -42.90 25.02
N THR A 504 -13.84 -43.74 24.41
CA THR A 504 -13.17 -43.37 23.15
C THR A 504 -13.57 -44.41 22.11
N LEU A 505 -13.79 -43.97 20.88
CA LEU A 505 -14.50 -44.76 19.88
C LEU A 505 -14.14 -44.21 18.51
N GLY A 506 -14.84 -44.67 17.46
CA GLY A 506 -14.63 -44.13 16.11
C GLY A 506 -15.69 -44.70 15.19
N ILE A 507 -15.65 -44.27 13.96
CA ILE A 507 -16.54 -44.80 12.94
C ILE A 507 -16.04 -46.18 12.57
N SER A 508 -16.96 -47.11 12.34
CA SER A 508 -16.57 -48.39 11.75
C SER A 508 -17.71 -48.93 10.87
N ILE A 509 -17.61 -50.20 10.50
CA ILE A 509 -18.50 -50.84 9.52
C ILE A 509 -19.28 -51.97 10.11
N LEU A 510 -20.59 -51.95 9.95
CA LEU A 510 -21.46 -53.05 10.33
C LEU A 510 -21.83 -53.87 9.11
N TYR A 511 -21.60 -55.17 9.18
CA TYR A 511 -21.85 -56.03 8.02
C TYR A 511 -22.14 -57.44 8.53
N ARG A 512 -22.64 -58.30 7.65
CA ARG A 512 -22.92 -59.66 8.06
C ARG A 512 -21.61 -60.43 8.20
N LYS A 513 -21.66 -61.49 8.99
CA LYS A 513 -20.51 -62.34 9.24
C LYS A 513 -20.27 -63.24 8.05
N GLY A 514 -19.05 -63.72 7.92
CA GLY A 514 -18.76 -64.84 7.04
C GLY A 514 -18.39 -64.50 5.62
N THR A 515 -17.91 -63.27 5.43
CA THR A 515 -17.55 -62.77 4.12
C THR A 515 -16.05 -62.44 4.14
N PRO A 516 -15.48 -62.12 2.97
CA PRO A 516 -14.06 -61.78 2.88
C PRO A 516 -13.77 -60.29 3.02
N ILE A 517 -14.80 -59.47 3.17
CA ILE A 517 -14.60 -58.04 3.36
C ILE A 517 -13.98 -57.82 4.73
N ASP A 518 -12.94 -57.00 4.77
CA ASP A 518 -12.14 -56.87 5.98
C ASP A 518 -11.76 -55.40 6.27
N SER A 519 -12.13 -54.48 5.39
CA SER A 519 -11.73 -53.09 5.54
C SER A 519 -12.61 -52.18 4.73
N ALA A 520 -12.53 -50.87 4.99
CA ALA A 520 -13.23 -49.87 4.18
C ALA A 520 -12.67 -49.86 2.75
N ASP A 521 -11.42 -50.25 2.61
CA ASP A 521 -10.80 -50.28 1.30
C ASP A 521 -11.49 -51.31 0.41
N ASP A 522 -11.75 -52.49 0.97
CA ASP A 522 -12.43 -53.56 0.25
C ASP A 522 -13.80 -53.13 -0.25
N LEU A 523 -14.48 -52.28 0.51
CA LEU A 523 -15.75 -51.73 0.09
C LEU A 523 -15.56 -50.66 -0.95
N ALA A 524 -14.53 -49.84 -0.78
CA ALA A 524 -14.38 -48.66 -1.62
C ALA A 524 -14.02 -49.04 -3.05
N LYS A 525 -13.32 -50.16 -3.21
CA LYS A 525 -12.82 -50.58 -4.52
C LYS A 525 -13.76 -51.58 -5.21
N GLN A 526 -15.05 -51.53 -4.87
CA GLN A 526 -16.04 -52.36 -5.56
C GLN A 526 -17.41 -51.68 -5.55
N THR A 527 -18.38 -52.33 -6.18
CA THR A 527 -19.72 -51.74 -6.36
C THR A 527 -20.86 -52.74 -6.14
N LYS A 528 -20.52 -54.03 -6.10
CA LYS A 528 -21.50 -55.08 -5.90
C LYS A 528 -22.18 -54.97 -4.52
N ILE A 529 -21.37 -54.84 -3.48
CA ILE A 529 -21.85 -54.63 -2.11
C ILE A 529 -22.14 -53.17 -1.88
N GLU A 530 -23.38 -52.82 -1.61
CA GLU A 530 -23.72 -51.43 -1.38
C GLU A 530 -23.33 -51.07 0.07
N TYR A 531 -23.11 -49.79 0.33
CA TYR A 531 -22.81 -49.34 1.70
C TYR A 531 -23.25 -47.92 1.83
N GLY A 532 -23.56 -47.51 3.05
CA GLY A 532 -24.05 -46.19 3.28
C GLY A 532 -24.05 -45.87 4.75
N ALA A 533 -24.89 -44.93 5.11
CA ALA A 533 -24.89 -44.35 6.43
C ALA A 533 -26.24 -43.72 6.69
N VAL A 534 -26.51 -43.37 7.92
CA VAL A 534 -27.71 -42.65 8.25
C VAL A 534 -27.58 -41.20 7.75
N GLU A 535 -28.57 -40.78 6.98
CA GLU A 535 -28.53 -39.48 6.38
C GLU A 535 -28.44 -38.38 7.44
N ASP A 536 -27.51 -37.45 7.22
CA ASP A 536 -27.32 -36.26 8.09
C ASP A 536 -26.76 -36.54 9.49
N GLY A 537 -26.31 -37.76 9.72
CA GLY A 537 -25.72 -38.07 11.02
C GLY A 537 -24.26 -37.68 11.03
N SER A 538 -23.61 -37.88 12.18
CA SER A 538 -22.21 -37.51 12.31
C SER A 538 -21.34 -38.35 11.40
N THR A 539 -21.69 -39.61 11.22
CA THR A 539 -20.89 -40.47 10.38
C THR A 539 -20.95 -40.02 8.93
N MET A 540 -22.15 -39.74 8.44
CA MET A 540 -22.23 -39.30 7.04
C MET A 540 -21.42 -38.01 6.87
N THR A 541 -21.55 -37.11 7.82
CA THR A 541 -20.83 -35.83 7.82
C THR A 541 -19.32 -36.01 7.73
N PHE A 542 -18.76 -36.98 8.47
CA PHE A 542 -17.35 -37.30 8.35
C PHE A 542 -16.96 -37.61 6.91
N PHE A 543 -17.73 -38.47 6.25
CA PHE A 543 -17.39 -38.87 4.89
C PHE A 543 -17.54 -37.74 3.92
N LYS A 544 -18.53 -36.89 4.16
CA LYS A 544 -18.79 -35.78 3.25
C LYS A 544 -17.57 -34.85 3.21
N LYS A 545 -16.69 -34.95 4.21
CA LYS A 545 -15.60 -34.00 4.40
C LYS A 545 -14.20 -34.61 4.31
N SER A 546 -14.08 -35.93 4.43
CA SER A 546 -12.77 -36.53 4.44
C SER A 546 -12.08 -36.19 3.12
N LYS A 547 -10.83 -35.74 3.22
CA LYS A 547 -10.00 -35.60 2.05
C LYS A 547 -9.12 -36.84 1.97
N ILE A 548 -9.32 -37.77 2.89
CA ILE A 548 -8.58 -39.03 2.83
C ILE A 548 -9.10 -39.76 1.60
N SER A 549 -8.22 -40.52 0.93
CA SER A 549 -8.53 -41.04 -0.39
C SER A 549 -9.73 -41.95 -0.37
N THR A 550 -9.56 -43.09 0.30
CA THR A 550 -10.61 -44.11 0.40
C THR A 550 -11.96 -43.48 0.77
N TYR A 551 -11.97 -42.65 1.81
CA TYR A 551 -13.23 -42.12 2.33
C TYR A 551 -13.83 -41.10 1.38
N ASP A 552 -12.98 -40.40 0.63
CA ASP A 552 -13.49 -39.51 -0.40
C ASP A 552 -14.16 -40.30 -1.52
N LYS A 553 -13.60 -41.45 -1.89
CA LYS A 553 -14.21 -42.29 -2.90
C LYS A 553 -15.55 -42.86 -2.40
N MET A 554 -15.56 -43.23 -1.14
CA MET A 554 -16.75 -43.81 -0.53
C MET A 554 -17.87 -42.80 -0.57
N TRP A 555 -17.52 -41.54 -0.34
CA TRP A 555 -18.55 -40.51 -0.32
C TRP A 555 -19.05 -40.20 -1.72
N ALA A 556 -18.17 -40.28 -2.71
CA ALA A 556 -18.58 -40.15 -4.11
C ALA A 556 -19.71 -41.13 -4.40
N PHE A 557 -19.47 -42.40 -4.02
CA PHE A 557 -20.46 -43.46 -4.20
C PHE A 557 -21.74 -43.20 -3.43
N MET A 558 -21.62 -42.93 -2.14
CA MET A 558 -22.81 -42.71 -1.31
C MET A 558 -23.64 -41.55 -1.80
N SER A 559 -22.96 -40.46 -2.16
CA SER A 559 -23.65 -39.27 -2.59
C SER A 559 -24.41 -39.50 -3.90
N SER A 560 -23.78 -40.19 -4.84
CA SER A 560 -24.43 -40.44 -6.12
C SER A 560 -25.63 -41.38 -5.94
N ARG A 561 -25.45 -42.45 -5.20
CA ARG A 561 -26.52 -43.43 -4.99
C ARG A 561 -27.26 -43.17 -3.69
N ARG A 562 -27.36 -41.91 -3.29
CA ARG A 562 -27.95 -41.59 -1.98
C ARG A 562 -29.37 -42.05 -1.79
N GLN A 563 -30.20 -42.04 -2.82
CA GLN A 563 -31.56 -42.48 -2.59
C GLN A 563 -31.58 -44.00 -2.27
N SER A 564 -30.57 -44.70 -2.75
CA SER A 564 -30.47 -46.13 -2.56
C SER A 564 -29.72 -46.53 -1.28
N VAL A 565 -28.73 -45.77 -0.86
CA VAL A 565 -27.85 -46.26 0.22
C VAL A 565 -27.80 -45.42 1.51
N LEU A 566 -28.30 -44.18 1.50
CA LEU A 566 -28.41 -43.41 2.74
C LEU A 566 -29.78 -43.71 3.28
N VAL A 567 -29.85 -44.03 4.57
CA VAL A 567 -31.08 -44.47 5.21
C VAL A 567 -31.47 -43.37 6.20
N LYS A 568 -32.73 -43.30 6.59
CA LYS A 568 -33.21 -42.22 7.45
C LYS A 568 -33.03 -42.52 8.92
N SER A 569 -32.76 -43.78 9.25
CA SER A 569 -32.59 -44.14 10.67
C SER A 569 -31.66 -45.33 10.83
N SER A 570 -31.04 -45.40 12.00
CA SER A 570 -30.18 -46.50 12.34
C SER A 570 -30.92 -47.80 12.18
N GLU A 571 -32.17 -47.81 12.64
CA GLU A 571 -32.98 -49.02 12.62
C GLU A 571 -33.19 -49.51 11.17
N GLU A 572 -33.45 -48.62 10.24
CA GLU A 572 -33.59 -49.00 8.83
C GLU A 572 -32.30 -49.57 8.28
N GLY A 573 -31.21 -48.91 8.63
CA GLY A 573 -29.90 -49.34 8.22
C GLY A 573 -29.58 -50.76 8.67
N ILE A 574 -29.86 -51.07 9.93
CA ILE A 574 -29.60 -52.40 10.45
C ILE A 574 -30.43 -53.45 9.70
N GLN A 575 -31.70 -53.14 9.41
CA GLN A 575 -32.50 -54.07 8.59
C GLN A 575 -31.96 -54.29 7.19
N ARG A 576 -31.41 -53.27 6.56
CA ARG A 576 -30.79 -53.41 5.30
C ARG A 576 -29.58 -54.33 5.34
N VAL A 577 -28.78 -54.23 6.40
CA VAL A 577 -27.62 -55.11 6.54
C VAL A 577 -28.12 -56.55 6.66
N LEU A 578 -29.20 -56.75 7.41
CA LEU A 578 -29.72 -58.10 7.68
C LEU A 578 -30.39 -58.75 6.48
N THR A 579 -30.94 -57.96 5.55
CA THR A 579 -31.85 -58.51 4.53
C THR A 579 -31.32 -58.31 3.13
N SER A 580 -30.14 -57.71 3.00
CA SER A 580 -29.60 -57.42 1.69
C SER A 580 -28.10 -57.30 1.77
N ASP A 581 -27.45 -57.17 0.62
CA ASP A 581 -26.01 -57.23 0.59
C ASP A 581 -25.50 -55.80 0.76
N TYR A 582 -25.48 -55.38 2.02
CA TYR A 582 -25.27 -53.98 2.37
C TYR A 582 -24.47 -53.87 3.64
N ALA A 583 -23.60 -52.87 3.68
CA ALA A 583 -22.83 -52.56 4.87
C ALA A 583 -23.17 -51.16 5.35
N LEU A 584 -23.19 -50.98 6.66
CA LEU A 584 -23.59 -49.71 7.25
C LEU A 584 -22.42 -49.09 8.02
N LEU A 585 -22.08 -47.85 7.68
CA LEU A 585 -21.06 -47.07 8.38
C LEU A 585 -21.72 -46.39 9.57
N MET A 586 -21.18 -46.59 10.77
CA MET A 586 -21.79 -45.99 11.99
C MET A 586 -20.76 -45.93 13.12
N GLU A 587 -21.12 -45.31 14.23
CA GLU A 587 -20.22 -45.17 15.36
C GLU A 587 -20.03 -46.55 15.98
N SER A 588 -18.80 -46.83 16.39
CA SER A 588 -18.41 -48.15 16.89
C SER A 588 -19.13 -48.55 18.19
N THR A 589 -19.54 -47.57 18.98
CA THR A 589 -20.35 -47.82 20.19
C THR A 589 -21.72 -48.40 19.80
N THR A 590 -22.35 -47.80 18.80
CA THR A 590 -23.60 -48.35 18.27
C THR A 590 -23.40 -49.71 17.67
N ILE A 591 -22.33 -49.89 16.90
CA ILE A 591 -22.07 -51.17 16.30
C ILE A 591 -21.94 -52.27 17.36
N GLU A 592 -21.23 -51.98 18.43
CA GLU A 592 -21.09 -52.96 19.50
C GLU A 592 -22.43 -53.31 20.14
N PHE A 593 -23.28 -52.30 20.33
CA PHE A 593 -24.59 -52.54 20.90
C PHE A 593 -25.38 -53.48 20.01
N VAL A 594 -25.29 -53.24 18.73
CA VAL A 594 -26.01 -54.02 17.74
C VAL A 594 -25.49 -55.44 17.61
N THR A 595 -24.18 -55.60 17.61
CA THR A 595 -23.61 -56.92 17.35
C THR A 595 -23.75 -57.79 18.59
N GLN A 596 -23.91 -57.19 19.76
CA GLN A 596 -24.21 -57.97 20.95
C GLN A 596 -25.60 -58.55 20.91
N ARG A 597 -26.46 -58.01 20.04
CA ARG A 597 -27.87 -58.36 19.99
C ARG A 597 -28.26 -59.01 18.68
N ASN A 598 -27.30 -59.09 17.76
CA ASN A 598 -27.51 -59.64 16.43
C ASN A 598 -26.32 -60.52 16.10
N CYS A 599 -26.42 -61.79 16.46
CA CYS A 599 -25.27 -62.67 16.46
C CYS A 599 -24.71 -62.94 15.07
N ASN A 600 -25.40 -62.64 13.98
CA ASN A 600 -24.76 -62.87 12.65
C ASN A 600 -24.15 -61.64 12.04
N LEU A 601 -24.27 -60.54 12.75
CA LEU A 601 -23.59 -59.32 12.29
C LEU A 601 -22.24 -59.13 13.02
N THR A 602 -21.36 -58.35 12.41
CA THR A 602 -20.04 -58.08 12.97
C THR A 602 -19.51 -56.72 12.57
N GLN A 603 -18.56 -56.21 13.36
CA GLN A 603 -17.81 -55.05 12.92
C GLN A 603 -16.78 -55.48 11.90
N ILE A 604 -16.63 -54.71 10.84
CA ILE A 604 -15.61 -54.97 9.82
C ILE A 604 -14.49 -53.98 9.97
N GLY A 605 -13.28 -54.48 10.20
CA GLY A 605 -12.15 -53.58 10.20
C GLY A 605 -12.07 -52.92 11.55
N GLY A 606 -11.21 -51.91 11.62
CA GLY A 606 -11.02 -51.19 12.86
C GLY A 606 -11.75 -49.87 12.78
N LEU A 607 -11.22 -48.91 13.52
CA LEU A 607 -11.82 -47.58 13.54
C LEU A 607 -11.29 -46.72 12.42
N ILE A 608 -12.21 -45.94 11.86
CA ILE A 608 -11.98 -45.09 10.68
C ILE A 608 -11.61 -43.67 11.08
N ASP A 609 -12.07 -43.22 12.24
CA ASP A 609 -11.62 -41.95 12.83
C ASP A 609 -11.50 -42.22 14.33
N SER A 610 -11.17 -41.22 15.10
CA SER A 610 -11.06 -41.40 16.53
C SER A 610 -11.73 -40.21 17.18
N LYS A 611 -12.60 -40.47 18.15
CA LYS A 611 -13.17 -39.43 18.92
C LYS A 611 -13.67 -39.98 20.26
N GLY A 612 -13.99 -39.07 21.17
CA GLY A 612 -14.45 -39.43 22.51
C GLY A 612 -15.75 -38.73 22.88
N TYR A 613 -16.43 -39.32 23.85
CA TYR A 613 -17.56 -38.69 24.53
C TYR A 613 -17.07 -38.11 25.84
N GLY A 614 -17.46 -36.87 26.17
CA GLY A 614 -17.08 -36.23 27.40
C GLY A 614 -18.26 -35.62 28.13
N VAL A 615 -18.11 -35.36 29.41
CA VAL A 615 -19.08 -34.55 30.14
C VAL A 615 -18.88 -33.10 29.79
N GLY A 616 -19.95 -32.43 29.38
CA GLY A 616 -19.86 -31.01 29.08
C GLY A 616 -20.09 -30.13 30.31
N THR A 617 -19.34 -29.03 30.39
CA THR A 617 -19.56 -28.03 31.43
C THR A 617 -19.45 -26.66 30.77
N PRO A 618 -20.00 -25.63 31.40
CA PRO A 618 -19.79 -24.29 30.86
C PRO A 618 -18.30 -23.89 30.89
N MET A 619 -17.89 -23.05 29.95
CA MET A 619 -16.50 -22.59 29.90
C MET A 619 -16.15 -21.97 31.26
N GLY A 620 -15.01 -22.38 31.82
CA GLY A 620 -14.58 -21.86 33.10
C GLY A 620 -15.08 -22.61 34.32
N SER A 621 -15.87 -23.66 34.14
CA SER A 621 -16.42 -24.40 35.27
C SER A 621 -15.36 -25.04 36.11
N PRO A 622 -15.46 -24.90 37.44
CA PRO A 622 -14.56 -25.62 38.35
C PRO A 622 -14.81 -27.12 38.40
N TYR A 623 -15.97 -27.55 37.93
CA TYR A 623 -16.24 -29.00 37.96
C TYR A 623 -15.50 -29.74 36.84
N ARG A 624 -15.10 -29.06 35.78
CA ARG A 624 -14.49 -29.74 34.64
C ARG A 624 -13.30 -30.60 35.03
N ASP A 625 -12.29 -30.00 35.67
CA ASP A 625 -11.11 -30.75 36.09
C ASP A 625 -11.37 -31.77 37.17
N LYS A 626 -12.34 -31.53 38.05
CA LYS A 626 -12.69 -32.50 39.08
C LYS A 626 -13.31 -33.78 38.46
N ILE A 627 -14.16 -33.57 37.48
CA ILE A 627 -14.83 -34.66 36.77
C ILE A 627 -13.80 -35.44 35.95
N THR A 628 -12.91 -34.72 35.30
CA THR A 628 -11.79 -35.38 34.58
C THR A 628 -11.00 -36.31 35.49
N ILE A 629 -10.60 -35.84 36.67
CA ILE A 629 -9.82 -36.68 37.58
C ILE A 629 -10.66 -37.85 38.06
N ALA A 630 -11.94 -37.62 38.33
CA ALA A 630 -12.78 -38.73 38.74
C ALA A 630 -12.96 -39.78 37.65
N ILE A 631 -13.14 -39.34 36.40
CA ILE A 631 -13.26 -40.24 35.26
C ILE A 631 -11.97 -41.05 35.09
N LEU A 632 -10.81 -40.40 35.18
CA LEU A 632 -9.54 -41.13 35.03
C LEU A 632 -9.35 -42.19 36.09
N GLN A 633 -9.75 -41.87 37.31
CA GLN A 633 -9.68 -42.86 38.39
C GLN A 633 -10.64 -44.04 38.22
N LEU A 634 -11.88 -43.74 37.84
CA LEU A 634 -12.85 -44.78 37.46
C LEU A 634 -12.33 -45.65 36.34
N GLN A 635 -11.64 -45.09 35.35
CA GLN A 635 -11.11 -45.89 34.29
C GLN A 635 -10.02 -46.83 34.81
N GLU A 636 -9.09 -46.27 35.56
CA GLU A 636 -7.94 -47.03 36.02
C GLU A 636 -8.37 -48.15 36.96
N GLU A 637 -9.40 -47.89 37.77
CA GLU A 637 -9.92 -48.90 38.66
C GLU A 637 -10.71 -50.00 37.97
N GLY A 638 -10.99 -49.85 36.66
CA GLY A 638 -11.74 -50.83 35.88
C GLY A 638 -13.25 -50.64 35.95
N LYS A 639 -13.68 -49.57 36.60
CA LYS A 639 -15.10 -49.41 36.82
C LYS A 639 -15.87 -48.96 35.58
N LEU A 640 -15.25 -48.16 34.70
CA LEU A 640 -15.98 -47.75 33.49
C LEU A 640 -16.09 -48.90 32.54
N HIS A 641 -15.10 -49.77 32.54
CA HIS A 641 -15.19 -50.95 31.74
C HIS A 641 -16.33 -51.86 32.22
N MET A 642 -16.50 -51.97 33.54
CA MET A 642 -17.60 -52.76 34.08
C MET A 642 -18.96 -52.15 33.69
N MET A 643 -19.04 -50.82 33.75
CA MET A 643 -20.25 -50.09 33.41
C MET A 643 -20.60 -50.30 31.93
N LYS A 644 -19.60 -50.25 31.06
CA LYS A 644 -19.81 -50.50 29.68
C LYS A 644 -20.34 -51.90 29.44
N GLU A 645 -19.73 -52.90 30.07
CA GLU A 645 -20.21 -54.26 29.87
C GLU A 645 -21.62 -54.43 30.39
N LYS A 646 -21.95 -53.78 31.49
CA LYS A 646 -23.28 -53.89 32.08
C LYS A 646 -24.34 -53.48 31.06
N TRP A 647 -24.12 -52.35 30.38
CA TRP A 647 -25.12 -51.79 29.50
C TRP A 647 -25.05 -52.27 28.05
N TRP A 648 -23.90 -52.80 27.61
CA TRP A 648 -23.76 -53.25 26.25
C TRP A 648 -23.95 -54.78 26.05
N ARG A 649 -23.61 -55.60 27.04
CA ARG A 649 -23.61 -57.06 26.79
C ARG A 649 -25.01 -57.58 26.51
N GLY A 650 -25.12 -58.49 25.54
CA GLY A 650 -26.41 -59.00 25.14
C GLY A 650 -26.78 -60.28 25.89
N THR B 2 -42.34 62.96 -12.00
CA THR B 2 -43.46 62.06 -12.26
C THR B 2 -43.85 61.32 -10.97
N HIS B 3 -44.32 60.09 -11.12
CA HIS B 3 -44.75 59.24 -10.00
C HIS B 3 -43.55 58.84 -9.12
N VAL B 4 -43.74 58.76 -7.80
CA VAL B 4 -42.64 58.42 -6.89
C VAL B 4 -43.01 57.45 -5.75
N LEU B 5 -42.10 56.52 -5.46
CA LEU B 5 -42.33 55.44 -4.50
C LEU B 5 -41.12 55.26 -3.59
N ARG B 6 -41.35 55.13 -2.29
CA ARG B 6 -40.24 55.04 -1.34
C ARG B 6 -40.10 53.64 -0.73
N PHE B 7 -38.87 53.09 -0.77
CA PHE B 7 -38.54 51.84 -0.08
C PHE B 7 -37.78 52.12 1.22
N GLY B 8 -37.93 51.24 2.20
CA GLY B 8 -37.15 51.35 3.42
C GLY B 8 -36.02 50.33 3.42
N GLY B 9 -34.94 50.66 4.11
CA GLY B 9 -33.81 49.76 4.20
C GLY B 9 -33.33 49.71 5.64
N ILE B 10 -33.08 48.51 6.17
CA ILE B 10 -32.51 48.38 7.51
C ILE B 10 -31.31 47.46 7.49
N PHE B 11 -30.13 48.03 7.74
CA PHE B 11 -28.88 47.31 7.59
C PHE B 11 -28.10 47.18 8.90
N GLU B 12 -27.63 45.97 9.16
CA GLU B 12 -27.00 45.62 10.44
C GLU B 12 -25.48 45.83 10.32
N TYR B 13 -24.83 46.26 11.40
CA TYR B 13 -23.37 46.43 11.37
C TYR B 13 -22.71 46.43 12.76
N VAL B 14 -21.39 46.25 12.79
CA VAL B 14 -20.59 46.34 14.02
C VAL B 14 -19.65 47.55 13.93
N GLU B 15 -19.43 48.22 15.07
CA GLU B 15 -18.64 49.45 15.10
C GLU B 15 -19.27 50.57 14.26
N SER B 16 -18.57 51.03 13.23
CA SER B 16 -19.09 52.13 12.40
C SER B 16 -18.92 51.83 10.92
N GLY B 17 -18.78 52.88 10.10
CA GLY B 17 -18.57 52.72 8.68
C GLY B 17 -17.36 51.84 8.38
N PRO B 18 -17.11 51.55 7.10
CA PRO B 18 -17.85 52.04 5.91
C PRO B 18 -19.25 51.43 5.80
N MET B 19 -19.87 51.57 4.63
CA MET B 19 -21.11 50.85 4.33
C MET B 19 -20.77 49.38 4.13
N GLY B 20 -21.73 48.52 4.43
CA GLY B 20 -21.56 47.10 4.20
C GLY B 20 -22.03 46.71 2.80
N ALA B 21 -21.72 45.48 2.40
CA ALA B 21 -22.12 44.98 1.08
C ALA B 21 -23.63 45.11 0.86
N GLU B 22 -24.43 44.72 1.85
CA GLU B 22 -25.88 44.73 1.67
C GLU B 22 -26.41 46.15 1.45
N GLU B 23 -26.09 47.08 2.33
CA GLU B 23 -26.59 48.44 2.14
C GLU B 23 -26.08 49.04 0.82
N LEU B 24 -24.91 48.59 0.37
CA LEU B 24 -24.34 49.08 -0.88
C LEU B 24 -25.12 48.57 -2.09
N ALA B 25 -25.40 47.26 -2.10
CA ALA B 25 -26.13 46.65 -3.20
C ALA B 25 -27.54 47.23 -3.29
N PHE B 26 -28.11 47.56 -2.14
CA PHE B 26 -29.45 48.14 -2.09
C PHE B 26 -29.46 49.45 -2.83
N ARG B 27 -28.53 50.33 -2.45
CA ARG B 27 -28.44 51.65 -3.05
C ARG B 27 -28.14 51.54 -4.52
N PHE B 28 -27.21 50.64 -4.83
CA PHE B 28 -26.76 50.44 -6.18
C PHE B 28 -27.91 49.98 -7.08
N ALA B 29 -28.78 49.12 -6.55
CA ALA B 29 -29.92 48.62 -7.32
C ALA B 29 -30.89 49.75 -7.63
N VAL B 30 -31.22 50.53 -6.60
CA VAL B 30 -32.10 51.68 -6.78
C VAL B 30 -31.56 52.69 -7.79
N ASN B 31 -30.26 53.01 -7.75
CA ASN B 31 -29.70 53.98 -8.69
C ASN B 31 -29.75 53.45 -10.12
N THR B 32 -29.48 52.17 -10.28
CA THR B 32 -29.51 51.50 -11.57
C THR B 32 -30.90 51.50 -12.17
N ILE B 33 -31.88 51.08 -11.38
CA ILE B 33 -33.23 50.90 -11.86
C ILE B 33 -33.78 52.23 -12.32
N ASN B 34 -33.46 53.28 -11.57
CA ASN B 34 -33.93 54.61 -11.92
C ASN B 34 -33.53 54.97 -13.35
N ARG B 35 -32.28 54.65 -13.70
CA ARG B 35 -31.73 54.96 -15.03
C ARG B 35 -32.24 54.05 -16.14
N ASN B 36 -32.65 52.83 -15.79
CA ASN B 36 -33.31 51.94 -16.76
C ASN B 36 -34.59 52.61 -17.24
N ARG B 37 -34.84 52.59 -18.54
CA ARG B 37 -36.02 53.23 -19.11
C ARG B 37 -37.07 52.20 -19.50
N THR B 38 -36.73 50.93 -19.33
CA THR B 38 -37.66 49.84 -19.59
C THR B 38 -38.37 49.47 -18.30
N LEU B 39 -37.63 49.54 -17.19
CA LEU B 39 -38.16 49.17 -15.89
C LEU B 39 -38.52 50.42 -15.07
N LEU B 40 -39.77 50.45 -14.62
CA LEU B 40 -40.32 51.64 -13.99
C LEU B 40 -39.91 52.86 -14.81
N PRO B 41 -40.53 53.02 -15.99
CA PRO B 41 -40.30 54.14 -16.91
C PRO B 41 -40.77 55.44 -16.30
N ASN B 42 -42.03 55.46 -15.89
CA ASN B 42 -42.66 56.68 -15.39
C ASN B 42 -42.57 56.78 -13.86
N THR B 43 -41.86 55.84 -13.24
CA THR B 43 -41.76 55.76 -11.79
C THR B 43 -40.31 55.93 -11.31
N THR B 44 -40.13 56.70 -10.25
CA THR B 44 -38.79 57.01 -9.72
C THR B 44 -38.64 56.59 -8.25
N LEU B 45 -37.74 55.65 -7.97
CA LEU B 45 -37.56 55.10 -6.63
C LEU B 45 -36.73 55.99 -5.70
N THR B 46 -37.16 56.07 -4.45
CA THR B 46 -36.47 56.82 -3.41
C THR B 46 -36.34 55.89 -2.20
N TYR B 47 -35.54 56.26 -1.19
CA TYR B 47 -35.42 55.39 -0.02
C TYR B 47 -34.98 56.08 1.26
N ASP B 48 -35.36 55.48 2.39
CA ASP B 48 -34.80 55.82 3.69
C ASP B 48 -33.91 54.66 4.13
N THR B 49 -32.70 54.95 4.60
CA THR B 49 -31.86 53.89 5.18
C THR B 49 -31.57 54.15 6.65
N GLN B 50 -31.67 53.09 7.42
CA GLN B 50 -31.42 53.12 8.85
C GLN B 50 -30.38 52.06 9.16
N LYS B 51 -29.46 52.39 10.06
CA LYS B 51 -28.43 51.43 10.43
C LYS B 51 -28.68 51.00 11.86
N ILE B 52 -28.47 49.72 12.15
CA ILE B 52 -28.67 49.22 13.51
C ILE B 52 -27.55 48.29 13.97
N ASN B 53 -27.46 48.08 15.28
CA ASN B 53 -26.54 47.14 15.86
C ASN B 53 -26.97 45.73 15.51
N LEU B 54 -26.03 44.80 15.47
CA LEU B 54 -26.37 43.41 15.25
C LEU B 54 -27.04 42.86 16.49
N TYR B 55 -28.20 42.24 16.31
CA TYR B 55 -28.85 41.50 17.39
C TYR B 55 -29.63 42.38 18.34
N ASP B 56 -29.85 43.64 17.97
CA ASP B 56 -30.68 44.52 18.77
C ASP B 56 -32.09 44.58 18.14
N SER B 57 -32.93 43.60 18.45
CA SER B 57 -34.25 43.55 17.82
C SER B 57 -35.08 44.76 18.25
N PHE B 58 -34.91 45.21 19.49
CA PHE B 58 -35.52 46.46 19.95
C PHE B 58 -35.23 47.65 19.04
N GLU B 59 -33.97 47.87 18.70
CA GLU B 59 -33.63 48.99 17.81
C GLU B 59 -34.24 48.74 16.41
N ALA B 60 -34.17 47.51 15.93
CA ALA B 60 -34.73 47.18 14.63
C ALA B 60 -36.23 47.50 14.59
N SER B 61 -36.92 47.23 15.69
CA SER B 61 -38.35 47.53 15.78
C SER B 61 -38.56 49.04 15.64
N LYS B 62 -37.90 49.82 16.50
CA LYS B 62 -38.00 51.28 16.44
C LYS B 62 -37.75 51.81 15.02
N LYS B 63 -36.63 51.43 14.41
CA LYS B 63 -36.30 51.96 13.07
C LYS B 63 -37.39 51.53 12.06
N ALA B 64 -37.92 50.33 12.19
CA ALA B 64 -38.95 49.88 11.25
C ALA B 64 -40.22 50.72 11.42
N CYS B 65 -40.61 50.96 12.66
CA CYS B 65 -41.73 51.86 12.96
C CYS B 65 -41.50 53.30 12.42
N ASP B 66 -40.32 53.87 12.61
CA ASP B 66 -40.02 55.18 12.03
C ASP B 66 -40.27 55.15 10.52
N GLN B 67 -39.77 54.13 9.84
CA GLN B 67 -39.88 54.05 8.38
C GLN B 67 -41.33 53.92 7.94
N LEU B 68 -42.12 53.14 8.68
CA LEU B 68 -43.52 52.96 8.33
C LEU B 68 -44.26 54.27 8.55
N SER B 69 -43.70 55.12 9.41
CA SER B 69 -44.24 56.45 9.68
C SER B 69 -43.93 57.43 8.53
N LEU B 70 -42.67 57.51 8.11
CA LEU B 70 -42.31 58.21 6.87
C LEU B 70 -43.17 57.76 5.71
N GLY B 71 -43.53 56.48 5.69
CA GLY B 71 -44.27 55.89 4.59
C GLY B 71 -43.36 55.15 3.63
N VAL B 72 -43.55 53.83 3.52
CA VAL B 72 -42.75 53.02 2.61
C VAL B 72 -43.57 51.89 2.04
N ALA B 73 -43.22 51.46 0.83
CA ALA B 73 -43.98 50.43 0.12
C ALA B 73 -43.48 49.03 0.48
N ALA B 74 -42.28 48.98 1.04
CA ALA B 74 -41.71 47.72 1.51
C ALA B 74 -40.49 48.04 2.36
N ILE B 75 -40.20 47.17 3.32
CA ILE B 75 -38.99 47.26 4.09
C ILE B 75 -38.06 46.12 3.73
N PHE B 76 -36.91 46.43 3.17
CA PHE B 76 -35.91 45.40 2.93
C PHE B 76 -35.20 45.16 4.25
N GLY B 77 -35.96 44.57 5.18
CA GLY B 77 -35.61 44.49 6.58
C GLY B 77 -34.25 43.88 6.72
N PRO B 78 -33.77 43.79 7.98
CA PRO B 78 -32.39 43.37 8.31
C PRO B 78 -32.17 41.88 8.10
N SER B 79 -30.93 41.44 8.25
CA SER B 79 -30.52 40.11 7.82
C SER B 79 -30.65 39.00 8.87
N HIS B 80 -30.31 39.31 10.12
CA HIS B 80 -30.12 38.27 11.11
C HIS B 80 -31.38 37.90 11.87
N SER B 81 -31.49 36.61 12.17
CA SER B 81 -32.72 36.01 12.67
C SER B 81 -33.57 36.89 13.59
N SER B 82 -33.05 37.30 14.74
CA SER B 82 -33.89 37.96 15.76
C SER B 82 -34.41 39.34 15.32
N SER B 83 -33.58 40.15 14.67
CA SER B 83 -34.07 41.44 14.20
C SER B 83 -35.03 41.25 13.03
N ALA B 84 -34.76 40.27 12.20
CA ALA B 84 -35.55 40.02 11.00
C ALA B 84 -36.94 39.49 11.38
N ASN B 85 -37.03 38.69 12.44
CA ASN B 85 -38.31 38.15 12.89
C ASN B 85 -39.18 39.24 13.51
N ALA B 86 -38.53 40.27 14.03
CA ALA B 86 -39.22 41.34 14.74
C ALA B 86 -39.78 42.33 13.75
N VAL B 87 -38.98 42.65 12.74
CA VAL B 87 -39.43 43.53 11.68
C VAL B 87 -40.50 42.84 10.81
N GLN B 88 -40.50 41.52 10.77
CA GLN B 88 -41.44 40.76 9.95
C GLN B 88 -42.79 40.75 10.61
N SER B 89 -42.80 40.74 11.94
CA SER B 89 -44.04 40.70 12.71
C SER B 89 -44.73 42.04 12.66
N ILE B 90 -43.93 43.10 12.67
CA ILE B 90 -44.39 44.46 12.55
C ILE B 90 -44.95 44.66 11.14
N CYS B 91 -44.16 44.36 10.13
CA CYS B 91 -44.62 44.43 8.75
C CYS B 91 -45.90 43.65 8.52
N ASN B 92 -46.13 42.59 9.28
CA ASN B 92 -47.30 41.76 9.08
C ASN B 92 -48.54 42.43 9.68
N ALA B 93 -48.37 43.04 10.84
CA ALA B 93 -49.43 43.79 11.50
C ALA B 93 -49.88 45.01 10.70
N LEU B 94 -48.95 45.68 10.03
CA LEU B 94 -49.26 46.87 9.25
C LEU B 94 -49.37 46.57 7.76
N GLY B 95 -49.33 45.29 7.40
CA GLY B 95 -49.50 44.88 6.02
C GLY B 95 -48.58 45.55 5.00
N VAL B 96 -47.33 45.80 5.38
CA VAL B 96 -46.30 46.20 4.42
C VAL B 96 -45.36 45.03 4.15
N PRO B 97 -45.07 44.76 2.88
CA PRO B 97 -44.19 43.62 2.56
C PRO B 97 -42.80 43.76 3.19
N HIS B 98 -42.34 42.69 3.81
CA HIS B 98 -40.99 42.61 4.33
C HIS B 98 -40.18 41.74 3.40
N ILE B 99 -39.14 42.29 2.78
CA ILE B 99 -38.28 41.55 1.85
C ILE B 99 -36.96 41.08 2.48
N GLN B 100 -36.81 39.77 2.61
CA GLN B 100 -35.63 39.17 3.23
C GLN B 100 -34.62 38.65 2.20
N THR B 101 -33.35 38.56 2.58
CA THR B 101 -32.31 38.10 1.66
C THR B 101 -31.48 36.97 2.25
N ARG B 102 -31.82 36.58 3.46
CA ARG B 102 -31.04 35.60 4.19
C ARG B 102 -31.97 34.59 4.83
N TRP B 103 -31.52 33.36 4.93
CA TRP B 103 -32.30 32.31 5.53
C TRP B 103 -32.45 32.52 7.04
N LYS B 104 -33.63 32.23 7.57
CA LYS B 104 -33.81 32.11 9.03
C LYS B 104 -34.77 30.96 9.25
N HIS B 105 -34.75 30.35 10.44
CA HIS B 105 -35.57 29.17 10.68
C HIS B 105 -37.07 29.46 10.64
N GLN B 106 -37.75 28.79 9.73
CA GLN B 106 -39.20 28.94 9.59
C GLN B 106 -39.92 28.09 10.62
N VAL B 107 -40.68 28.74 11.51
CA VAL B 107 -41.55 28.05 12.44
C VAL B 107 -42.88 27.77 11.73
N SER B 108 -43.35 26.53 11.85
CA SER B 108 -44.52 26.08 11.09
C SER B 108 -45.77 26.86 11.49
N ASP B 109 -46.01 26.91 12.79
CA ASP B 109 -47.21 27.53 13.32
C ASP B 109 -47.16 29.05 13.34
N ASN B 110 -46.24 29.65 12.58
CA ASN B 110 -46.18 31.09 12.47
C ASN B 110 -46.95 31.56 11.26
N LYS B 111 -47.87 32.49 11.48
CA LYS B 111 -48.88 32.85 10.51
C LYS B 111 -48.56 34.11 9.69
N ASP B 112 -47.41 34.73 9.92
CA ASP B 112 -47.02 35.90 9.12
C ASP B 112 -47.11 35.54 7.64
N SER B 113 -47.59 36.48 6.84
CA SER B 113 -47.77 36.24 5.41
C SER B 113 -47.20 37.38 4.57
N PHE B 114 -46.84 38.49 5.20
CA PHE B 114 -46.30 39.64 4.49
C PHE B 114 -44.79 39.61 4.38
N TYR B 115 -44.25 38.53 3.82
CA TYR B 115 -42.83 38.48 3.53
C TYR B 115 -42.53 37.47 2.44
N VAL B 116 -41.48 37.75 1.67
CA VAL B 116 -40.84 36.79 0.79
C VAL B 116 -39.36 36.76 1.12
N SER B 117 -38.68 35.70 0.73
CA SER B 117 -37.25 35.57 1.02
C SER B 117 -36.52 35.17 -0.25
N LEU B 118 -35.53 35.95 -0.65
CA LEU B 118 -34.82 35.67 -1.89
C LEU B 118 -33.70 34.64 -1.75
N TYR B 119 -33.46 34.18 -0.53
CA TYR B 119 -32.42 33.19 -0.30
C TYR B 119 -32.88 31.79 -0.69
N PRO B 120 -32.03 31.05 -1.43
CA PRO B 120 -32.35 29.68 -1.86
C PRO B 120 -32.66 28.81 -0.65
N ASP B 121 -33.87 28.29 -0.55
CA ASP B 121 -34.27 27.58 0.66
C ASP B 121 -33.33 26.41 0.98
N PHE B 122 -33.13 26.20 2.27
CA PHE B 122 -32.30 25.11 2.78
C PHE B 122 -32.75 23.73 2.29
N SER B 123 -34.05 23.44 2.27
CA SER B 123 -34.52 22.13 1.86
C SER B 123 -33.96 21.75 0.50
N SER B 124 -34.00 22.68 -0.45
CA SER B 124 -33.51 22.41 -1.80
C SER B 124 -32.00 22.28 -1.88
N LEU B 125 -31.28 23.07 -1.08
CA LEU B 125 -29.82 23.06 -1.06
C LEU B 125 -29.30 21.77 -0.45
N SER B 126 -29.89 21.40 0.68
CA SER B 126 -29.71 20.10 1.30
C SER B 126 -29.78 18.99 0.26
N ARG B 127 -30.82 18.98 -0.58
CA ARG B 127 -30.98 17.90 -1.52
C ARG B 127 -29.86 17.93 -2.55
N ALA B 128 -29.48 19.12 -2.99
CA ALA B 128 -28.47 19.24 -4.03
C ALA B 128 -27.09 18.83 -3.52
N ILE B 129 -26.84 18.99 -2.22
CA ILE B 129 -25.61 18.48 -1.63
C ILE B 129 -25.63 16.96 -1.73
N LEU B 130 -26.72 16.37 -1.26
CA LEU B 130 -26.87 14.92 -1.29
C LEU B 130 -26.79 14.40 -2.72
N ASP B 131 -27.36 15.12 -3.68
CA ASP B 131 -27.33 14.68 -5.06
C ASP B 131 -25.90 14.58 -5.56
N LEU B 132 -25.08 15.54 -5.15
CA LEU B 132 -23.71 15.62 -5.59
C LEU B 132 -22.87 14.51 -4.97
N VAL B 133 -22.98 14.32 -3.67
CA VAL B 133 -22.36 13.20 -2.99
C VAL B 133 -22.63 11.87 -3.68
N GLN B 134 -23.88 11.64 -4.07
CA GLN B 134 -24.27 10.38 -4.70
C GLN B 134 -23.71 10.23 -6.11
N PHE B 135 -23.45 11.36 -6.76
CA PHE B 135 -22.88 11.34 -8.10
C PHE B 135 -21.38 10.99 -8.05
N PHE B 136 -20.72 11.40 -6.98
CA PHE B 136 -19.33 11.04 -6.76
C PHE B 136 -19.26 9.64 -6.17
N LYS B 137 -20.41 9.03 -5.97
CA LYS B 137 -20.51 7.64 -5.49
C LYS B 137 -19.87 7.43 -4.12
N TRP B 138 -19.79 8.49 -3.32
CA TRP B 138 -19.23 8.38 -1.97
C TRP B 138 -20.09 7.49 -1.08
N LYS B 139 -19.45 6.60 -0.33
CA LYS B 139 -20.14 5.76 0.64
C LYS B 139 -19.73 6.17 2.05
N THR B 140 -18.70 7.00 2.15
CA THR B 140 -18.19 7.48 3.42
C THR B 140 -17.98 8.97 3.30
N VAL B 141 -18.41 9.72 4.31
CA VAL B 141 -18.25 11.17 4.28
C VAL B 141 -18.27 11.78 5.68
N THR B 142 -17.41 12.75 5.91
CA THR B 142 -17.39 13.47 7.17
C THR B 142 -17.96 14.85 6.96
N VAL B 143 -19.11 15.12 7.61
CA VAL B 143 -19.72 16.45 7.60
C VAL B 143 -19.13 17.26 8.74
N VAL B 144 -18.50 18.39 8.41
CA VAL B 144 -17.99 19.34 9.42
C VAL B 144 -18.80 20.64 9.40
N TYR B 145 -19.48 20.98 10.50
CA TYR B 145 -20.28 22.21 10.54
C TYR B 145 -19.75 23.24 11.54
N ASP B 146 -20.10 24.52 11.36
CA ASP B 146 -19.66 25.55 12.32
C ASP B 146 -20.62 25.68 13.52
N ASP B 147 -21.82 26.19 13.32
CA ASP B 147 -22.72 26.41 14.45
C ASP B 147 -24.03 25.67 14.25
N SER B 148 -24.74 25.46 15.36
CA SER B 148 -26.02 24.73 15.35
C SER B 148 -26.76 24.76 14.02
N THR B 149 -27.02 25.96 13.47
CA THR B 149 -27.92 26.06 12.32
C THR B 149 -27.36 25.36 11.08
N GLY B 150 -26.05 25.15 11.06
CA GLY B 150 -25.42 24.29 10.07
C GLY B 150 -26.09 22.92 10.00
N LEU B 151 -26.29 22.28 11.15
CA LEU B 151 -27.06 21.03 11.24
C LEU B 151 -28.34 21.07 10.42
N ILE B 152 -29.10 22.15 10.56
CA ILE B 152 -30.40 22.24 9.93
C ILE B 152 -30.29 22.32 8.40
N ARG B 153 -29.25 22.96 7.90
CA ARG B 153 -29.07 23.09 6.45
C ARG B 153 -28.70 21.76 5.82
N LEU B 154 -28.19 20.85 6.63
CA LEU B 154 -27.83 19.53 6.14
C LEU B 154 -28.72 18.39 6.65
N GLN B 155 -29.94 18.68 7.11
CA GLN B 155 -30.74 17.58 7.66
C GLN B 155 -31.03 16.52 6.62
N GLU B 156 -31.40 16.92 5.40
CA GLU B 156 -31.63 15.94 4.33
C GLU B 156 -30.44 14.99 4.20
N LEU B 157 -29.25 15.51 4.39
CA LEU B 157 -28.03 14.71 4.24
C LEU B 157 -27.80 13.79 5.45
N ILE B 158 -28.08 14.32 6.63
CA ILE B 158 -27.89 13.61 7.89
C ILE B 158 -28.88 12.43 8.04
N LYS B 159 -30.01 12.49 7.33
CA LYS B 159 -31.03 11.45 7.41
C LYS B 159 -30.89 10.41 6.31
N ALA B 160 -29.91 10.58 5.43
CA ALA B 160 -29.68 9.67 4.32
C ALA B 160 -29.18 8.29 4.73
N PRO B 161 -28.33 8.20 5.77
CA PRO B 161 -27.74 6.91 6.14
C PRO B 161 -28.72 5.78 6.49
N SER B 162 -30.03 6.04 6.47
CA SER B 162 -31.01 5.00 6.75
C SER B 162 -31.73 4.54 5.48
N ARG B 163 -31.71 5.39 4.46
CA ARG B 163 -32.26 5.05 3.14
C ARG B 163 -31.15 4.52 2.22
N TYR B 164 -30.20 5.38 1.85
CA TYR B 164 -29.07 4.94 1.01
C TYR B 164 -27.98 4.29 1.86
N ASN B 165 -26.83 4.05 1.25
CA ASN B 165 -25.73 3.43 1.97
C ASN B 165 -24.56 4.39 2.20
N LEU B 166 -24.80 5.37 3.07
CA LEU B 166 -23.75 6.28 3.50
C LEU B 166 -23.53 6.15 5.00
N ARG B 167 -22.35 5.70 5.39
CA ARG B 167 -21.92 5.88 6.76
C ARG B 167 -21.40 7.29 6.78
N LEU B 168 -21.59 7.99 7.89
CA LEU B 168 -21.15 9.36 7.93
C LEU B 168 -20.81 9.80 9.34
N LYS B 169 -19.75 10.59 9.47
CA LYS B 169 -19.28 11.08 10.75
C LYS B 169 -19.53 12.58 10.83
N ILE B 170 -19.97 13.05 11.98
CA ILE B 170 -20.32 14.45 12.14
C ILE B 170 -19.41 15.11 13.17
N ARG B 171 -18.69 16.14 12.73
CA ARG B 171 -17.75 16.84 13.58
C ARG B 171 -18.08 18.33 13.58
N GLN B 172 -17.69 19.04 14.63
CA GLN B 172 -17.91 20.48 14.67
C GLN B 172 -16.60 21.25 14.70
N LEU B 173 -16.54 22.33 13.92
CA LEU B 173 -15.42 23.27 13.99
C LEU B 173 -15.41 23.98 15.33
N PRO B 174 -14.26 24.50 15.74
CA PRO B 174 -14.27 25.36 16.93
C PRO B 174 -14.57 26.81 16.56
N ALA B 175 -14.76 27.67 17.56
CA ALA B 175 -15.02 29.08 17.30
C ALA B 175 -14.04 29.65 16.26
N ASP B 176 -12.74 29.44 16.48
CA ASP B 176 -11.68 29.98 15.60
C ASP B 176 -11.00 28.89 14.77
N THR B 177 -10.82 29.12 13.46
CA THR B 177 -10.23 28.10 12.59
C THR B 177 -8.76 27.80 12.91
N LYS B 178 -8.10 28.71 13.61
CA LYS B 178 -6.74 28.48 14.05
C LYS B 178 -6.71 27.36 15.08
N ASP B 179 -7.86 27.10 15.69
CA ASP B 179 -7.95 26.06 16.69
C ASP B 179 -8.22 24.72 16.03
N ALA B 180 -8.20 24.67 14.69
CA ALA B 180 -8.75 23.52 13.97
C ALA B 180 -7.78 22.40 13.63
N LYS B 181 -6.52 22.52 14.03
CA LYS B 181 -5.55 21.48 13.69
C LYS B 181 -5.87 20.17 14.41
N PRO B 182 -6.17 20.23 15.70
CA PRO B 182 -6.47 19.00 16.43
C PRO B 182 -7.63 18.22 15.81
N LEU B 183 -8.63 18.95 15.32
CA LEU B 183 -9.77 18.35 14.65
C LEU B 183 -9.34 17.72 13.33
N LEU B 184 -8.50 18.44 12.58
CA LEU B 184 -8.06 17.96 11.29
C LEU B 184 -7.12 16.76 11.44
N LYS B 185 -6.38 16.73 12.54
CA LYS B 185 -5.48 15.62 12.82
C LYS B 185 -6.30 14.36 13.03
N GLU B 186 -7.43 14.47 13.74
CA GLU B 186 -8.29 13.31 13.94
C GLU B 186 -8.86 12.81 12.63
N MET B 187 -9.25 13.72 11.76
CA MET B 187 -9.76 13.32 10.44
C MET B 187 -8.66 12.62 9.65
N LYS B 188 -7.42 13.08 9.79
CA LYS B 188 -6.30 12.52 9.04
C LYS B 188 -5.99 11.10 9.48
N ARG B 189 -5.84 10.90 10.79
CA ARG B 189 -5.69 9.57 11.36
C ARG B 189 -6.87 8.70 10.99
N GLY B 190 -8.05 9.31 10.92
CA GLY B 190 -9.27 8.58 10.63
C GLY B 190 -9.41 8.25 9.15
N LYS B 191 -8.53 8.76 8.32
CA LYS B 191 -8.59 8.47 6.89
C LYS B 191 -9.88 9.01 6.30
N GLU B 192 -10.37 10.11 6.86
CA GLU B 192 -11.56 10.76 6.36
C GLU B 192 -11.20 11.66 5.18
N PHE B 193 -11.12 11.05 4.00
CA PHE B 193 -10.71 11.73 2.80
C PHE B 193 -11.83 12.50 2.13
N HIS B 194 -13.07 12.16 2.44
CA HIS B 194 -14.23 12.74 1.79
C HIS B 194 -14.97 13.61 2.80
N VAL B 195 -15.00 14.92 2.56
CA VAL B 195 -15.41 15.85 3.59
C VAL B 195 -16.28 16.98 3.07
N ILE B 196 -17.41 17.20 3.73
CA ILE B 196 -18.27 18.35 3.45
C ILE B 196 -18.04 19.41 4.52
N PHE B 197 -17.64 20.63 4.14
CA PHE B 197 -17.56 21.74 5.09
C PHE B 197 -18.79 22.63 5.03
N ASP B 198 -19.62 22.57 6.07
CA ASP B 198 -20.76 23.50 6.21
C ASP B 198 -20.34 24.68 7.08
N CYS B 199 -20.09 25.82 6.45
CA CYS B 199 -19.59 26.99 7.15
C CYS B 199 -19.50 28.19 6.21
N SER B 200 -19.28 29.36 6.76
CA SER B 200 -19.23 30.54 5.91
C SER B 200 -18.00 30.46 5.00
N HIS B 201 -18.00 31.20 3.90
CA HIS B 201 -16.84 31.21 3.02
C HIS B 201 -15.59 31.80 3.69
N GLU B 202 -15.74 32.62 4.73
CA GLU B 202 -14.58 33.14 5.46
C GLU B 202 -13.99 32.03 6.31
N MET B 203 -14.85 31.21 6.91
CA MET B 203 -14.40 30.03 7.65
C MET B 203 -13.70 29.06 6.72
N ALA B 204 -14.23 28.92 5.51
CA ALA B 204 -13.70 27.98 4.54
C ALA B 204 -12.30 28.41 4.08
N ALA B 205 -12.09 29.70 3.86
CA ALA B 205 -10.78 30.19 3.51
C ALA B 205 -9.80 29.87 4.63
N GLY B 206 -10.25 30.04 5.87
CA GLY B 206 -9.41 29.77 7.02
C GLY B 206 -9.10 28.30 7.21
N ILE B 207 -10.07 27.41 6.95
CA ILE B 207 -9.89 26.02 7.26
C ILE B 207 -9.00 25.37 6.19
N LEU B 208 -9.10 25.86 4.95
CA LEU B 208 -8.19 25.43 3.90
C LEU B 208 -6.70 25.69 4.24
N LYS B 209 -6.37 26.85 4.77
CA LYS B 209 -4.97 27.13 5.14
C LYS B 209 -4.50 26.09 6.14
N GLN B 210 -5.33 25.77 7.12
CA GLN B 210 -4.98 24.79 8.13
C GLN B 210 -4.84 23.40 7.49
N ALA B 211 -5.63 23.15 6.46
CA ALA B 211 -5.64 21.83 5.84
C ALA B 211 -4.36 21.66 5.04
N LEU B 212 -3.84 22.74 4.49
CA LEU B 212 -2.59 22.75 3.74
C LEU B 212 -1.42 22.45 4.67
N ALA B 213 -1.33 23.22 5.75
CA ALA B 213 -0.36 23.00 6.80
C ALA B 213 -0.34 21.55 7.25
N MET B 214 -1.47 20.88 7.13
CA MET B 214 -1.63 19.55 7.71
C MET B 214 -1.40 18.43 6.68
N GLY B 215 -1.01 18.81 5.48
CA GLY B 215 -0.72 17.83 4.45
C GLY B 215 -1.98 17.17 3.94
N MET B 216 -3.05 17.95 3.89
CA MET B 216 -4.37 17.43 3.51
C MET B 216 -4.93 18.13 2.28
N MET B 217 -4.12 18.91 1.59
CA MET B 217 -4.49 19.39 0.26
C MET B 217 -3.68 18.62 -0.79
N THR B 218 -4.12 17.41 -1.07
CA THR B 218 -3.51 16.55 -2.08
C THR B 218 -4.59 15.78 -2.84
N GLU B 219 -4.18 15.03 -3.85
CA GLU B 219 -5.10 14.24 -4.67
C GLU B 219 -5.93 13.23 -3.88
N TYR B 220 -5.53 12.95 -2.64
CA TYR B 220 -6.26 11.99 -1.81
C TYR B 220 -7.55 12.55 -1.23
N TYR B 221 -7.65 13.88 -1.16
CA TYR B 221 -8.76 14.51 -0.45
C TYR B 221 -9.73 15.15 -1.42
N HIS B 222 -11.02 14.99 -1.13
CA HIS B 222 -12.08 15.68 -1.87
C HIS B 222 -13.03 16.42 -0.91
N TYR B 223 -13.12 17.73 -1.09
CA TYR B 223 -13.86 18.61 -0.19
C TYR B 223 -15.05 19.19 -0.90
N ILE B 224 -16.24 18.97 -0.36
CA ILE B 224 -17.43 19.63 -0.86
C ILE B 224 -17.77 20.82 0.06
N PHE B 225 -18.01 21.97 -0.53
CA PHE B 225 -18.30 23.16 0.24
C PHE B 225 -19.73 23.58 0.14
N THR B 226 -20.30 23.83 1.31
CA THR B 226 -21.69 24.15 1.45
C THR B 226 -21.92 25.58 0.99
N THR B 227 -20.93 26.45 1.18
CA THR B 227 -21.09 27.88 0.88
C THR B 227 -21.27 28.21 -0.58
N LEU B 228 -22.16 29.18 -0.85
CA LEU B 228 -22.46 29.62 -2.21
C LEU B 228 -21.44 30.65 -2.67
N ASP B 229 -20.62 31.09 -1.74
CA ASP B 229 -19.61 32.08 -2.02
C ASP B 229 -18.25 31.42 -2.20
N LEU B 230 -18.28 30.14 -2.53
CA LEU B 230 -17.06 29.41 -2.83
C LEU B 230 -16.21 30.15 -3.86
N PHE B 231 -16.86 30.70 -4.89
CA PHE B 231 -16.17 31.37 -5.99
C PHE B 231 -15.39 32.62 -5.53
N ALA B 232 -15.59 33.02 -4.28
CA ALA B 232 -14.95 34.21 -3.74
C ALA B 232 -13.60 33.90 -3.11
N LEU B 233 -13.31 32.61 -2.99
CA LEU B 233 -12.09 32.19 -2.29
C LEU B 233 -10.87 32.35 -3.18
N ASP B 234 -9.82 32.98 -2.64
CA ASP B 234 -8.51 32.92 -3.26
C ASP B 234 -8.13 31.46 -3.38
N VAL B 235 -8.02 30.99 -4.61
CA VAL B 235 -7.72 29.58 -4.86
C VAL B 235 -6.27 29.38 -5.41
N GLU B 236 -5.50 30.46 -5.47
CA GLU B 236 -4.15 30.43 -6.00
C GLU B 236 -3.22 29.49 -5.22
N PRO B 237 -3.33 29.51 -3.88
CA PRO B 237 -2.52 28.57 -3.11
C PRO B 237 -2.83 27.08 -3.29
N TYR B 238 -3.91 26.70 -3.97
CA TYR B 238 -4.33 25.30 -3.91
C TYR B 238 -4.51 24.62 -5.28
N ARG B 239 -4.62 25.39 -6.36
CA ARG B 239 -4.97 24.77 -7.64
C ARG B 239 -3.89 23.88 -8.26
N TYR B 240 -2.65 24.00 -7.80
CA TYR B 240 -1.57 23.21 -8.39
C TYR B 240 -1.39 21.89 -7.64
N SER B 241 -2.11 21.72 -6.54
CA SER B 241 -1.84 20.64 -5.59
C SER B 241 -2.51 19.33 -5.92
N GLY B 242 -3.59 19.38 -6.70
CA GLY B 242 -4.35 18.18 -6.98
C GLY B 242 -5.55 17.89 -6.09
N VAL B 243 -5.79 18.68 -5.03
CA VAL B 243 -7.01 18.46 -4.25
C VAL B 243 -8.20 18.65 -5.13
N ASN B 244 -9.29 18.04 -4.70
CA ASN B 244 -10.58 18.23 -5.32
C ASN B 244 -11.42 19.10 -4.40
N MET B 245 -11.91 20.20 -4.93
CA MET B 245 -12.83 21.07 -4.21
C MET B 245 -14.05 21.23 -5.09
N THR B 246 -15.21 20.87 -4.57
CA THR B 246 -16.43 21.05 -5.32
C THR B 246 -17.45 21.76 -4.46
N GLY B 247 -18.22 22.65 -5.08
CA GLY B 247 -19.31 23.32 -4.40
C GLY B 247 -20.32 23.84 -5.41
N PHE B 248 -21.14 24.80 -4.98
CA PHE B 248 -22.20 25.33 -5.83
C PHE B 248 -22.09 26.82 -5.93
N ARG B 249 -22.73 27.39 -6.96
CA ARG B 249 -22.72 28.82 -7.19
C ARG B 249 -24.06 29.25 -7.79
N ILE B 250 -24.74 30.19 -7.15
CA ILE B 250 -26.02 30.65 -7.64
C ILE B 250 -25.87 31.96 -8.39
N LEU B 251 -24.73 32.62 -8.18
CA LEU B 251 -24.44 33.85 -8.90
C LEU B 251 -24.15 33.48 -10.35
N ASN B 252 -24.93 34.03 -11.27
CA ASN B 252 -24.88 33.62 -12.69
C ASN B 252 -23.79 34.37 -13.48
N THR B 253 -22.54 34.00 -13.25
CA THR B 253 -21.40 34.73 -13.79
C THR B 253 -21.12 34.43 -15.28
N GLU B 254 -21.70 33.36 -15.81
CA GLU B 254 -21.51 32.99 -17.21
C GLU B 254 -22.26 33.95 -18.15
N ASN B 255 -23.40 34.45 -17.70
CA ASN B 255 -24.17 35.42 -18.46
C ASN B 255 -23.39 36.73 -18.58
N THR B 256 -23.21 37.22 -19.81
CA THR B 256 -22.35 38.38 -20.03
C THR B 256 -22.92 39.64 -19.41
N GLN B 257 -24.24 39.82 -19.50
CA GLN B 257 -24.90 40.96 -18.89
C GLN B 257 -24.68 41.01 -17.37
N VAL B 258 -24.59 39.84 -16.73
CA VAL B 258 -24.41 39.78 -15.29
C VAL B 258 -22.94 40.01 -14.89
N SER B 259 -22.02 39.66 -15.78
CA SER B 259 -20.61 39.88 -15.52
C SER B 259 -20.31 41.38 -15.50
N SER B 260 -20.89 42.10 -16.46
CA SER B 260 -20.63 43.53 -16.56
C SER B 260 -21.19 44.30 -15.38
N ILE B 261 -22.27 43.79 -14.78
CA ILE B 261 -22.86 44.44 -13.62
C ILE B 261 -22.01 44.19 -12.38
N ILE B 262 -21.50 42.97 -12.24
CA ILE B 262 -20.62 42.65 -11.12
C ILE B 262 -19.32 43.45 -11.16
N GLU B 263 -18.94 43.89 -12.36
CA GLU B 263 -17.73 44.67 -12.53
C GLU B 263 -17.94 46.11 -12.03
N LYS B 264 -18.98 46.77 -12.51
CA LYS B 264 -19.27 48.15 -12.11
C LYS B 264 -19.38 48.25 -10.60
N TRP B 265 -19.73 47.12 -10.00
CA TRP B 265 -19.83 47.01 -8.56
C TRP B 265 -18.45 47.04 -7.92
N SER B 266 -17.55 46.20 -8.45
CA SER B 266 -16.18 46.13 -7.95
C SER B 266 -15.46 47.47 -7.98
N MET B 267 -15.87 48.33 -8.93
CA MET B 267 -15.16 49.60 -9.11
C MET B 267 -15.48 50.58 -7.98
N GLU B 268 -16.75 50.66 -7.60
CA GLU B 268 -17.17 51.52 -6.50
C GLU B 268 -16.90 50.85 -5.15
N ARG B 269 -16.74 49.53 -5.14
CA ARG B 269 -16.49 48.81 -3.90
C ARG B 269 -15.00 48.54 -3.67
N LEU B 270 -14.38 47.77 -4.57
CA LEU B 270 -12.94 47.46 -4.49
C LEU B 270 -12.11 48.71 -4.20
N GLN B 271 -12.67 49.87 -4.52
CA GLN B 271 -12.05 51.17 -4.23
C GLN B 271 -11.82 51.39 -2.74
N ALA B 272 -12.48 50.58 -1.91
CA ALA B 272 -12.41 50.68 -0.45
C ALA B 272 -11.79 49.40 0.11
N PRO B 273 -11.81 49.21 1.46
CA PRO B 273 -10.85 48.31 2.12
C PRO B 273 -10.86 46.83 1.74
N PRO B 274 -9.76 46.33 1.14
CA PRO B 274 -9.47 44.91 0.93
C PRO B 274 -8.47 44.39 1.96
N LYS B 275 -8.38 43.07 2.15
CA LYS B 275 -7.45 42.52 3.13
C LYS B 275 -6.46 41.55 2.50
N PRO B 276 -5.28 41.41 3.12
CA PRO B 276 -4.16 40.64 2.57
C PRO B 276 -4.16 39.19 3.05
N ASP B 277 -4.47 39.01 4.32
CA ASP B 277 -4.35 37.72 4.99
C ASP B 277 -5.70 37.01 5.01
N SER B 278 -6.64 37.52 4.21
CA SER B 278 -8.01 37.00 4.22
C SER B 278 -8.11 35.63 3.57
N GLY B 279 -7.56 35.53 2.36
CA GLY B 279 -7.74 34.34 1.53
C GLY B 279 -9.00 34.46 0.69
N LEU B 280 -9.57 35.67 0.68
CA LEU B 280 -10.69 36.00 -0.20
C LEU B 280 -10.18 36.92 -1.32
N LEU B 281 -10.77 36.81 -2.50
CA LEU B 281 -10.51 37.78 -3.57
C LEU B 281 -11.11 39.11 -3.14
N ASP B 282 -10.38 40.19 -3.43
CA ASP B 282 -10.89 41.51 -3.09
C ASP B 282 -11.88 42.00 -4.16
N GLY B 283 -12.96 42.63 -3.70
CA GLY B 283 -13.94 43.21 -4.59
C GLY B 283 -14.80 42.22 -5.38
N PHE B 284 -14.97 41.01 -4.87
CA PHE B 284 -15.92 40.08 -5.47
C PHE B 284 -17.28 40.35 -4.86
N MET B 285 -18.33 40.30 -5.66
CA MET B 285 -19.68 40.52 -5.15
C MET B 285 -20.21 39.25 -4.48
N THR B 286 -20.39 39.31 -3.16
CA THR B 286 -20.83 38.13 -2.44
C THR B 286 -22.31 37.87 -2.70
N THR B 287 -22.79 36.71 -2.26
CA THR B 287 -24.17 36.33 -2.49
C THR B 287 -25.14 37.15 -1.63
N ASP B 288 -24.77 37.45 -0.39
CA ASP B 288 -25.60 38.29 0.49
C ASP B 288 -26.01 39.61 -0.20
N ALA B 289 -25.18 40.08 -1.14
CA ALA B 289 -25.34 41.40 -1.74
C ALA B 289 -26.00 41.33 -3.10
N ALA B 290 -25.67 40.29 -3.85
CA ALA B 290 -26.35 40.04 -5.11
C ALA B 290 -27.84 39.78 -4.88
N LEU B 291 -28.17 39.19 -3.74
CA LEU B 291 -29.55 38.89 -3.42
C LEU B 291 -30.30 40.16 -3.06
N MET B 292 -29.67 41.06 -2.32
CA MET B 292 -30.33 42.32 -1.98
C MET B 292 -30.61 43.09 -3.25
N TYR B 293 -29.64 43.12 -4.14
CA TYR B 293 -29.77 43.85 -5.40
C TYR B 293 -30.86 43.22 -6.27
N ASP B 294 -31.02 41.91 -6.19
CA ASP B 294 -32.04 41.21 -6.96
C ASP B 294 -33.42 41.45 -6.34
N ALA B 295 -33.46 41.54 -5.02
CA ALA B 295 -34.69 41.78 -4.32
C ALA B 295 -35.28 43.11 -4.72
N VAL B 296 -34.43 44.12 -4.88
CA VAL B 296 -34.92 45.46 -5.22
C VAL B 296 -35.48 45.46 -6.63
N HIS B 297 -34.93 44.60 -7.50
CA HIS B 297 -35.47 44.46 -8.85
C HIS B 297 -36.81 43.67 -8.88
N VAL B 298 -36.85 42.50 -8.26
CA VAL B 298 -38.06 41.67 -8.28
C VAL B 298 -39.25 42.45 -7.72
N VAL B 299 -39.07 43.09 -6.57
CA VAL B 299 -40.10 43.95 -6.03
C VAL B 299 -40.50 45.07 -7.01
N SER B 300 -39.56 45.65 -7.74
CA SER B 300 -39.88 46.69 -8.72
C SER B 300 -40.74 46.17 -9.89
N VAL B 301 -40.50 44.94 -10.31
CA VAL B 301 -41.29 44.34 -11.36
C VAL B 301 -42.77 44.32 -10.94
N ALA B 302 -42.98 44.21 -9.64
CA ALA B 302 -44.32 44.17 -9.06
C ALA B 302 -44.93 45.57 -9.01
N VAL B 303 -44.11 46.56 -8.67
CA VAL B 303 -44.52 47.94 -8.64
C VAL B 303 -45.01 48.43 -10.00
N GLN B 304 -44.39 47.95 -11.07
CA GLN B 304 -44.79 48.33 -12.41
C GLN B 304 -46.23 47.95 -12.67
N GLN B 305 -46.68 46.86 -12.05
CA GLN B 305 -48.02 46.34 -12.28
C GLN B 305 -49.07 46.91 -11.33
N PHE B 306 -48.70 47.92 -10.56
CA PHE B 306 -49.57 48.49 -9.54
C PHE B 306 -49.40 50.02 -9.52
N PRO B 307 -49.66 50.68 -10.65
CA PRO B 307 -49.48 52.14 -10.75
C PRO B 307 -50.33 52.95 -9.78
N GLN B 308 -51.44 52.37 -9.28
CA GLN B 308 -52.34 53.07 -8.38
C GLN B 308 -51.66 53.33 -7.03
N MET B 309 -50.80 52.41 -6.64
CA MET B 309 -50.23 52.37 -5.30
C MET B 309 -49.44 53.62 -4.91
N THR B 310 -49.59 53.99 -3.64
CA THR B 310 -48.82 55.08 -3.05
C THR B 310 -48.57 54.73 -1.60
N VAL B 311 -47.54 55.36 -1.06
CA VAL B 311 -47.17 55.12 0.32
C VAL B 311 -48.14 55.80 1.28
N SER B 312 -48.30 55.24 2.48
CA SER B 312 -49.09 55.87 3.53
C SER B 312 -48.28 55.96 4.81
N SER B 313 -48.50 57.03 5.58
CA SER B 313 -47.84 57.17 6.87
C SER B 313 -48.62 56.33 7.87
N LEU B 314 -48.00 55.22 8.27
CA LEU B 314 -48.60 54.29 9.21
C LEU B 314 -47.96 54.40 10.58
N GLN B 315 -48.76 54.16 11.61
CA GLN B 315 -48.31 54.30 12.98
C GLN B 315 -48.40 52.96 13.69
N CYS B 316 -47.31 52.54 14.31
CA CYS B 316 -47.30 51.27 15.03
C CYS B 316 -48.29 51.31 16.20
N ASN B 317 -48.55 52.50 16.73
CA ASN B 317 -49.57 52.70 17.76
C ASN B 317 -50.88 52.01 17.42
N ARG B 318 -51.35 52.27 16.20
CA ARG B 318 -52.71 51.94 15.77
C ARG B 318 -52.74 50.66 14.93
N HIS B 319 -53.85 49.92 15.01
CA HIS B 319 -53.95 48.62 14.36
C HIS B 319 -54.46 48.76 12.93
N LYS B 320 -54.19 49.89 12.30
CA LYS B 320 -54.73 50.20 10.98
C LYS B 320 -53.70 49.93 9.88
N PRO B 321 -53.88 48.83 9.11
CA PRO B 321 -52.93 48.45 8.06
C PRO B 321 -53.02 49.29 6.80
N TRP B 322 -52.05 49.07 5.92
CA TRP B 322 -51.92 49.77 4.67
C TRP B 322 -52.92 49.22 3.64
N ARG B 323 -53.66 50.13 3.00
CA ARG B 323 -54.68 49.74 2.02
C ARG B 323 -54.15 48.79 0.95
N PHE B 324 -53.01 49.14 0.38
CA PHE B 324 -52.49 48.45 -0.79
C PHE B 324 -51.64 47.24 -0.46
N GLY B 325 -51.48 46.94 0.83
CA GLY B 325 -50.55 45.91 1.25
C GLY B 325 -50.87 44.55 0.67
N THR B 326 -52.09 44.11 0.90
CA THR B 326 -52.50 42.78 0.50
C THR B 326 -52.27 42.51 -0.98
N ARG B 327 -52.57 43.50 -1.81
CA ARG B 327 -52.48 43.37 -3.26
C ARG B 327 -51.02 43.42 -3.73
N PHE B 328 -50.23 44.29 -3.11
CA PHE B 328 -48.81 44.40 -3.42
C PHE B 328 -48.09 43.10 -3.04
N MET B 329 -48.33 42.62 -1.83
CA MET B 329 -47.73 41.36 -1.39
C MET B 329 -48.03 40.26 -2.38
N SER B 330 -49.25 40.23 -2.90
CA SER B 330 -49.63 39.18 -3.84
C SER B 330 -48.88 39.32 -5.16
N LEU B 331 -48.65 40.55 -5.60
CA LEU B 331 -47.94 40.79 -6.85
C LEU B 331 -46.48 40.40 -6.75
N ILE B 332 -45.90 40.64 -5.57
CA ILE B 332 -44.51 40.28 -5.33
C ILE B 332 -44.33 38.77 -5.35
N LYS B 333 -45.22 38.04 -4.69
CA LYS B 333 -45.11 36.58 -4.67
C LYS B 333 -45.30 35.96 -6.05
N GLU B 334 -45.98 36.67 -6.95
CA GLU B 334 -46.26 36.15 -8.29
C GLU B 334 -45.14 36.53 -9.25
N ALA B 335 -44.24 37.39 -8.81
CA ALA B 335 -43.26 38.00 -9.70
C ALA B 335 -42.21 37.00 -10.17
N HIS B 336 -41.64 37.31 -11.33
CA HIS B 336 -40.66 36.49 -12.02
C HIS B 336 -39.60 37.47 -12.53
N TRP B 337 -38.33 37.10 -12.43
CA TRP B 337 -37.26 38.01 -12.80
C TRP B 337 -35.95 37.28 -13.04
N GLU B 338 -35.21 37.69 -14.06
CA GLU B 338 -33.86 37.20 -14.31
C GLU B 338 -32.88 38.21 -13.73
N GLY B 339 -32.27 37.87 -12.60
CA GLY B 339 -31.33 38.77 -11.95
C GLY B 339 -29.93 38.17 -11.84
N LEU B 340 -29.10 38.81 -11.01
CA LEU B 340 -27.75 38.32 -10.79
C LEU B 340 -27.72 36.87 -10.37
N THR B 341 -28.78 36.40 -9.70
CA THR B 341 -28.76 35.04 -9.15
C THR B 341 -29.67 34.07 -9.91
N GLY B 342 -29.87 34.33 -11.20
CA GLY B 342 -30.63 33.40 -12.04
C GLY B 342 -32.13 33.64 -12.01
N ARG B 343 -32.90 32.59 -12.33
CA ARG B 343 -34.36 32.66 -12.26
C ARG B 343 -34.80 32.98 -10.85
N ILE B 344 -35.57 34.03 -10.69
CA ILE B 344 -36.19 34.29 -9.40
C ILE B 344 -37.67 33.96 -9.51
N THR B 345 -38.15 33.14 -8.58
CA THR B 345 -39.54 32.74 -8.54
C THR B 345 -39.84 32.21 -7.16
N PHE B 346 -40.92 32.70 -6.56
CA PHE B 346 -41.27 32.27 -5.22
C PHE B 346 -42.30 31.16 -5.24
N ASN B 347 -42.37 30.48 -4.10
CA ASN B 347 -43.27 29.36 -3.90
C ASN B 347 -44.63 29.90 -3.53
N LYS B 348 -45.64 29.58 -4.33
CA LYS B 348 -47.01 30.01 -4.04
C LYS B 348 -47.33 29.82 -2.56
N THR B 349 -47.03 28.63 -2.06
CA THR B 349 -47.37 28.22 -0.70
C THR B 349 -46.77 29.10 0.42
N ASN B 350 -45.44 29.22 0.50
CA ASN B 350 -44.82 29.87 1.68
C ASN B 350 -43.97 31.12 1.40
N GLY B 351 -43.89 31.52 0.13
CA GLY B 351 -43.12 32.69 -0.24
C GLY B 351 -41.62 32.49 -0.12
N LEU B 352 -41.19 31.23 -0.02
CA LEU B 352 -39.79 30.88 0.01
C LEU B 352 -39.31 30.57 -1.40
N ARG B 353 -38.05 30.88 -1.67
CA ARG B 353 -37.48 30.59 -2.99
C ARG B 353 -37.01 29.14 -3.00
N THR B 354 -37.86 28.22 -3.43
CA THR B 354 -37.50 26.81 -3.35
C THR B 354 -37.07 26.27 -4.69
N ASP B 355 -37.38 27.00 -5.76
CA ASP B 355 -36.97 26.57 -7.09
C ASP B 355 -36.02 27.60 -7.67
N PHE B 356 -34.81 27.17 -7.99
CA PHE B 356 -33.75 28.07 -8.50
C PHE B 356 -32.72 27.27 -9.30
N ASP B 357 -31.78 27.96 -9.93
CA ASP B 357 -30.75 27.30 -10.72
C ASP B 357 -29.36 27.50 -10.10
N LEU B 358 -28.65 26.40 -9.91
CA LEU B 358 -27.24 26.45 -9.48
C LEU B 358 -26.26 25.98 -10.57
N ASP B 359 -25.16 26.71 -10.74
CA ASP B 359 -24.01 26.16 -11.44
C ASP B 359 -23.24 25.27 -10.46
N VAL B 360 -22.67 24.16 -10.93
CA VAL B 360 -21.84 23.33 -10.07
C VAL B 360 -20.37 23.55 -10.44
N ILE B 361 -19.56 23.97 -9.46
CA ILE B 361 -18.16 24.33 -9.72
C ILE B 361 -17.14 23.44 -8.98
N SER B 362 -15.99 23.19 -9.63
CA SER B 362 -14.93 22.32 -9.09
C SER B 362 -13.56 22.93 -9.38
N LEU B 363 -12.57 22.62 -8.54
CA LEU B 363 -11.22 23.15 -8.72
C LEU B 363 -10.46 22.33 -9.77
N LYS B 364 -10.17 22.97 -10.89
CA LYS B 364 -9.25 22.40 -11.88
C LYS B 364 -7.94 23.17 -11.73
N GLU B 365 -6.88 22.73 -12.39
CA GLU B 365 -5.61 23.44 -12.29
C GLU B 365 -5.72 24.90 -12.78
N GLU B 366 -6.69 25.16 -13.65
CA GLU B 366 -6.88 26.50 -14.22
C GLU B 366 -7.55 27.47 -13.22
N GLY B 367 -8.18 26.92 -12.20
CA GLY B 367 -8.96 27.69 -11.26
C GLY B 367 -10.30 27.02 -11.00
N LEU B 368 -11.25 27.72 -10.41
CA LEU B 368 -12.60 27.17 -10.24
C LEU B 368 -13.39 27.33 -11.53
N GLU B 369 -13.95 26.23 -12.01
CA GLU B 369 -14.66 26.23 -13.28
C GLU B 369 -15.96 25.43 -13.19
N LYS B 370 -16.91 25.73 -14.07
CA LYS B 370 -18.21 25.07 -14.10
C LYS B 370 -18.09 23.66 -14.68
N ILE B 371 -18.74 22.69 -14.03
CA ILE B 371 -18.74 21.32 -14.54
C ILE B 371 -20.16 20.73 -14.64
N GLY B 372 -21.18 21.54 -14.40
CA GLY B 372 -22.56 21.08 -14.53
C GLY B 372 -23.59 22.09 -14.04
N THR B 373 -24.79 21.61 -13.77
CA THR B 373 -25.84 22.43 -13.20
C THR B 373 -26.69 21.61 -12.24
N TRP B 374 -27.51 22.28 -11.45
CA TRP B 374 -28.50 21.60 -10.62
C TRP B 374 -29.78 22.42 -10.52
N ASP B 375 -30.93 21.74 -10.54
CA ASP B 375 -32.20 22.38 -10.23
C ASP B 375 -33.11 21.30 -9.66
N PRO B 376 -34.07 21.69 -8.82
CA PRO B 376 -34.79 20.66 -8.07
C PRO B 376 -35.55 19.67 -8.92
N ALA B 377 -35.89 20.01 -10.17
CA ALA B 377 -36.66 19.11 -11.02
C ALA B 377 -35.84 18.14 -11.87
N SER B 378 -34.54 18.39 -11.99
CA SER B 378 -33.71 17.60 -12.90
C SER B 378 -32.59 16.87 -12.17
N GLY B 379 -32.32 17.28 -10.95
CA GLY B 379 -31.13 16.82 -10.25
C GLY B 379 -29.92 17.41 -10.93
N LEU B 380 -28.85 16.63 -11.05
CA LEU B 380 -27.67 17.14 -11.73
C LEU B 380 -27.79 16.98 -13.24
N ASN B 381 -27.17 17.93 -13.94
CA ASN B 381 -26.96 17.87 -15.37
C ASN B 381 -25.47 18.04 -15.61
N MET B 382 -24.68 17.06 -15.22
CA MET B 382 -23.24 17.17 -15.37
C MET B 382 -22.89 17.02 -16.84
N THR B 383 -21.94 17.84 -17.28
CA THR B 383 -21.52 17.85 -18.67
C THR B 383 -20.16 17.17 -18.81
N GLU B 384 -20.17 15.85 -18.85
CA GLU B 384 -18.94 15.07 -18.90
C GLU B 384 -18.21 15.25 -20.23
N SER B 398 -6.93 -7.01 -26.67
CA SER B 398 -5.94 -7.25 -25.62
C SER B 398 -6.61 -7.77 -24.34
N ASN B 399 -7.75 -7.16 -23.96
CA ASN B 399 -8.64 -7.74 -22.98
C ASN B 399 -9.87 -8.33 -23.68
N ARG B 400 -9.85 -8.32 -25.02
CA ARG B 400 -10.86 -8.94 -25.87
C ARG B 400 -11.03 -10.43 -25.57
N SER B 401 -12.28 -10.91 -25.47
CA SER B 401 -12.47 -12.36 -25.29
C SER B 401 -12.22 -13.09 -26.58
N LEU B 402 -11.64 -14.27 -26.49
CA LEU B 402 -11.47 -15.09 -27.66
C LEU B 402 -12.74 -15.87 -27.97
N ILE B 403 -13.06 -15.94 -29.25
CA ILE B 403 -14.18 -16.75 -29.70
C ILE B 403 -13.64 -18.15 -29.96
N VAL B 404 -14.22 -19.14 -29.29
CA VAL B 404 -13.74 -20.53 -29.43
C VAL B 404 -14.81 -21.32 -30.16
N THR B 405 -14.49 -21.86 -31.34
CA THR B 405 -15.44 -22.71 -32.06
C THR B 405 -15.19 -24.14 -31.59
N THR B 406 -16.27 -24.89 -31.47
CA THR B 406 -16.15 -26.27 -31.10
C THR B 406 -17.37 -27.02 -31.58
N ILE B 407 -17.43 -28.30 -31.25
CA ILE B 407 -18.46 -29.16 -31.77
C ILE B 407 -18.75 -30.24 -30.71
N LEU B 408 -20.00 -30.70 -30.62
CA LEU B 408 -20.32 -31.75 -29.68
C LEU B 408 -19.69 -33.06 -30.13
N GLU B 409 -18.98 -33.69 -29.21
CA GLU B 409 -18.31 -34.95 -29.52
C GLU B 409 -17.91 -35.60 -28.18
N GLU B 410 -18.54 -36.72 -27.84
CA GLU B 410 -18.21 -37.40 -26.54
C GLU B 410 -16.85 -38.06 -26.56
N PRO B 411 -16.04 -37.92 -25.46
CA PRO B 411 -16.20 -37.12 -24.23
C PRO B 411 -15.45 -35.82 -24.27
N TYR B 412 -15.22 -35.26 -25.46
CA TYR B 412 -14.47 -34.02 -25.58
C TYR B 412 -15.27 -32.81 -25.22
N VAL B 413 -16.50 -32.75 -25.70
CA VAL B 413 -17.41 -31.60 -25.51
C VAL B 413 -18.83 -32.17 -25.46
N LEU B 414 -19.49 -31.94 -24.34
CA LEU B 414 -20.88 -32.34 -24.12
C LEU B 414 -21.61 -31.30 -23.33
N PHE B 415 -22.93 -31.34 -23.37
CA PHE B 415 -23.70 -30.51 -22.44
C PHE B 415 -23.69 -31.17 -21.06
N LYS B 416 -23.36 -30.41 -20.05
CA LYS B 416 -23.33 -30.88 -18.68
C LYS B 416 -24.73 -31.11 -18.13
N LYS B 417 -24.94 -32.25 -17.48
CA LYS B 417 -26.13 -32.47 -16.62
C LYS B 417 -25.77 -31.99 -15.21
N SER B 418 -26.59 -31.11 -14.64
CA SER B 418 -26.29 -30.58 -13.31
C SER B 418 -27.58 -30.24 -12.58
N ASP B 419 -27.49 -30.20 -11.26
CA ASP B 419 -28.62 -29.79 -10.46
C ASP B 419 -28.68 -28.27 -10.51
N LYS B 420 -27.53 -27.64 -10.20
CA LYS B 420 -27.40 -26.19 -10.19
C LYS B 420 -27.76 -25.56 -11.54
N PRO B 421 -28.18 -24.29 -11.50
CA PRO B 421 -28.28 -23.57 -12.77
C PRO B 421 -26.92 -23.36 -13.39
N LEU B 422 -26.90 -23.47 -14.71
CA LEU B 422 -25.70 -23.28 -15.50
C LEU B 422 -25.96 -22.25 -16.58
N TYR B 423 -25.01 -21.36 -16.79
CA TYR B 423 -25.14 -20.27 -17.72
C TYR B 423 -23.97 -20.31 -18.69
N GLY B 424 -24.22 -20.00 -19.93
CA GLY B 424 -23.12 -19.64 -20.84
C GLY B 424 -22.13 -20.76 -21.04
N ASN B 425 -20.84 -20.43 -20.94
CA ASN B 425 -19.81 -21.46 -21.13
C ASN B 425 -19.89 -22.61 -20.12
N ASP B 426 -20.46 -22.36 -18.95
CA ASP B 426 -20.47 -23.39 -17.92
C ASP B 426 -21.50 -24.48 -18.24
N ARG B 427 -22.24 -24.31 -19.33
CA ARG B 427 -23.16 -25.35 -19.77
C ARG B 427 -22.46 -26.56 -20.38
N PHE B 428 -21.18 -26.42 -20.68
CA PHE B 428 -20.40 -27.46 -21.38
C PHE B 428 -19.41 -28.12 -20.46
N GLU B 429 -19.11 -29.38 -20.73
CA GLU B 429 -18.02 -30.08 -20.05
C GLU B 429 -17.34 -31.05 -21.00
N GLY B 430 -16.24 -31.62 -20.54
CA GLY B 430 -15.51 -32.61 -21.32
C GLY B 430 -14.03 -32.37 -21.34
N TYR B 431 -13.28 -33.27 -21.96
CA TYR B 431 -11.83 -33.15 -22.04
C TYR B 431 -11.39 -31.85 -22.68
N CYS B 432 -12.01 -31.45 -23.79
CA CYS B 432 -11.60 -30.24 -24.47
C CYS B 432 -11.99 -29.01 -23.69
N ILE B 433 -13.09 -29.08 -22.95
CA ILE B 433 -13.50 -27.97 -22.09
C ILE B 433 -12.50 -27.81 -20.92
N ASP B 434 -12.11 -28.93 -20.32
CA ASP B 434 -11.05 -28.89 -19.31
C ASP B 434 -9.75 -28.32 -19.87
N LEU B 435 -9.37 -28.70 -21.09
CA LEU B 435 -8.18 -28.14 -21.70
C LEU B 435 -8.30 -26.65 -21.92
N LEU B 436 -9.45 -26.22 -22.42
CA LEU B 436 -9.68 -24.81 -22.67
C LEU B 436 -9.59 -24.00 -21.37
N ARG B 437 -10.14 -24.54 -20.29
CA ARG B 437 -10.09 -23.85 -19.00
C ARG B 437 -8.67 -23.70 -18.52
N GLU B 438 -7.87 -24.77 -18.66
CA GLU B 438 -6.46 -24.68 -18.30
C GLU B 438 -5.70 -23.65 -19.17
N LEU B 439 -5.90 -23.72 -20.49
CA LEU B 439 -5.26 -22.74 -21.37
C LEU B 439 -5.64 -21.31 -21.02
N SER B 440 -6.89 -21.08 -20.66
CA SER B 440 -7.32 -19.71 -20.42
C SER B 440 -6.66 -19.18 -19.14
N THR B 441 -6.45 -20.06 -18.17
CA THR B 441 -5.76 -19.68 -16.95
C THR B 441 -4.27 -19.46 -17.17
N ILE B 442 -3.63 -20.36 -17.90
CA ILE B 442 -2.19 -20.28 -18.12
C ILE B 442 -1.85 -19.08 -18.95
N LEU B 443 -2.62 -18.83 -19.98
CA LEU B 443 -2.31 -17.76 -20.93
C LEU B 443 -3.06 -16.45 -20.63
N GLY B 444 -4.06 -16.51 -19.77
CA GLY B 444 -4.72 -15.31 -19.30
C GLY B 444 -5.64 -14.66 -20.32
N PHE B 445 -6.57 -15.45 -20.83
CA PHE B 445 -7.59 -14.91 -21.73
C PHE B 445 -8.96 -15.31 -21.24
N THR B 446 -9.95 -14.53 -21.63
CA THR B 446 -11.34 -14.91 -21.46
C THR B 446 -11.86 -15.36 -22.81
N TYR B 447 -12.98 -16.05 -22.80
CA TYR B 447 -13.42 -16.69 -24.03
C TYR B 447 -14.93 -16.90 -24.07
N GLU B 448 -15.43 -17.14 -25.27
CA GLU B 448 -16.85 -17.47 -25.51
C GLU B 448 -16.91 -18.73 -26.37
N ILE B 449 -17.52 -19.78 -25.87
CA ILE B 449 -17.68 -21.01 -26.63
C ILE B 449 -18.87 -20.91 -27.57
N ARG B 450 -18.64 -21.24 -28.83
CA ARG B 450 -19.70 -21.32 -29.84
C ARG B 450 -19.67 -22.61 -30.62
N LEU B 451 -20.81 -23.28 -30.70
CA LEU B 451 -20.94 -24.51 -31.47
C LEU B 451 -20.99 -24.19 -32.97
N VAL B 452 -20.16 -24.88 -33.72
CA VAL B 452 -20.03 -24.60 -35.14
C VAL B 452 -21.31 -24.77 -35.96
N GLU B 453 -21.53 -23.80 -36.85
CA GLU B 453 -22.84 -23.65 -37.50
C GLU B 453 -23.22 -24.80 -38.40
N ASP B 454 -22.25 -25.45 -39.06
CA ASP B 454 -22.62 -26.54 -39.93
C ASP B 454 -22.37 -27.92 -39.36
N GLY B 455 -22.01 -28.02 -38.08
CA GLY B 455 -21.77 -29.32 -37.49
C GLY B 455 -20.65 -30.13 -38.12
N LYS B 456 -19.64 -29.44 -38.64
CA LYS B 456 -18.52 -30.09 -39.33
C LYS B 456 -17.16 -29.66 -38.74
N TYR B 457 -16.21 -30.57 -38.87
CA TYR B 457 -14.87 -30.29 -38.45
C TYR B 457 -14.14 -29.43 -39.45
N GLY B 458 -14.15 -29.82 -40.71
CA GLY B 458 -13.56 -28.98 -41.73
C GLY B 458 -12.97 -29.77 -42.88
N ALA B 459 -13.58 -29.59 -44.06
CA ALA B 459 -13.08 -30.17 -45.29
C ALA B 459 -13.21 -29.20 -46.46
N GLN B 460 -12.45 -29.47 -47.52
CA GLN B 460 -12.43 -28.62 -48.71
C GLN B 460 -13.28 -29.25 -49.82
N ASP B 461 -14.15 -28.43 -50.38
CA ASP B 461 -15.02 -28.86 -51.48
C ASP B 461 -14.16 -29.14 -52.73
N ASP B 462 -14.36 -30.30 -53.34
CA ASP B 462 -13.46 -30.74 -54.41
C ASP B 462 -13.72 -29.98 -55.72
N VAL B 463 -14.80 -29.21 -55.78
CA VAL B 463 -15.14 -28.46 -57.00
C VAL B 463 -14.88 -26.95 -56.85
N ASN B 464 -15.40 -26.30 -55.82
CA ASN B 464 -15.16 -24.85 -55.67
C ASN B 464 -14.04 -24.47 -54.69
N GLY B 465 -13.38 -25.47 -54.08
CA GLY B 465 -12.23 -25.21 -53.21
C GLY B 465 -12.54 -24.50 -51.89
N GLN B 466 -13.80 -24.28 -51.56
CA GLN B 466 -14.20 -23.64 -50.31
C GLN B 466 -14.16 -24.62 -49.14
N TRP B 467 -13.74 -24.12 -47.98
CA TRP B 467 -13.75 -24.89 -46.74
C TRP B 467 -15.07 -24.76 -45.98
N ASN B 468 -15.35 -25.74 -45.14
CA ASN B 468 -16.45 -25.70 -44.21
C ASN B 468 -16.00 -25.96 -42.76
N GLY B 469 -16.97 -26.08 -41.86
CA GLY B 469 -16.67 -26.45 -40.48
C GLY B 469 -15.87 -25.45 -39.68
N MET B 470 -15.23 -25.98 -38.64
CA MET B 470 -14.41 -25.16 -37.79
C MET B 470 -13.21 -24.55 -38.56
N VAL B 471 -12.66 -25.31 -39.50
CA VAL B 471 -11.55 -24.81 -40.31
C VAL B 471 -11.96 -23.53 -41.04
N ARG B 472 -13.14 -23.53 -41.65
CA ARG B 472 -13.63 -22.32 -42.30
C ARG B 472 -13.82 -21.16 -41.32
N GLU B 473 -14.30 -21.42 -40.10
CA GLU B 473 -14.46 -20.34 -39.10
C GLU B 473 -13.11 -19.70 -38.81
N LEU B 474 -12.06 -20.51 -38.77
CA LEU B 474 -10.74 -19.97 -38.51
C LEU B 474 -10.22 -19.17 -39.70
N ILE B 475 -10.35 -19.72 -40.89
CA ILE B 475 -9.84 -19.08 -42.10
C ILE B 475 -10.44 -17.67 -42.20
N ASP B 476 -11.73 -17.58 -41.90
CA ASP B 476 -12.46 -16.32 -42.06
C ASP B 476 -12.36 -15.40 -40.85
N HIS B 477 -11.57 -15.80 -39.86
CA HIS B 477 -11.38 -15.07 -38.62
C HIS B 477 -12.67 -14.84 -37.86
N LYS B 478 -13.59 -15.78 -37.96
CA LYS B 478 -14.78 -15.77 -37.15
C LYS B 478 -14.52 -16.39 -35.79
N ALA B 479 -13.53 -17.27 -35.68
CA ALA B 479 -13.12 -17.78 -34.40
C ALA B 479 -11.64 -17.52 -34.19
N ASP B 480 -11.25 -17.43 -32.94
CA ASP B 480 -9.85 -17.30 -32.58
C ASP B 480 -9.16 -18.65 -32.42
N LEU B 481 -9.91 -19.60 -31.86
CA LEU B 481 -9.44 -20.94 -31.54
C LEU B 481 -10.51 -21.96 -31.88
N ALA B 482 -10.09 -23.13 -32.33
CA ALA B 482 -10.94 -24.29 -32.45
C ALA B 482 -10.42 -25.28 -31.43
N VAL B 483 -11.17 -25.50 -30.34
CA VAL B 483 -10.73 -26.41 -29.31
C VAL B 483 -11.69 -27.58 -29.36
N ALA B 484 -11.19 -28.67 -29.91
CA ALA B 484 -11.97 -29.81 -30.35
C ALA B 484 -10.94 -30.88 -30.75
N PRO B 485 -11.38 -32.14 -30.94
CA PRO B 485 -10.43 -33.15 -31.41
C PRO B 485 -10.26 -32.99 -32.93
N LEU B 486 -9.59 -31.90 -33.30
CA LEU B 486 -9.38 -31.53 -34.70
C LEU B 486 -8.10 -32.18 -35.19
N THR B 487 -8.22 -33.16 -36.10
CA THR B 487 -7.05 -33.89 -36.53
C THR B 487 -6.12 -33.00 -37.33
N ILE B 488 -4.82 -33.09 -36.98
CA ILE B 488 -3.79 -32.33 -37.68
C ILE B 488 -3.46 -33.07 -38.98
N THR B 489 -3.82 -32.48 -40.12
CA THR B 489 -3.60 -33.14 -41.39
C THR B 489 -2.89 -32.17 -42.34
N TYR B 490 -2.26 -32.74 -43.35
CA TYR B 490 -1.56 -32.00 -44.38
C TYR B 490 -2.43 -30.93 -45.02
N VAL B 491 -3.63 -31.30 -45.49
CA VAL B 491 -4.46 -30.36 -46.20
C VAL B 491 -4.92 -29.21 -45.29
N ARG B 492 -5.21 -29.51 -44.02
CA ARG B 492 -5.63 -28.46 -43.09
C ARG B 492 -4.47 -27.56 -42.65
N GLU B 493 -3.29 -28.14 -42.42
CA GLU B 493 -2.18 -27.38 -41.89
C GLU B 493 -1.70 -26.34 -42.93
N LYS B 494 -2.03 -26.57 -44.19
CA LYS B 494 -1.71 -25.60 -45.23
C LYS B 494 -2.55 -24.33 -45.14
N VAL B 495 -3.70 -24.39 -44.47
CA VAL B 495 -4.65 -23.25 -44.48
C VAL B 495 -4.94 -22.67 -43.12
N ILE B 496 -4.67 -23.38 -42.04
CA ILE B 496 -4.73 -22.85 -40.68
C ILE B 496 -3.43 -23.21 -39.96
N ASP B 497 -3.25 -22.67 -38.76
CA ASP B 497 -2.09 -22.95 -37.91
C ASP B 497 -2.50 -23.79 -36.68
N PHE B 498 -2.01 -25.01 -36.59
CA PHE B 498 -2.32 -25.88 -35.47
C PHE B 498 -1.33 -25.73 -34.37
N SER B 499 -1.77 -25.83 -33.15
CA SER B 499 -0.86 -26.16 -32.06
C SER B 499 -0.25 -27.51 -32.24
N LYS B 500 0.81 -27.80 -31.48
CA LYS B 500 1.28 -29.16 -31.41
C LYS B 500 0.20 -30.02 -30.76
N PRO B 501 0.22 -31.33 -30.99
CA PRO B 501 -0.92 -32.17 -30.59
C PRO B 501 -1.09 -32.32 -29.09
N PHE B 502 -2.31 -32.18 -28.59
CA PHE B 502 -2.57 -32.50 -27.20
C PHE B 502 -2.86 -33.96 -26.97
N MET B 503 -3.14 -34.71 -28.04
CA MET B 503 -3.33 -36.15 -27.99
C MET B 503 -2.73 -36.75 -29.26
N THR B 504 -2.00 -37.87 -29.17
CA THR B 504 -1.49 -38.57 -30.36
C THR B 504 -2.08 -39.98 -30.33
N LEU B 505 -2.44 -40.50 -31.50
CA LEU B 505 -3.32 -41.65 -31.61
C LEU B 505 -3.12 -42.27 -32.99
N GLY B 506 -3.97 -43.23 -33.36
CA GLY B 506 -3.93 -43.80 -34.71
C GLY B 506 -5.13 -44.71 -34.89
N ILE B 507 -5.22 -45.27 -36.07
CA ILE B 507 -6.27 -46.24 -36.36
C ILE B 507 -5.90 -47.54 -35.69
N SER B 508 -6.88 -48.23 -35.13
CA SER B 508 -6.64 -49.60 -34.67
C SER B 508 -7.92 -50.44 -34.85
N ILE B 509 -7.93 -51.60 -34.22
CA ILE B 509 -8.98 -52.62 -34.42
C ILE B 509 -9.72 -52.91 -33.15
N LEU B 510 -11.05 -52.85 -33.20
CA LEU B 510 -11.91 -53.25 -32.12
C LEU B 510 -12.49 -54.62 -32.37
N TYR B 511 -12.31 -55.52 -31.41
CA TYR B 511 -12.75 -56.90 -31.60
C TYR B 511 -13.05 -57.51 -30.24
N ARG B 512 -13.71 -58.65 -30.23
CA ARG B 512 -14.01 -59.31 -28.96
C ARG B 512 -12.73 -59.92 -28.40
N LYS B 513 -12.72 -60.11 -27.10
CA LYS B 513 -11.59 -60.70 -26.39
C LYS B 513 -11.57 -62.19 -26.61
N GLY B 514 -10.40 -62.79 -26.43
CA GLY B 514 -10.29 -64.22 -26.29
C GLY B 514 -10.09 -65.02 -27.56
N THR B 515 -9.59 -64.35 -28.57
CA THR B 515 -9.37 -64.94 -29.88
C THR B 515 -7.88 -64.89 -30.19
N PRO B 516 -7.45 -65.55 -31.28
CA PRO B 516 -6.04 -65.57 -31.67
C PRO B 516 -5.65 -64.44 -32.63
N ILE B 517 -6.62 -63.62 -33.04
CA ILE B 517 -6.31 -62.50 -33.92
C ILE B 517 -5.51 -61.48 -33.15
N ASP B 518 -4.43 -61.01 -33.76
CA ASP B 518 -3.48 -60.18 -33.06
C ASP B 518 -2.98 -58.99 -33.89
N SER B 519 -3.42 -58.90 -35.15
CA SER B 519 -2.93 -57.87 -36.04
C SER B 519 -3.86 -57.67 -37.20
N ALA B 520 -3.68 -56.57 -37.96
CA ALA B 520 -4.43 -56.34 -39.18
C ALA B 520 -4.07 -57.39 -40.23
N ASP B 521 -2.87 -57.93 -40.13
CA ASP B 521 -2.43 -58.95 -41.08
C ASP B 521 -3.30 -60.21 -40.93
N ASP B 522 -3.53 -60.62 -39.69
CA ASP B 522 -4.36 -61.78 -39.41
C ASP B 522 -5.76 -61.64 -39.98
N LEU B 523 -6.28 -60.42 -40.00
CA LEU B 523 -7.56 -60.16 -40.61
C LEU B 523 -7.47 -60.16 -42.12
N ALA B 524 -6.38 -59.59 -42.63
CA ALA B 524 -6.27 -59.35 -44.06
C ALA B 524 -6.15 -60.67 -44.83
N LYS B 525 -5.53 -61.66 -44.20
CA LYS B 525 -5.23 -62.93 -44.86
C LYS B 525 -6.30 -64.00 -44.59
N GLN B 526 -7.52 -63.55 -44.31
CA GLN B 526 -8.65 -64.49 -44.16
C GLN B 526 -9.97 -63.83 -44.54
N THR B 527 -11.06 -64.60 -44.47
CA THR B 527 -12.37 -64.12 -44.93
C THR B 527 -13.52 -64.54 -44.02
N LYS B 528 -13.24 -65.46 -43.09
CA LYS B 528 -14.24 -65.94 -42.16
C LYS B 528 -14.72 -64.81 -41.21
N ILE B 529 -13.77 -64.10 -40.61
CA ILE B 529 -14.06 -62.95 -39.76
C ILE B 529 -14.23 -61.71 -40.63
N GLU B 530 -15.42 -61.11 -40.60
CA GLU B 530 -15.64 -59.93 -41.38
C GLU B 530 -15.04 -58.72 -40.64
N TYR B 531 -14.72 -57.66 -41.37
CA TYR B 531 -14.21 -56.44 -40.74
C TYR B 531 -14.56 -55.27 -41.62
N GLY B 532 -14.69 -54.10 -41.03
CA GLY B 532 -15.07 -52.94 -41.77
C GLY B 532 -14.85 -51.69 -40.95
N ALA B 533 -15.59 -50.67 -41.32
CA ALA B 533 -15.39 -49.34 -40.79
C ALA B 533 -16.65 -48.54 -40.97
N VAL B 534 -16.73 -47.40 -40.32
CA VAL B 534 -17.85 -46.50 -40.53
C VAL B 534 -17.71 -45.84 -41.91
N GLU B 535 -18.78 -45.94 -42.69
CA GLU B 535 -18.76 -45.46 -44.04
C GLU B 535 -18.46 -43.95 -44.07
N ASP B 536 -17.53 -43.56 -44.93
CA ASP B 536 -17.16 -42.15 -45.18
C ASP B 536 -16.43 -41.45 -44.02
N GLY B 537 -16.01 -42.20 -43.02
CA GLY B 537 -15.27 -41.61 -41.91
C GLY B 537 -13.81 -41.51 -42.27
N SER B 538 -13.01 -40.93 -41.35
CA SER B 538 -11.59 -40.77 -41.61
C SER B 538 -10.90 -42.10 -41.71
N THR B 539 -11.33 -43.08 -40.93
CA THR B 539 -10.69 -44.38 -40.98
C THR B 539 -10.94 -45.06 -42.30
N MET B 540 -12.17 -45.04 -42.77
CA MET B 540 -12.42 -45.69 -44.07
C MET B 540 -11.57 -45.00 -45.16
N THR B 541 -11.52 -43.68 -45.10
CA THR B 541 -10.76 -42.88 -46.05
C THR B 541 -9.28 -43.27 -46.07
N PHE B 542 -8.67 -43.51 -44.90
CA PHE B 542 -7.30 -44.01 -44.85
C PHE B 542 -7.13 -45.28 -45.67
N PHE B 543 -8.02 -46.24 -45.48
CA PHE B 543 -7.89 -47.52 -46.18
C PHE B 543 -8.11 -47.37 -47.66
N LYS B 544 -9.01 -46.47 -48.02
CA LYS B 544 -9.34 -46.28 -49.44
C LYS B 544 -8.08 -45.81 -50.20
N LYS B 545 -7.09 -45.30 -49.47
CA LYS B 545 -5.93 -44.64 -50.06
C LYS B 545 -4.59 -45.32 -49.79
N SER B 546 -4.53 -46.18 -48.78
CA SER B 546 -3.25 -46.78 -48.43
C SER B 546 -2.73 -47.54 -49.64
N LYS B 547 -1.47 -47.32 -49.96
CA LYS B 547 -0.79 -48.15 -50.93
C LYS B 547 0.00 -49.19 -50.17
N ILE B 548 -0.11 -49.18 -48.85
CA ILE B 548 0.54 -50.20 -48.05
C ILE B 548 -0.16 -51.51 -48.38
N SER B 549 0.57 -52.62 -48.36
CA SER B 549 0.06 -53.87 -48.92
C SER B 549 -1.18 -54.35 -48.18
N THR B 550 -0.98 -54.72 -46.92
CA THR B 550 -2.04 -55.23 -46.07
C THR B 550 -3.31 -54.35 -46.18
N TYR B 551 -3.14 -53.04 -46.03
CA TYR B 551 -4.28 -52.14 -45.95
C TYR B 551 -4.96 -52.00 -47.31
N ASP B 552 -4.18 -52.14 -48.38
CA ASP B 552 -4.77 -52.15 -49.71
C ASP B 552 -5.63 -53.39 -49.90
N LYS B 553 -5.18 -54.54 -49.40
CA LYS B 553 -5.97 -55.76 -49.48
C LYS B 553 -7.25 -55.64 -48.64
N MET B 554 -7.11 -55.02 -47.48
CA MET B 554 -8.23 -54.85 -46.58
C MET B 554 -9.29 -54.02 -47.26
N TRP B 555 -8.87 -53.02 -48.00
CA TRP B 555 -9.82 -52.15 -48.64
C TRP B 555 -10.50 -52.83 -49.81
N ALA B 556 -9.75 -53.69 -50.52
CA ALA B 556 -10.34 -54.50 -51.58
C ALA B 556 -11.56 -55.25 -51.02
N PHE B 557 -11.33 -55.93 -49.89
CA PHE B 557 -12.38 -56.68 -49.19
C PHE B 557 -13.54 -55.79 -48.75
N MET B 558 -13.23 -54.71 -48.04
CA MET B 558 -14.28 -53.83 -47.53
C MET B 558 -15.10 -53.24 -48.66
N SER B 559 -14.42 -52.82 -49.72
CA SER B 559 -15.12 -52.17 -50.82
C SER B 559 -16.05 -53.14 -51.53
N SER B 560 -15.59 -54.37 -51.74
CA SER B 560 -16.42 -55.34 -52.44
C SER B 560 -17.62 -55.73 -51.60
N ARG B 561 -17.40 -56.00 -50.31
CA ARG B 561 -18.48 -56.41 -49.43
C ARG B 561 -19.03 -55.23 -48.63
N ARG B 562 -19.02 -54.03 -49.23
CA ARG B 562 -19.40 -52.83 -48.49
C ARG B 562 -20.81 -52.83 -47.95
N GLN B 563 -21.77 -53.44 -48.64
CA GLN B 563 -23.10 -53.42 -48.08
C GLN B 563 -23.17 -54.25 -46.79
N SER B 564 -22.26 -55.23 -46.69
CA SER B 564 -22.21 -56.12 -45.56
C SER B 564 -21.32 -55.62 -44.42
N VAL B 565 -20.23 -54.90 -44.71
CA VAL B 565 -19.25 -54.61 -43.66
C VAL B 565 -18.97 -53.13 -43.34
N LEU B 566 -19.42 -52.20 -44.18
CA LEU B 566 -19.33 -50.78 -43.85
C LEU B 566 -20.62 -50.43 -43.18
N VAL B 567 -20.54 -49.75 -42.04
CA VAL B 567 -21.68 -49.47 -41.20
C VAL B 567 -21.87 -47.95 -41.24
N LYS B 568 -23.07 -47.47 -40.95
CA LYS B 568 -23.37 -46.04 -41.07
C LYS B 568 -23.02 -45.26 -39.83
N SER B 569 -22.76 -45.95 -38.72
CA SER B 569 -22.42 -45.25 -37.48
C SER B 569 -21.54 -46.09 -36.58
N SER B 570 -20.78 -45.41 -35.74
CA SER B 570 -19.93 -46.07 -34.78
C SER B 570 -20.76 -47.01 -33.92
N GLU B 571 -21.94 -46.53 -33.52
CA GLU B 571 -22.80 -47.29 -32.64
C GLU B 571 -23.22 -48.62 -33.29
N GLU B 572 -23.56 -48.60 -34.58
CA GLU B 572 -23.91 -49.83 -35.28
C GLU B 572 -22.75 -50.78 -35.36
N GLY B 573 -21.58 -50.22 -35.64
CA GLY B 573 -20.35 -50.98 -35.71
C GLY B 573 -20.05 -51.71 -34.40
N ILE B 574 -20.18 -51.01 -33.29
CA ILE B 574 -19.92 -51.63 -31.99
C ILE B 574 -20.90 -52.79 -31.74
N GLN B 575 -22.17 -52.61 -32.08
CA GLN B 575 -23.12 -53.74 -31.96
C GLN B 575 -22.79 -54.93 -32.83
N ARG B 576 -22.27 -54.71 -34.02
CA ARG B 576 -21.85 -55.77 -34.85
C ARG B 576 -20.67 -56.55 -34.25
N VAL B 577 -19.74 -55.84 -33.61
CA VAL B 577 -18.63 -56.53 -32.97
C VAL B 577 -19.18 -57.39 -31.83
N LEU B 578 -20.16 -56.87 -31.10
CA LEU B 578 -20.70 -57.57 -29.93
C LEU B 578 -21.56 -58.78 -30.28
N THR B 579 -22.19 -58.80 -31.46
CA THR B 579 -23.25 -59.78 -31.74
C THR B 579 -22.90 -60.67 -32.90
N SER B 580 -21.73 -60.49 -33.49
CA SER B 580 -21.35 -61.27 -34.65
C SER B 580 -19.84 -61.33 -34.76
N ASP B 581 -19.35 -62.11 -35.71
CA ASP B 581 -17.93 -62.37 -35.79
C ASP B 581 -17.33 -61.32 -36.69
N TYR B 582 -17.13 -60.14 -36.11
CA TYR B 582 -16.80 -58.93 -36.86
C TYR B 582 -15.84 -58.07 -36.08
N ALA B 583 -14.92 -57.45 -36.81
CA ALA B 583 -13.97 -56.51 -36.23
C ALA B 583 -14.18 -55.15 -36.85
N LEU B 584 -14.02 -54.10 -36.06
CA LEU B 584 -14.27 -52.73 -36.51
C LEU B 584 -12.97 -51.92 -36.47
N LEU B 585 -12.62 -51.32 -37.60
CA LEU B 585 -11.47 -50.41 -37.71
C LEU B 585 -11.92 -49.02 -37.31
N MET B 586 -11.25 -48.40 -36.36
CA MET B 586 -11.65 -47.05 -35.88
C MET B 586 -10.48 -46.35 -35.19
N GLU B 587 -10.66 -45.10 -34.82
CA GLU B 587 -9.61 -44.34 -34.17
C GLU B 587 -9.40 -44.90 -32.77
N SER B 588 -8.14 -44.98 -32.36
CA SER B 588 -7.75 -45.62 -31.10
C SER B 588 -8.32 -44.91 -29.85
N THR B 589 -8.57 -43.60 -29.96
CA THR B 589 -9.22 -42.84 -28.88
C THR B 589 -10.66 -43.34 -28.68
N THR B 590 -11.39 -43.54 -29.76
CA THR B 590 -12.73 -44.11 -29.67
C THR B 590 -12.68 -45.53 -29.16
N ILE B 591 -11.73 -46.33 -29.64
CA ILE B 591 -11.62 -47.69 -29.17
C ILE B 591 -11.41 -47.75 -27.67
N GLU B 592 -10.54 -46.89 -27.14
CA GLU B 592 -10.31 -46.86 -25.71
C GLU B 592 -11.57 -46.48 -24.92
N PHE B 593 -12.33 -45.53 -25.45
CA PHE B 593 -13.56 -45.13 -24.80
C PHE B 593 -14.52 -46.31 -24.72
N VAL B 594 -14.59 -47.04 -25.81
CA VAL B 594 -15.47 -48.19 -25.91
C VAL B 594 -15.04 -49.35 -25.02
N THR B 595 -13.75 -49.64 -25.00
CA THR B 595 -13.29 -50.83 -24.29
C THR B 595 -13.32 -50.56 -22.79
N GLN B 596 -13.28 -49.30 -22.37
CA GLN B 596 -13.45 -49.00 -20.96
C GLN B 596 -14.87 -49.25 -20.50
N ARG B 597 -15.81 -49.35 -21.44
CA ARG B 597 -17.24 -49.45 -21.15
C ARG B 597 -17.82 -50.78 -21.60
N ASN B 598 -17.00 -51.59 -22.25
CA ASN B 598 -17.42 -52.89 -22.79
C ASN B 598 -16.33 -53.88 -22.47
N CYS B 599 -16.45 -54.52 -21.32
CA CYS B 599 -15.34 -55.30 -20.76
C CYS B 599 -15.00 -56.53 -21.60
N ASN B 600 -15.81 -56.99 -22.54
CA ASN B 600 -15.37 -58.15 -23.35
C ASN B 600 -14.78 -57.78 -24.69
N LEU B 601 -14.75 -56.49 -24.95
CA LEU B 601 -14.08 -56.03 -26.17
C LEU B 601 -12.64 -55.58 -25.88
N THR B 602 -11.81 -55.56 -26.91
CA THR B 602 -10.42 -55.16 -26.79
C THR B 602 -9.87 -54.53 -28.05
N GLN B 603 -8.80 -53.75 -27.92
CA GLN B 603 -8.06 -53.33 -29.08
C GLN B 603 -7.19 -54.48 -29.57
N ILE B 604 -7.14 -54.70 -30.87
CA ILE B 604 -6.30 -55.72 -31.46
C ILE B 604 -5.11 -55.06 -32.12
N GLY B 605 -3.91 -55.42 -31.68
CA GLY B 605 -2.75 -54.92 -32.38
C GLY B 605 -2.44 -53.53 -31.90
N GLY B 606 -1.54 -52.89 -32.60
CA GLY B 606 -1.15 -51.53 -32.25
C GLY B 606 -1.80 -50.56 -33.19
N LEU B 607 -1.14 -49.43 -33.37
CA LEU B 607 -1.66 -48.39 -34.26
C LEU B 607 -1.26 -48.64 -35.69
N ILE B 608 -2.18 -48.36 -36.59
CA ILE B 608 -2.08 -48.60 -38.02
C ILE B 608 -1.59 -47.37 -38.77
N ASP B 609 -1.87 -46.19 -38.24
CA ASP B 609 -1.27 -44.94 -38.75
C ASP B 609 -0.96 -44.10 -37.49
N SER B 610 -0.49 -42.89 -37.68
CA SER B 610 -0.19 -42.05 -36.54
C SER B 610 -0.71 -40.66 -36.89
N LYS B 611 -1.46 -40.07 -35.96
CA LYS B 611 -1.86 -38.72 -36.12
C LYS B 611 -2.19 -38.11 -34.76
N GLY B 612 -2.35 -36.80 -34.74
CA GLY B 612 -2.63 -36.06 -33.52
C GLY B 612 -3.84 -35.14 -33.66
N TYR B 613 -4.42 -34.79 -32.52
CA TYR B 613 -5.41 -33.73 -32.42
C TYR B 613 -4.73 -32.47 -31.92
N GLY B 614 -5.00 -31.32 -32.54
CA GLY B 614 -4.43 -30.06 -32.15
C GLY B 614 -5.47 -28.97 -32.00
N VAL B 615 -5.13 -27.90 -31.28
CA VAL B 615 -5.95 -26.71 -31.27
C VAL B 615 -5.72 -25.94 -32.55
N GLY B 616 -6.80 -25.62 -33.25
CA GLY B 616 -6.69 -24.84 -34.47
C GLY B 616 -6.70 -23.34 -34.22
N THR B 617 -5.88 -22.59 -34.97
CA THR B 617 -5.91 -21.13 -34.93
C THR B 617 -5.83 -20.65 -36.36
N PRO B 618 -6.24 -19.40 -36.61
CA PRO B 618 -6.03 -18.85 -37.95
C PRO B 618 -4.54 -18.75 -38.29
N MET B 619 -4.21 -18.86 -39.58
CA MET B 619 -2.82 -18.75 -40.02
C MET B 619 -2.25 -17.40 -39.51
N GLY B 620 -1.08 -17.46 -38.89
CA GLY B 620 -0.45 -16.26 -38.38
C GLY B 620 -0.82 -15.88 -36.97
N SER B 621 -1.68 -16.65 -36.31
CA SER B 621 -2.12 -16.31 -34.96
C SER B 621 -0.99 -16.31 -33.98
N PRO B 622 -0.89 -15.28 -33.12
CA PRO B 622 0.08 -15.28 -32.03
C PRO B 622 -0.24 -16.27 -30.92
N TYR B 623 -1.48 -16.76 -30.87
CA TYR B 623 -1.80 -17.71 -29.83
C TYR B 623 -1.26 -19.11 -30.13
N ARG B 624 -0.98 -19.42 -31.39
CA ARG B 624 -0.56 -20.79 -31.75
C ARG B 624 0.63 -21.27 -30.93
N ASP B 625 1.74 -20.53 -30.97
CA ASP B 625 2.94 -20.93 -30.22
C ASP B 625 2.77 -20.86 -28.72
N LYS B 626 1.93 -19.95 -28.21
CA LYS B 626 1.67 -19.90 -26.77
C LYS B 626 0.92 -21.14 -26.28
N ILE B 627 -0.04 -21.56 -27.06
CA ILE B 627 -0.86 -22.75 -26.76
C ILE B 627 0.00 -24.00 -26.85
N THR B 628 0.85 -24.05 -27.87
CA THR B 628 1.81 -25.17 -27.99
C THR B 628 2.67 -25.29 -26.73
N ILE B 629 3.25 -24.19 -26.26
CA ILE B 629 4.11 -24.26 -25.06
C ILE B 629 3.28 -24.65 -23.85
N ALA B 630 2.06 -24.12 -23.74
CA ALA B 630 1.23 -24.52 -22.61
C ALA B 630 0.85 -26.01 -22.65
N ILE B 631 0.53 -26.52 -23.82
CA ILE B 631 0.21 -27.94 -23.99
C ILE B 631 1.42 -28.81 -23.62
N LEU B 632 2.62 -28.43 -24.08
CA LEU B 632 3.80 -29.21 -23.75
C LEU B 632 4.09 -29.25 -22.25
N GLN B 633 3.87 -28.13 -21.60
CA GLN B 633 4.04 -28.09 -20.14
C GLN B 633 3.01 -28.92 -19.38
N LEU B 634 1.74 -28.81 -19.78
CA LEU B 634 0.68 -29.67 -19.26
C LEU B 634 1.00 -31.14 -19.46
N GLN B 635 1.57 -31.53 -20.61
CA GLN B 635 1.92 -32.90 -20.82
C GLN B 635 3.01 -33.35 -19.86
N GLU B 636 4.05 -32.55 -19.78
CA GLU B 636 5.22 -32.92 -18.98
C GLU B 636 4.87 -33.00 -17.51
N GLU B 637 3.97 -32.12 -17.06
CA GLU B 637 3.52 -32.14 -15.68
C GLU B 637 2.59 -33.30 -15.36
N GLY B 638 2.15 -34.06 -16.37
CA GLY B 638 1.25 -35.19 -16.18
C GLY B 638 -0.22 -34.82 -16.18
N LYS B 639 -0.50 -33.56 -16.43
CA LYS B 639 -1.88 -33.10 -16.32
C LYS B 639 -2.78 -33.55 -17.47
N LEU B 640 -2.24 -33.67 -18.68
CA LEU B 640 -3.10 -34.13 -19.78
C LEU B 640 -3.41 -35.59 -19.64
N HIS B 641 -2.47 -36.33 -19.09
CA HIS B 641 -2.71 -37.71 -18.82
C HIS B 641 -3.83 -37.87 -17.78
N MET B 642 -3.82 -37.02 -16.75
CA MET B 642 -4.89 -37.05 -15.75
C MET B 642 -6.26 -36.72 -16.37
N MET B 643 -6.25 -35.73 -17.26
CA MET B 643 -7.46 -35.29 -17.94
C MET B 643 -8.02 -36.42 -18.82
N LYS B 644 -7.14 -37.10 -19.52
CA LYS B 644 -7.55 -38.22 -20.32
C LYS B 644 -8.18 -39.31 -19.47
N GLU B 645 -7.54 -39.66 -18.35
CA GLU B 645 -8.11 -40.70 -17.51
C GLU B 645 -9.44 -40.27 -16.94
N LYS B 646 -9.59 -38.99 -16.60
CA LYS B 646 -10.83 -38.50 -16.02
C LYS B 646 -12.00 -38.77 -16.97
N TRP B 647 -11.81 -38.48 -18.24
CA TRP B 647 -12.90 -38.56 -19.23
C TRP B 647 -13.05 -39.91 -19.90
N TRP B 648 -12.00 -40.75 -19.91
CA TRP B 648 -12.07 -42.04 -20.56
C TRP B 648 -12.35 -43.22 -19.63
N ARG B 649 -11.92 -43.16 -18.36
CA ARG B 649 -12.04 -44.37 -17.52
C ARG B 649 -13.48 -44.75 -17.25
N GLY B 650 -13.77 -46.05 -17.30
CA GLY B 650 -15.13 -46.53 -17.14
C GLY B 650 -15.45 -46.86 -15.69
N THR C 2 55.91 47.54 -44.92
CA THR C 2 54.52 47.98 -44.97
C THR C 2 53.95 48.06 -43.56
N HIS C 3 52.65 47.77 -43.44
CA HIS C 3 51.92 47.83 -42.16
C HIS C 3 52.40 46.71 -41.21
N VAL C 4 52.48 46.99 -39.91
CA VAL C 4 52.96 45.98 -38.94
C VAL C 4 52.16 45.92 -37.63
N LEU C 5 51.95 44.70 -37.14
CA LEU C 5 51.13 44.44 -35.96
C LEU C 5 51.80 43.43 -35.03
N ARG C 6 51.82 43.71 -33.73
CA ARG C 6 52.53 42.85 -32.78
C ARG C 6 51.58 42.05 -31.88
N PHE C 7 51.79 40.74 -31.79
CA PHE C 7 51.06 39.88 -30.85
C PHE C 7 51.94 39.56 -29.65
N GLY C 8 51.32 39.31 -28.51
CA GLY C 8 52.06 38.87 -27.33
C GLY C 8 51.85 37.39 -27.11
N GLY C 9 52.82 36.72 -26.52
CA GLY C 9 52.72 35.31 -26.22
C GLY C 9 53.21 35.04 -24.81
N ILE C 10 52.44 34.28 -24.03
CA ILE C 10 52.90 33.88 -22.70
C ILE C 10 52.80 32.37 -22.53
N PHE C 11 53.96 31.72 -22.41
CA PHE C 11 54.02 30.26 -22.38
C PHE C 11 54.58 29.70 -21.08
N GLU C 12 53.90 28.69 -20.54
CA GLU C 12 54.19 28.14 -19.22
C GLU C 12 55.16 26.97 -19.39
N TYR C 13 56.06 26.78 -18.44
CA TYR C 13 56.99 25.63 -18.49
C TYR C 13 57.61 25.24 -17.13
N VAL C 14 58.18 24.04 -17.07
CA VAL C 14 58.91 23.58 -15.89
C VAL C 14 60.39 23.41 -16.24
N GLU C 15 61.27 23.71 -15.28
CA GLU C 15 62.72 23.70 -15.52
C GLU C 15 63.14 24.73 -16.58
N SER C 16 63.71 24.27 -17.70
CA SER C 16 64.18 25.18 -18.75
C SER C 16 63.75 24.71 -20.13
N GLY C 17 64.53 25.05 -21.14
CA GLY C 17 64.25 24.61 -22.51
C GLY C 17 64.13 23.10 -22.60
N PRO C 18 63.80 22.58 -23.80
CA PRO C 18 63.57 23.31 -25.05
C PRO C 18 62.30 24.16 -25.03
N MET C 19 61.86 24.62 -26.20
CA MET C 19 60.55 25.24 -26.34
C MET C 19 59.49 24.17 -26.23
N GLY C 20 58.31 24.54 -25.77
CA GLY C 20 57.22 23.60 -25.68
C GLY C 20 56.38 23.62 -26.95
N ALA C 21 55.46 22.67 -27.07
CA ALA C 21 54.58 22.58 -28.22
C ALA C 21 53.81 23.87 -28.47
N GLU C 22 53.24 24.47 -27.41
CA GLU C 22 52.44 25.67 -27.59
C GLU C 22 53.28 26.82 -28.14
N GLU C 23 54.38 27.18 -27.47
CA GLU C 23 55.18 28.29 -27.95
C GLU C 23 55.70 28.02 -29.36
N LEU C 24 55.88 26.75 -29.70
CA LEU C 24 56.35 26.40 -31.03
C LEU C 24 55.29 26.62 -32.10
N ALA C 25 54.07 26.18 -31.82
CA ALA C 25 52.98 26.34 -32.77
C ALA C 25 52.66 27.83 -33.00
N PHE C 26 52.83 28.62 -31.94
CA PHE C 26 52.58 30.05 -32.00
C PHE C 26 53.52 30.67 -33.00
N ARG C 27 54.81 30.41 -32.83
CA ARG C 27 55.84 30.96 -33.70
C ARG C 27 55.66 30.47 -35.11
N PHE C 28 55.35 29.18 -35.23
CA PHE C 28 55.19 28.52 -36.50
C PHE C 28 54.03 29.14 -37.28
N ALA C 29 52.95 29.48 -36.57
CA ALA C 29 51.77 30.07 -37.21
C ALA C 29 52.10 31.46 -37.75
N VAL C 30 52.76 32.26 -36.92
CA VAL C 30 53.20 33.59 -37.35
C VAL C 30 54.12 33.54 -38.57
N ASN C 31 55.10 32.63 -38.60
CA ASN C 31 56.04 32.56 -39.73
C ASN C 31 55.32 32.16 -41.01
N THR C 32 54.36 31.25 -40.87
CA THR C 32 53.57 30.75 -41.99
C THR C 32 52.70 31.84 -42.58
N ILE C 33 51.96 32.52 -41.71
CA ILE C 33 50.99 33.53 -42.14
C ILE C 33 51.70 34.64 -42.88
N ASN C 34 52.87 35.02 -42.38
CA ASN C 34 53.64 36.07 -43.02
C ASN C 34 53.90 35.74 -44.50
N ARG C 35 54.25 34.49 -44.77
CA ARG C 35 54.57 34.03 -46.13
C ARG C 35 53.34 33.84 -47.01
N ASN C 36 52.18 33.59 -46.40
CA ASN C 36 50.92 33.56 -47.15
C ASN C 36 50.69 34.93 -47.76
N ARG C 37 50.29 34.96 -49.03
CA ARG C 37 50.07 36.24 -49.72
C ARG C 37 48.59 36.52 -49.88
N THR C 38 47.76 35.57 -49.44
CA THR C 38 46.32 35.76 -49.45
C THR C 38 45.86 36.30 -48.10
N LEU C 39 46.53 35.86 -47.04
CA LEU C 39 46.17 36.27 -45.69
C LEU C 39 47.14 37.32 -45.17
N LEU C 40 46.58 38.45 -44.73
CA LEU C 40 47.38 39.61 -44.38
C LEU C 40 48.45 39.81 -45.44
N PRO C 41 48.02 40.29 -46.63
CA PRO C 41 48.89 40.57 -47.77
C PRO C 41 49.82 41.72 -47.47
N ASN C 42 49.23 42.85 -47.07
CA ASN C 42 49.97 44.08 -46.83
C ASN C 42 50.37 44.24 -45.37
N THR C 43 50.11 43.22 -44.57
CA THR C 43 50.37 43.27 -43.14
C THR C 43 51.38 42.19 -42.71
N THR C 44 52.31 42.57 -41.84
CA THR C 44 53.37 41.67 -41.39
C THR C 44 53.37 41.51 -39.87
N LEU C 45 53.14 40.28 -39.39
CA LEU C 45 53.05 40.01 -37.94
C LEU C 45 54.40 39.89 -37.24
N THR C 46 54.47 40.45 -36.04
CA THR C 46 55.65 40.40 -35.19
C THR C 46 55.19 39.94 -33.79
N TYR C 47 56.10 39.59 -32.89
CA TYR C 47 55.67 39.16 -31.57
C TYR C 47 56.71 39.33 -30.47
N ASP C 48 56.23 39.44 -29.25
CA ASP C 48 57.06 39.29 -28.06
C ASP C 48 56.66 37.99 -27.37
N THR C 49 57.64 37.17 -26.98
CA THR C 49 57.34 35.98 -26.18
C THR C 49 57.98 36.05 -24.81
N GLN C 50 57.20 35.65 -23.81
CA GLN C 50 57.63 35.63 -22.43
C GLN C 50 57.39 34.24 -21.92
N LYS C 51 58.31 33.73 -21.10
CA LYS C 51 58.16 32.40 -20.51
C LYS C 51 57.94 32.56 -19.02
N ILE C 52 57.05 31.75 -18.46
CA ILE C 52 56.79 31.82 -17.02
C ILE C 52 56.71 30.44 -16.39
N ASN C 53 56.81 30.42 -15.07
CA ASN C 53 56.66 29.20 -14.28
C ASN C 53 55.20 28.78 -14.32
N LEU C 54 54.96 27.48 -14.13
CA LEU C 54 53.59 27.00 -14.05
C LEU C 54 53.00 27.43 -12.72
N TYR C 55 51.83 28.05 -12.76
CA TYR C 55 51.08 28.32 -11.54
C TYR C 55 51.56 29.56 -10.80
N ASP C 56 52.40 30.37 -11.45
CA ASP C 56 52.81 31.64 -10.86
C ASP C 56 51.97 32.75 -11.49
N SER C 57 50.78 32.99 -10.96
CA SER C 57 49.91 34.01 -11.56
C SER C 57 50.53 35.39 -11.40
N PHE C 58 51.23 35.64 -10.30
CA PHE C 58 52.01 36.86 -10.12
C PHE C 58 52.96 37.14 -11.28
N GLU C 59 53.76 36.15 -11.66
CA GLU C 59 54.68 36.34 -12.77
C GLU C 59 53.92 36.54 -14.08
N ALA C 60 52.84 35.79 -14.27
CA ALA C 60 52.04 35.94 -15.47
C ALA C 60 51.47 37.36 -15.58
N SER C 61 51.10 37.95 -14.45
CA SER C 61 50.58 39.31 -14.42
C SER C 61 51.68 40.27 -14.89
N LYS C 62 52.84 40.21 -14.25
CA LYS C 62 53.96 41.06 -14.60
C LYS C 62 54.28 40.97 -16.11
N LYS C 63 54.46 39.76 -16.63
CA LYS C 63 54.81 39.61 -18.04
C LYS C 63 53.71 40.16 -18.95
N ALA C 64 52.44 39.98 -18.57
CA ALA C 64 51.34 40.52 -19.38
C ALA C 64 51.38 42.05 -19.38
N CYS C 65 51.62 42.64 -18.23
CA CYS C 65 51.78 44.09 -18.13
C CYS C 65 52.97 44.62 -18.96
N ASP C 66 54.10 43.92 -18.92
CA ASP C 66 55.23 44.29 -19.77
C ASP C 66 54.81 44.32 -21.24
N GLN C 67 54.09 43.29 -21.66
CA GLN C 67 53.71 43.16 -23.06
C GLN C 67 52.72 44.24 -23.48
N LEU C 68 51.80 44.60 -22.57
CA LEU C 68 50.84 45.64 -22.86
C LEU C 68 51.57 46.98 -22.96
N SER C 69 52.73 47.06 -22.33
CA SER C 69 53.57 48.25 -22.34
C SER C 69 54.33 48.38 -23.66
N LEU C 70 54.97 47.30 -24.10
CA LEU C 70 55.52 47.21 -25.46
C LEU C 70 54.48 47.54 -26.52
N GLY C 71 53.24 47.17 -26.25
CA GLY C 71 52.15 47.37 -27.18
C GLY C 71 51.84 46.12 -27.97
N VAL C 72 50.65 45.57 -27.77
CA VAL C 72 50.25 44.35 -28.49
C VAL C 72 48.77 44.36 -28.78
N ALA C 73 48.38 43.72 -29.86
CA ALA C 73 46.99 43.72 -30.31
C ALA C 73 46.19 42.61 -29.67
N ALA C 74 46.90 41.65 -29.09
CA ALA C 74 46.28 40.53 -28.38
C ALA C 74 47.35 39.78 -27.63
N ILE C 75 46.96 39.19 -26.52
CA ILE C 75 47.85 38.32 -25.77
C ILE C 75 47.35 36.89 -25.87
N PHE C 76 48.14 36.02 -26.48
CA PHE C 76 47.78 34.61 -26.49
C PHE C 76 48.19 34.04 -25.16
N GLY C 77 47.48 34.50 -24.12
CA GLY C 77 47.85 34.33 -22.73
C GLY C 77 48.15 32.90 -22.47
N PRO C 78 48.57 32.57 -21.24
CA PRO C 78 49.02 31.24 -20.81
C PRO C 78 47.87 30.23 -20.69
N SER C 79 48.21 28.97 -20.45
CA SER C 79 47.27 27.86 -20.57
C SER C 79 46.47 27.53 -19.29
N HIS C 80 47.16 27.52 -18.16
CA HIS C 80 46.59 26.94 -16.94
C HIS C 80 45.74 27.88 -16.12
N SER C 81 44.68 27.34 -15.56
CA SER C 81 43.61 28.11 -14.93
C SER C 81 44.04 29.41 -14.23
N SER C 82 44.89 29.32 -13.20
CA SER C 82 45.14 30.49 -12.36
C SER C 82 45.89 31.62 -13.10
N SER C 83 46.89 31.27 -13.91
CA SER C 83 47.60 32.31 -14.64
C SER C 83 46.70 32.88 -15.73
N ALA C 84 45.89 32.03 -16.32
CA ALA C 84 45.03 32.42 -17.42
C ALA C 84 43.92 33.36 -16.97
N ASN C 85 43.39 33.12 -15.78
CA ASN C 85 42.35 33.98 -15.20
C ASN C 85 42.90 35.35 -14.81
N ALA C 86 44.20 35.41 -14.51
CA ALA C 86 44.81 36.64 -14.07
C ALA C 86 45.15 37.52 -15.27
N VAL C 87 45.65 36.90 -16.33
CA VAL C 87 45.94 37.61 -17.56
C VAL C 87 44.64 38.05 -18.23
N GLN C 88 43.56 37.32 -17.98
CA GLN C 88 42.27 37.62 -18.62
C GLN C 88 41.63 38.83 -17.98
N SER C 89 41.87 39.00 -16.68
CA SER C 89 41.31 40.12 -15.93
C SER C 89 42.04 41.40 -16.28
N ILE C 90 43.35 41.27 -16.48
CA ILE C 90 44.19 42.37 -16.91
C ILE C 90 43.78 42.79 -18.32
N CYS C 91 43.79 41.84 -19.24
CA CYS C 91 43.34 42.08 -20.60
C CYS C 91 41.97 42.73 -20.66
N ASN C 92 41.11 42.43 -19.68
CA ASN C 92 39.76 42.97 -19.70
C ASN C 92 39.75 44.43 -19.26
N ALA C 93 40.57 44.74 -18.27
CA ALA C 93 40.70 46.10 -17.78
C ALA C 93 41.34 47.04 -18.81
N LEU C 94 42.26 46.53 -19.62
CA LEU C 94 42.92 47.33 -20.65
C LEU C 94 42.34 47.06 -22.04
N GLY C 95 41.25 46.31 -22.10
CA GLY C 95 40.56 46.08 -23.35
C GLY C 95 41.42 45.57 -24.50
N VAL C 96 42.38 44.70 -24.19
CA VAL C 96 43.09 43.93 -25.22
C VAL C 96 42.61 42.49 -25.23
N PRO C 97 42.28 41.95 -26.40
CA PRO C 97 41.78 40.58 -26.46
C PRO C 97 42.75 39.56 -25.88
N HIS C 98 42.22 38.67 -25.05
CA HIS C 98 43.00 37.56 -24.52
C HIS C 98 42.56 36.31 -25.24
N ILE C 99 43.48 35.66 -25.97
CA ILE C 99 43.15 34.43 -26.71
C ILE C 99 43.58 33.14 -26.00
N GLN C 100 42.61 32.33 -25.57
CA GLN C 100 42.88 31.10 -24.84
C GLN C 100 42.80 29.87 -25.73
N THR C 101 43.49 28.80 -25.34
CA THR C 101 43.51 27.59 -26.15
C THR C 101 43.12 26.35 -25.32
N ARG C 102 42.82 26.57 -24.05
CA ARG C 102 42.61 25.47 -23.13
C ARG C 102 41.41 25.80 -22.27
N TRP C 103 40.67 24.77 -21.90
CA TRP C 103 39.48 24.95 -21.09
C TRP C 103 39.86 25.36 -19.67
N LYS C 104 39.07 26.25 -19.08
CA LYS C 104 39.15 26.53 -17.64
C LYS C 104 37.73 26.77 -17.17
N HIS C 105 37.46 26.57 -15.87
CA HIS C 105 36.09 26.65 -15.38
C HIS C 105 35.52 28.06 -15.48
N GLN C 106 34.42 28.18 -16.23
CA GLN C 106 33.73 29.44 -16.39
C GLN C 106 32.83 29.73 -15.20
N VAL C 107 33.13 30.82 -14.48
CA VAL C 107 32.25 31.29 -13.41
C VAL C 107 31.18 32.16 -14.05
N SER C 108 29.92 31.92 -13.67
CA SER C 108 28.78 32.58 -14.31
C SER C 108 28.80 34.08 -14.09
N ASP C 109 28.96 34.48 -12.82
CA ASP C 109 28.90 35.88 -12.44
C ASP C 109 30.18 36.65 -12.76
N ASN C 110 31.04 36.09 -13.62
CA ASN C 110 32.25 36.79 -14.05
C ASN C 110 31.98 37.54 -15.35
N LYS C 111 32.28 38.84 -15.32
CA LYS C 111 31.86 39.77 -16.35
C LYS C 111 32.90 40.06 -17.44
N ASP C 112 34.07 39.42 -17.36
CA ASP C 112 35.10 39.64 -18.38
C ASP C 112 34.51 39.35 -19.76
N SER C 113 34.87 40.18 -20.73
CA SER C 113 34.31 40.04 -22.07
C SER C 113 35.38 40.09 -23.15
N PHE C 114 36.60 40.46 -22.77
CA PHE C 114 37.72 40.49 -23.71
C PHE C 114 38.47 39.16 -23.82
N TYR C 115 37.76 38.09 -24.11
CA TYR C 115 38.43 36.83 -24.39
C TYR C 115 37.59 35.90 -25.23
N VAL C 116 38.26 35.08 -26.04
CA VAL C 116 37.64 33.94 -26.70
C VAL C 116 38.48 32.71 -26.36
N SER C 117 37.91 31.53 -26.51
CA SER C 117 38.62 30.30 -26.20
C SER C 117 38.46 29.34 -27.36
N LEU C 118 39.58 28.87 -27.91
CA LEU C 118 39.52 27.98 -29.06
C LEU C 118 39.29 26.51 -28.69
N TYR C 119 39.23 26.22 -27.40
CA TYR C 119 39.07 24.84 -26.96
C TYR C 119 37.60 24.42 -27.04
N PRO C 120 37.33 23.23 -27.59
CA PRO C 120 35.94 22.73 -27.72
C PRO C 120 35.29 22.66 -26.36
N ASP C 121 34.21 23.41 -26.14
CA ASP C 121 33.65 23.52 -24.81
C ASP C 121 33.25 22.15 -24.23
N PHE C 122 33.40 22.03 -22.92
CA PHE C 122 33.07 20.81 -22.20
C PHE C 122 31.62 20.39 -22.38
N SER C 123 30.68 21.33 -22.31
CA SER C 123 29.26 21.00 -22.43
C SER C 123 28.98 20.16 -23.69
N SER C 124 29.57 20.55 -24.81
CA SER C 124 29.36 19.84 -26.07
C SER C 124 30.08 18.50 -26.11
N LEU C 125 31.25 18.41 -25.49
CA LEU C 125 32.04 17.18 -25.49
C LEU C 125 31.37 16.14 -24.61
N SER C 126 30.95 16.59 -23.43
CA SER C 126 30.12 15.81 -22.54
C SER C 126 28.97 15.16 -23.30
N ARG C 127 28.25 15.93 -24.12
CA ARG C 127 27.10 15.38 -24.81
C ARG C 127 27.54 14.32 -25.82
N ALA C 128 28.64 14.59 -26.52
CA ALA C 128 29.09 13.67 -27.56
C ALA C 128 29.61 12.35 -26.96
N ILE C 129 30.09 12.39 -25.73
CA ILE C 129 30.47 11.16 -25.04
C ILE C 129 29.20 10.36 -24.82
N LEU C 130 28.22 11.02 -24.22
CA LEU C 130 26.94 10.36 -23.93
C LEU C 130 26.28 9.85 -25.20
N ASP C 131 26.38 10.59 -26.30
CA ASP C 131 25.77 10.17 -27.56
C ASP C 131 26.38 8.85 -28.02
N LEU C 132 27.69 8.73 -27.83
CA LEU C 132 28.43 7.56 -28.27
C LEU C 132 28.07 6.34 -27.44
N VAL C 133 28.13 6.50 -26.12
CA VAL C 133 27.67 5.46 -25.21
C VAL C 133 26.30 4.90 -25.61
N GLN C 134 25.36 5.79 -25.93
CA GLN C 134 24.01 5.37 -26.26
C GLN C 134 23.95 4.65 -27.59
N PHE C 135 24.88 4.96 -28.49
CA PHE C 135 24.92 4.31 -29.79
C PHE C 135 25.46 2.88 -29.66
N PHE C 136 26.37 2.67 -28.71
CA PHE C 136 26.85 1.33 -28.41
C PHE C 136 25.84 0.60 -27.53
N LYS C 137 24.75 1.26 -27.20
CA LYS C 137 23.67 0.65 -26.43
C LYS C 137 24.11 0.15 -25.05
N TRP C 138 25.16 0.75 -24.49
CA TRP C 138 25.61 0.39 -23.15
C TRP C 138 24.57 0.75 -22.09
N LYS C 139 24.34 -0.17 -21.16
CA LYS C 139 23.45 0.08 -20.03
C LYS C 139 24.27 0.13 -18.75
N THR C 140 25.52 -0.27 -18.84
CA THR C 140 26.43 -0.30 -17.70
C THR C 140 27.73 0.30 -18.14
N VAL C 141 28.30 1.17 -17.33
CA VAL C 141 29.57 1.80 -17.68
C VAL C 141 30.32 2.32 -16.45
N THR C 142 31.63 2.12 -16.43
CA THR C 142 32.46 2.63 -15.36
C THR C 142 33.24 3.85 -15.86
N VAL C 143 32.95 5.02 -15.29
CA VAL C 143 33.70 6.25 -15.59
C VAL C 143 34.90 6.34 -14.65
N VAL C 144 36.10 6.37 -15.21
CA VAL C 144 37.33 6.56 -14.45
C VAL C 144 37.95 7.94 -14.76
N TYR C 145 38.08 8.80 -13.76
CA TYR C 145 38.66 10.12 -13.99
C TYR C 145 39.98 10.34 -13.24
N ASP C 146 40.80 11.29 -13.69
CA ASP C 146 42.06 11.57 -12.98
C ASP C 146 41.86 12.59 -11.84
N ASP C 147 41.60 13.85 -12.15
CA ASP C 147 41.50 14.85 -11.11
C ASP C 147 40.14 15.54 -11.13
N SER C 148 39.78 16.15 -10.00
CA SER C 148 38.49 16.83 -9.84
C SER C 148 37.87 17.33 -11.16
N THR C 149 38.59 18.12 -11.94
CA THR C 149 37.98 18.80 -13.09
C THR C 149 37.48 17.80 -14.13
N GLY C 150 38.04 16.61 -14.14
CA GLY C 150 37.48 15.51 -14.91
C GLY C 150 35.98 15.36 -14.66
N LEU C 151 35.58 15.30 -13.40
CA LEU C 151 34.16 15.29 -13.03
C LEU C 151 33.32 16.28 -13.83
N ILE C 152 33.81 17.50 -13.93
CA ILE C 152 33.05 18.57 -14.58
C ILE C 152 32.90 18.34 -16.09
N ARG C 153 33.91 17.75 -16.72
CA ARG C 153 33.86 17.48 -18.15
C ARG C 153 32.83 16.40 -18.48
N LEU C 154 32.51 15.57 -17.49
CA LEU C 154 31.55 14.50 -17.68
C LEU C 154 30.23 14.72 -16.95
N GLN C 155 29.89 15.95 -16.56
CA GLN C 155 28.67 16.12 -15.78
C GLN C 155 27.43 15.69 -16.56
N GLU C 156 27.33 16.07 -17.83
CA GLU C 156 26.22 15.59 -18.66
C GLU C 156 26.07 14.06 -18.58
N LEU C 157 27.19 13.36 -18.51
CA LEU C 157 27.16 11.91 -18.48
C LEU C 157 26.74 11.39 -17.10
N ILE C 158 27.24 12.05 -16.07
CA ILE C 158 27.00 11.65 -14.70
C ILE C 158 25.52 11.85 -14.30
N LYS C 159 24.83 12.75 -14.99
CA LYS C 159 23.44 13.07 -14.67
C LYS C 159 22.46 12.27 -15.53
N ALA C 160 22.98 11.44 -16.42
CA ALA C 160 22.16 10.63 -17.31
C ALA C 160 21.36 9.52 -16.60
N PRO C 161 21.95 8.88 -15.57
CA PRO C 161 21.28 7.74 -14.91
C PRO C 161 19.88 8.01 -14.32
N SER C 162 19.39 9.24 -14.42
CA SER C 162 18.04 9.55 -13.91
C SER C 162 17.04 9.77 -15.04
N ARG C 163 17.56 10.07 -16.23
CA ARG C 163 16.74 10.19 -17.44
C ARG C 163 16.75 8.87 -18.22
N TYR C 164 17.90 8.48 -18.77
CA TYR C 164 18.00 7.21 -19.49
C TYR C 164 18.23 6.05 -18.52
N ASN C 165 18.53 4.87 -19.06
CA ASN C 165 18.75 3.71 -18.23
C ASN C 165 20.21 3.27 -18.21
N LEU C 166 21.05 4.09 -17.58
CA LEU C 166 22.44 3.73 -17.37
C LEU C 166 22.73 3.66 -15.88
N ARG C 167 23.08 2.48 -15.40
CA ARG C 167 23.71 2.38 -14.09
C ARG C 167 25.15 2.70 -14.38
N LEU C 168 25.83 3.36 -13.45
CA LEU C 168 27.19 3.73 -13.71
C LEU C 168 28.00 3.86 -12.44
N LYS C 169 29.25 3.40 -12.48
CA LYS C 169 30.12 3.41 -11.33
C LYS C 169 31.23 4.43 -11.59
N ILE C 170 31.58 5.20 -10.57
CA ILE C 170 32.58 6.23 -10.72
C ILE C 170 33.80 5.91 -9.88
N ARG C 171 34.95 5.80 -10.52
CA ARG C 171 36.20 5.51 -9.82
C ARG C 171 37.23 6.58 -10.17
N GLN C 172 38.23 6.74 -9.32
CA GLN C 172 39.27 7.73 -9.59
C GLN C 172 40.62 7.05 -9.71
N LEU C 173 41.42 7.50 -10.69
CA LEU C 173 42.81 7.04 -10.84
C LEU C 173 43.64 7.55 -9.70
N PRO C 174 44.77 6.90 -9.41
CA PRO C 174 45.67 7.51 -8.43
C PRO C 174 46.61 8.51 -9.11
N ALA C 175 47.43 9.20 -8.34
CA ALA C 175 48.40 10.14 -8.91
C ALA C 175 49.21 9.49 -10.04
N ASP C 176 49.79 8.31 -9.78
CA ASP C 176 50.64 7.62 -10.75
C ASP C 176 49.95 6.37 -11.32
N THR C 177 49.99 6.19 -12.65
CA THR C 177 49.32 5.05 -13.27
C THR C 177 49.93 3.69 -12.89
N LYS C 178 51.18 3.71 -12.42
CA LYS C 178 51.82 2.49 -11.94
C LYS C 178 51.10 2.00 -10.67
N ASP C 179 50.37 2.89 -10.04
CA ASP C 179 49.64 2.56 -8.82
C ASP C 179 48.26 2.04 -9.17
N ALA C 180 47.99 1.81 -10.47
CA ALA C 180 46.62 1.56 -10.93
C ALA C 180 46.19 0.10 -11.03
N LYS C 181 47.04 -0.85 -10.66
CA LYS C 181 46.66 -2.25 -10.75
C LYS C 181 45.53 -2.57 -9.78
N PRO C 182 45.66 -2.14 -8.52
CA PRO C 182 44.63 -2.45 -7.53
C PRO C 182 43.26 -1.97 -7.97
N LEU C 183 43.21 -0.81 -8.60
CA LEU C 183 41.98 -0.25 -9.14
C LEU C 183 41.47 -1.09 -10.30
N LEU C 184 42.37 -1.54 -11.16
CA LEU C 184 41.98 -2.32 -12.32
C LEU C 184 41.52 -3.71 -11.91
N LYS C 185 42.09 -4.21 -10.82
CA LYS C 185 41.73 -5.53 -10.32
C LYS C 185 40.28 -5.48 -9.82
N GLU C 186 39.91 -4.39 -9.17
CA GLU C 186 38.52 -4.26 -8.70
C GLU C 186 37.55 -4.21 -9.88
N MET C 187 37.92 -3.50 -10.94
CA MET C 187 37.08 -3.44 -12.13
C MET C 187 36.97 -4.83 -12.76
N LYS C 188 38.05 -5.61 -12.72
CA LYS C 188 38.06 -6.93 -13.33
C LYS C 188 37.12 -7.88 -12.58
N ARG C 189 37.29 -7.95 -11.26
CA ARG C 189 36.39 -8.72 -10.40
C ARG C 189 34.97 -8.24 -10.59
N GLY C 190 34.82 -6.94 -10.79
CA GLY C 190 33.51 -6.32 -10.92
C GLY C 190 32.88 -6.57 -12.28
N LYS C 191 33.65 -7.14 -13.21
CA LYS C 191 33.11 -7.42 -14.53
C LYS C 191 32.75 -6.12 -15.23
N GLU C 192 33.50 -5.07 -14.94
CA GLU C 192 33.30 -3.77 -15.56
C GLU C 192 34.00 -3.74 -16.90
N PHE C 193 33.32 -4.28 -17.91
CA PHE C 193 33.88 -4.39 -19.24
C PHE C 193 33.77 -3.11 -20.06
N HIS C 194 32.87 -2.21 -19.67
CA HIS C 194 32.60 -1.02 -20.45
C HIS C 194 33.09 0.18 -19.67
N VAL C 195 34.10 0.86 -20.18
CA VAL C 195 34.84 1.83 -19.38
C VAL C 195 35.19 3.11 -20.13
N ILE C 196 34.87 4.25 -19.53
CA ILE C 196 35.30 5.54 -20.05
C ILE C 196 36.49 6.06 -19.24
N PHE C 197 37.63 6.29 -19.90
CA PHE C 197 38.76 6.93 -19.21
C PHE C 197 38.80 8.44 -19.48
N ASP C 198 38.51 9.24 -18.44
CA ASP C 198 38.68 10.70 -18.49
C ASP C 198 40.02 11.11 -17.88
N CYS C 199 40.95 11.48 -18.74
CA CYS C 199 42.32 11.71 -18.32
C CYS C 199 43.17 12.16 -19.52
N SER C 200 44.36 12.69 -19.24
CA SER C 200 45.22 13.14 -20.33
C SER C 200 45.65 11.94 -21.20
N HIS C 201 46.05 12.19 -22.44
CA HIS C 201 46.53 11.11 -23.29
C HIS C 201 47.80 10.46 -22.77
N GLU C 202 48.58 11.16 -21.94
CA GLU C 202 49.76 10.53 -21.34
C GLU C 202 49.36 9.54 -20.25
N MET C 203 48.34 9.91 -19.47
CA MET C 203 47.73 9.00 -18.51
C MET C 203 47.14 7.78 -19.22
N ALA C 204 46.51 8.00 -20.36
CA ALA C 204 45.85 6.95 -21.10
C ALA C 204 46.87 5.95 -21.67
N ALA C 205 48.01 6.44 -22.15
CA ALA C 205 49.09 5.57 -22.59
C ALA C 205 49.57 4.71 -21.43
N GLY C 206 49.69 5.32 -20.27
CA GLY C 206 50.11 4.62 -19.06
C GLY C 206 49.12 3.59 -18.56
N ILE C 207 47.82 3.88 -18.62
CA ILE C 207 46.81 3.02 -18.02
C ILE C 207 46.57 1.82 -18.93
N LEU C 208 46.73 2.01 -20.24
CA LEU C 208 46.66 0.90 -21.18
C LEU C 208 47.73 -0.17 -20.90
N LYS C 209 48.96 0.23 -20.60
CA LYS C 209 50.02 -0.74 -20.33
C LYS C 209 49.62 -1.57 -19.11
N GLN C 210 49.06 -0.92 -18.10
CA GLN C 210 48.63 -1.61 -16.90
C GLN C 210 47.45 -2.54 -17.21
N ALA C 211 46.63 -2.14 -18.16
CA ALA C 211 45.45 -2.91 -18.49
C ALA C 211 45.85 -4.20 -19.22
N LEU C 212 46.93 -4.11 -20.00
CA LEU C 212 47.46 -5.25 -20.74
C LEU C 212 48.03 -6.27 -19.77
N ALA C 213 48.87 -5.79 -18.87
CA ALA C 213 49.43 -6.59 -17.80
C ALA C 213 48.35 -7.37 -17.04
N MET C 214 47.18 -6.79 -17.00
CA MET C 214 46.10 -7.29 -16.15
C MET C 214 45.13 -8.20 -16.90
N GLY C 215 45.42 -8.48 -18.16
CA GLY C 215 44.58 -9.36 -18.94
C GLY C 215 43.28 -8.72 -19.30
N MET C 216 43.34 -7.41 -19.56
CA MET C 216 42.14 -6.61 -19.79
C MET C 216 42.19 -5.90 -21.13
N MET C 217 43.12 -6.29 -22.00
CA MET C 217 43.05 -5.87 -23.39
C MET C 217 42.66 -7.08 -24.24
N THR C 218 41.36 -7.37 -24.26
CA THR C 218 40.82 -8.45 -25.05
C THR C 218 39.48 -8.06 -25.64
N GLU C 219 38.91 -8.95 -26.45
CA GLU C 219 37.61 -8.69 -27.09
C GLU C 219 36.49 -8.41 -26.07
N TYR C 220 36.71 -8.73 -24.80
CA TYR C 220 35.66 -8.54 -23.79
C TYR C 220 35.52 -7.09 -23.34
N TYR C 221 36.55 -6.28 -23.58
CA TYR C 221 36.61 -4.95 -23.02
C TYR C 221 36.45 -3.88 -24.09
N HIS C 222 35.65 -2.86 -23.78
CA HIS C 222 35.51 -1.71 -24.66
C HIS C 222 35.79 -0.42 -23.87
N TYR C 223 36.77 0.34 -24.34
CA TYR C 223 37.24 1.54 -23.65
C TYR C 223 36.93 2.76 -24.49
N ILE C 224 36.20 3.71 -23.91
CA ILE C 224 36.01 5.00 -24.54
C ILE C 224 36.94 6.03 -23.89
N PHE C 225 37.65 6.78 -24.73
CA PHE C 225 38.63 7.74 -24.25
C PHE C 225 38.18 9.16 -24.44
N THR C 226 38.30 9.89 -23.36
CA THR C 226 37.82 11.25 -23.28
C THR C 226 38.76 12.16 -24.03
N THR C 227 40.05 11.83 -24.04
CA THR C 227 41.08 12.67 -24.64
C THR C 227 40.98 12.82 -26.16
N LEU C 228 41.23 14.02 -26.63
CA LEU C 228 41.18 14.33 -28.05
C LEU C 228 42.49 13.98 -28.73
N ASP C 229 43.49 13.66 -27.92
CA ASP C 229 44.81 13.28 -28.42
C ASP C 229 44.98 11.77 -28.46
N LEU C 230 43.85 11.07 -28.48
CA LEU C 230 43.85 9.63 -28.62
C LEU C 230 44.72 9.17 -29.78
N PHE C 231 44.63 9.87 -30.90
CA PHE C 231 45.35 9.52 -32.12
C PHE C 231 46.87 9.61 -31.95
N ALA C 232 47.33 10.14 -30.82
CA ALA C 232 48.78 10.29 -30.57
C ALA C 232 49.35 9.07 -29.87
N LEU C 233 48.48 8.16 -29.45
CA LEU C 233 48.92 7.00 -28.70
C LEU C 233 49.57 5.97 -29.61
N ASP C 234 50.74 5.48 -29.23
CA ASP C 234 51.31 4.26 -29.81
C ASP C 234 50.29 3.16 -29.62
N VAL C 235 49.73 2.68 -30.71
CA VAL C 235 48.71 1.65 -30.64
C VAL C 235 49.22 0.26 -31.13
N GLU C 236 50.51 0.17 -31.41
CA GLU C 236 51.13 -1.05 -31.93
C GLU C 236 51.03 -2.23 -30.96
N PRO C 237 51.19 -1.97 -29.66
CA PRO C 237 51.01 -3.06 -28.68
C PRO C 237 49.59 -3.62 -28.55
N TYR C 238 48.57 -3.01 -29.14
CA TYR C 238 47.21 -3.38 -28.76
C TYR C 238 46.32 -3.76 -29.94
N ARG C 239 46.69 -3.41 -31.16
CA ARG C 239 45.75 -3.57 -32.29
C ARG C 239 45.49 -5.01 -32.69
N TYR C 240 46.36 -5.93 -32.29
CA TYR C 240 46.18 -7.33 -32.66
C TYR C 240 45.31 -8.09 -31.65
N SER C 241 44.99 -7.43 -30.54
CA SER C 241 44.44 -8.12 -29.38
C SER C 241 42.92 -8.26 -29.40
N GLY C 242 42.24 -7.42 -30.16
CA GLY C 242 40.80 -7.48 -30.20
C GLY C 242 40.08 -6.51 -29.26
N VAL C 243 40.78 -5.78 -28.39
CA VAL C 243 40.09 -4.78 -27.58
C VAL C 243 39.44 -3.78 -28.49
N ASN C 244 38.41 -3.15 -27.94
CA ASN C 244 37.75 -2.04 -28.58
C ASN C 244 38.19 -0.75 -27.87
N MET C 245 38.75 0.17 -28.64
CA MET C 245 39.07 1.50 -28.13
C MET C 245 38.39 2.51 -29.02
N THR C 246 37.54 3.33 -28.43
CA THR C 246 36.88 4.37 -29.20
C THR C 246 37.05 5.72 -28.53
N GLY C 247 37.26 6.75 -29.32
CA GLY C 247 37.37 8.10 -28.82
C GLY C 247 37.07 9.11 -29.90
N PHE C 248 37.47 10.36 -29.68
CA PHE C 248 37.17 11.41 -30.63
C PHE C 248 38.45 12.09 -31.08
N ARG C 249 38.37 12.78 -32.21
CA ARG C 249 39.49 13.54 -32.75
C ARG C 249 39.00 14.82 -33.41
N ILE C 250 39.52 15.97 -32.98
CA ILE C 250 39.11 17.24 -33.57
C ILE C 250 40.14 17.71 -34.59
N LEU C 251 41.34 17.14 -34.54
CA LEU C 251 42.37 17.47 -35.50
C LEU C 251 41.95 16.85 -36.84
N ASN C 252 41.82 17.67 -37.87
CA ASN C 252 41.24 17.25 -39.14
C ASN C 252 42.29 16.64 -40.09
N THR C 253 42.72 15.42 -39.79
CA THR C 253 43.84 14.79 -40.48
C THR C 253 43.46 14.23 -41.86
N GLU C 254 42.17 14.09 -42.14
CA GLU C 254 41.71 13.55 -43.43
C GLU C 254 41.91 14.57 -44.56
N ASN C 255 41.80 15.85 -44.23
CA ASN C 255 42.03 16.91 -45.20
C ASN C 255 43.51 16.92 -45.59
N THR C 256 43.78 16.91 -46.89
CA THR C 256 45.16 16.76 -47.36
C THR C 256 46.00 18.00 -47.03
N GLN C 257 45.41 19.18 -47.17
CA GLN C 257 46.10 20.42 -46.82
C GLN C 257 46.55 20.43 -45.36
N VAL C 258 45.75 19.83 -44.47
CA VAL C 258 46.06 19.81 -43.04
C VAL C 258 47.14 18.76 -42.72
N SER C 259 47.18 17.69 -43.50
CA SER C 259 48.17 16.64 -43.29
C SER C 259 49.56 17.18 -43.60
N SER C 260 49.67 17.93 -44.70
CA SER C 260 50.95 18.47 -45.12
C SER C 260 51.49 19.48 -44.12
N ILE C 261 50.60 20.19 -43.44
CA ILE C 261 51.02 21.18 -42.45
C ILE C 261 51.52 20.48 -41.18
N ILE C 262 50.83 19.43 -40.76
CA ILE C 262 51.24 18.65 -39.59
C ILE C 262 52.60 17.99 -39.82
N GLU C 263 52.93 17.75 -41.08
CA GLU C 263 54.20 17.12 -41.43
C GLU C 263 55.36 18.11 -41.26
N LYS C 264 55.24 19.30 -41.86
CA LYS C 264 56.29 20.32 -41.78
C LYS C 264 56.58 20.64 -40.32
N TRP C 265 55.59 20.41 -39.49
CA TRP C 265 55.71 20.61 -38.07
C TRP C 265 56.60 19.53 -37.46
N SER C 266 56.30 18.28 -37.77
CA SER C 266 57.08 17.14 -37.27
C SER C 266 58.56 17.25 -37.62
N MET C 267 58.88 17.93 -38.71
CA MET C 267 60.27 17.98 -39.16
C MET C 267 61.10 18.91 -38.28
N GLU C 268 60.55 20.07 -37.94
CA GLU C 268 61.23 20.99 -37.04
C GLU C 268 61.08 20.57 -35.59
N ARG C 269 60.09 19.74 -35.29
CA ARG C 269 59.86 19.30 -33.91
C ARG C 269 60.48 17.94 -33.63
N LEU C 270 60.04 16.91 -34.34
CA LEU C 270 60.57 15.53 -34.19
C LEU C 270 62.10 15.54 -34.18
N GLN C 271 62.68 16.58 -34.75
CA GLN C 271 64.13 16.79 -34.76
C GLN C 271 64.72 16.89 -33.34
N ALA C 272 63.84 17.11 -32.36
CA ALA C 272 64.24 17.28 -30.97
C ALA C 272 63.64 16.14 -30.12
N PRO C 273 63.71 16.23 -28.77
CA PRO C 273 63.63 15.02 -27.94
C PRO C 273 62.33 14.19 -27.98
N PRO C 274 62.42 12.94 -28.46
CA PRO C 274 61.36 11.92 -28.35
C PRO C 274 61.67 10.92 -27.23
N LYS C 275 60.68 10.16 -26.76
CA LYS C 275 60.91 9.22 -25.67
C LYS C 275 60.54 7.79 -26.07
N PRO C 276 61.18 6.81 -25.44
CA PRO C 276 61.06 5.39 -25.80
C PRO C 276 59.96 4.68 -25.03
N ASP C 277 59.87 5.01 -23.74
CA ASP C 277 59.01 4.30 -22.81
C ASP C 277 57.69 5.05 -22.64
N SER C 278 57.44 6.02 -23.52
CA SER C 278 56.30 6.90 -23.40
C SER C 278 54.99 6.19 -23.73
N GLY C 279 54.97 5.54 -24.89
CA GLY C 279 53.74 4.97 -25.41
C GLY C 279 53.01 5.98 -26.28
N LEU C 280 53.68 7.09 -26.56
CA LEU C 280 53.19 8.09 -27.51
C LEU C 280 54.02 8.03 -28.78
N LEU C 281 53.39 8.33 -29.91
CA LEU C 281 54.12 8.48 -31.16
C LEU C 281 54.97 9.74 -31.04
N ASP C 282 56.20 9.67 -31.55
CA ASP C 282 57.07 10.83 -31.52
C ASP C 282 56.72 11.78 -32.66
N GLY C 283 56.72 13.08 -32.36
CA GLY C 283 56.51 14.11 -33.35
C GLY C 283 55.11 14.22 -33.91
N PHE C 284 54.12 13.79 -33.16
CA PHE C 284 52.73 14.01 -33.53
C PHE C 284 52.33 15.36 -32.99
N MET C 285 51.57 16.13 -33.77
CA MET C 285 51.11 17.44 -33.32
C MET C 285 49.91 17.29 -32.39
N THR C 286 50.08 17.63 -31.12
CA THR C 286 49.01 17.47 -30.15
C THR C 286 47.95 18.52 -30.37
N THR C 287 46.84 18.38 -29.65
CA THR C 287 45.73 19.30 -29.81
C THR C 287 46.03 20.65 -29.16
N ASP C 288 46.71 20.65 -28.01
CA ASP C 288 47.10 21.91 -27.34
C ASP C 288 47.82 22.87 -28.28
N ALA C 289 48.48 22.32 -29.30
CA ALA C 289 49.37 23.09 -30.17
C ALA C 289 48.71 23.43 -31.48
N ALA C 290 47.88 22.52 -31.99
CA ALA C 290 47.10 22.79 -33.18
C ALA C 290 46.12 23.94 -32.89
N LEU C 291 45.64 24.02 -31.66
CA LEU C 291 44.72 25.06 -31.27
C LEU C 291 45.41 26.43 -31.20
N MET C 292 46.63 26.47 -30.67
CA MET C 292 47.36 27.72 -30.61
C MET C 292 47.63 28.22 -32.03
N TYR C 293 48.00 27.30 -32.92
CA TYR C 293 48.30 27.65 -34.29
C TYR C 293 47.03 28.11 -35.01
N ASP C 294 45.90 27.56 -34.63
CA ASP C 294 44.63 27.95 -35.24
C ASP C 294 44.19 29.31 -34.67
N ALA C 295 44.51 29.56 -33.42
CA ALA C 295 44.13 30.81 -32.77
C ALA C 295 44.83 31.97 -33.45
N VAL C 296 46.08 31.78 -33.84
CA VAL C 296 46.85 32.85 -34.46
C VAL C 296 46.28 33.16 -35.84
N HIS C 297 45.71 32.14 -36.49
CA HIS C 297 45.06 32.35 -37.77
C HIS C 297 43.72 33.07 -37.63
N VAL C 298 42.82 32.55 -36.78
CA VAL C 298 41.48 33.12 -36.62
C VAL C 298 41.57 34.60 -36.24
N VAL C 299 42.40 34.93 -35.26
CA VAL C 299 42.66 36.30 -34.92
C VAL C 299 43.17 37.12 -36.12
N SER C 300 44.02 36.53 -36.96
CA SER C 300 44.53 37.24 -38.14
C SER C 300 43.42 37.56 -39.16
N VAL C 301 42.47 36.65 -39.32
CA VAL C 301 41.35 36.88 -40.22
C VAL C 301 40.62 38.14 -39.80
N ALA C 302 40.66 38.43 -38.50
CA ALA C 302 40.00 39.59 -37.93
C ALA C 302 40.82 40.85 -38.18
N VAL C 303 42.14 40.72 -38.06
CA VAL C 303 43.06 41.82 -38.33
C VAL C 303 42.93 42.32 -39.77
N GLN C 304 42.67 41.43 -40.70
CA GLN C 304 42.52 41.79 -42.11
C GLN C 304 41.38 42.78 -42.29
N GLN C 305 40.36 42.65 -41.44
CA GLN C 305 39.15 43.47 -41.54
C GLN C 305 39.22 44.76 -40.73
N PHE C 306 40.41 45.07 -40.20
CA PHE C 306 40.60 46.24 -39.33
C PHE C 306 41.94 46.91 -39.65
N PRO C 307 42.13 47.37 -40.89
CA PRO C 307 43.41 47.96 -41.32
C PRO C 307 43.79 49.23 -40.54
N GLN C 308 42.81 49.90 -39.94
CA GLN C 308 43.05 51.14 -39.21
C GLN C 308 43.87 50.88 -37.94
N MET C 309 43.65 49.70 -37.36
CA MET C 309 44.18 49.36 -36.05
C MET C 309 45.71 49.40 -35.94
N THR C 310 46.16 49.90 -34.80
CA THR C 310 47.57 49.87 -34.45
C THR C 310 47.71 49.64 -32.97
N VAL C 311 48.89 49.18 -32.57
CA VAL C 311 49.15 48.90 -31.18
C VAL C 311 49.39 50.19 -30.39
N SER C 312 49.06 50.19 -29.10
CA SER C 312 49.35 51.32 -28.22
C SER C 312 50.12 50.82 -27.00
N SER C 313 51.01 51.64 -26.48
CA SER C 313 51.71 51.31 -25.25
C SER C 313 50.81 51.64 -24.05
N LEU C 314 50.30 50.59 -23.43
CA LEU C 314 49.37 50.68 -22.32
C LEU C 314 50.07 50.41 -21.00
N GLN C 315 49.63 51.10 -19.95
CA GLN C 315 50.21 50.93 -18.64
C GLN C 315 49.19 50.37 -17.65
N CYS C 316 49.56 49.32 -16.95
CA CYS C 316 48.65 48.72 -15.98
C CYS C 316 48.35 49.70 -14.84
N ASN C 317 49.29 50.60 -14.57
CA ASN C 317 49.07 51.72 -13.63
C ASN C 317 47.74 52.42 -13.82
N ARG C 318 47.47 52.79 -15.07
CA ARG C 318 46.38 53.70 -15.42
C ARG C 318 45.16 52.96 -15.95
N HIS C 319 43.98 53.51 -15.71
CA HIS C 319 42.74 52.84 -16.05
C HIS C 319 42.30 53.17 -17.48
N LYS C 320 43.27 53.47 -18.34
CA LYS C 320 42.99 53.92 -19.71
C LYS C 320 43.12 52.78 -20.71
N PRO C 321 41.98 52.26 -21.21
CA PRO C 321 41.98 51.14 -22.16
C PRO C 321 42.39 51.51 -23.57
N TRP C 322 42.56 50.46 -24.37
CA TRP C 322 42.96 50.57 -25.77
C TRP C 322 41.79 51.00 -26.65
N ARG C 323 42.01 52.03 -27.47
CA ARG C 323 40.96 52.57 -28.34
C ARG C 323 40.29 51.47 -29.17
N PHE C 324 41.10 50.64 -29.79
CA PHE C 324 40.61 49.71 -30.79
C PHE C 324 40.13 48.38 -30.22
N GLY C 325 40.22 48.24 -28.90
CA GLY C 325 39.96 46.96 -28.26
C GLY C 325 38.56 46.44 -28.49
N THR C 326 37.57 47.26 -28.18
CA THR C 326 36.19 46.84 -28.27
C THR C 326 35.84 46.32 -29.67
N ARG C 327 36.30 47.04 -30.69
CA ARG C 327 35.98 46.72 -32.08
C ARG C 327 36.72 45.45 -32.52
N PHE C 328 37.97 45.34 -32.12
CA PHE C 328 38.78 44.17 -32.45
C PHE C 328 38.19 42.91 -31.81
N MET C 329 37.90 42.98 -30.51
CA MET C 329 37.28 41.87 -29.82
C MET C 329 36.01 41.43 -30.54
N SER C 330 35.23 42.38 -31.04
CA SER C 330 34.00 42.04 -31.72
C SER C 330 34.29 41.31 -33.04
N LEU C 331 35.35 41.72 -33.73
CA LEU C 331 35.68 41.12 -35.03
C LEU C 331 36.14 39.69 -34.84
N ILE C 332 36.88 39.46 -33.74
CA ILE C 332 37.40 38.14 -33.44
C ILE C 332 36.27 37.18 -33.13
N LYS C 333 35.29 37.62 -32.32
CA LYS C 333 34.17 36.74 -31.98
C LYS C 333 33.30 36.41 -33.18
N GLU C 334 33.32 37.27 -34.21
CA GLU C 334 32.51 37.07 -35.40
C GLU C 334 33.24 36.20 -36.42
N ALA C 335 34.52 35.94 -36.17
CA ALA C 335 35.38 35.35 -37.18
C ALA C 335 35.03 33.89 -37.45
N HIS C 336 35.41 33.45 -38.64
CA HIS C 336 35.15 32.10 -39.13
C HIS C 336 36.42 31.67 -39.84
N TRP C 337 36.83 30.43 -39.65
CA TRP C 337 38.09 29.97 -40.23
C TRP C 337 38.15 28.44 -40.30
N GLU C 338 38.70 27.93 -41.40
CA GLU C 338 38.99 26.49 -41.52
C GLU C 338 40.44 26.28 -41.17
N GLY C 339 40.72 25.72 -40.00
CA GLY C 339 42.09 25.48 -39.56
C GLY C 339 42.37 24.01 -39.30
N LEU C 340 43.49 23.75 -38.65
CA LEU C 340 43.88 22.39 -38.33
C LEU C 340 42.78 21.65 -37.60
N THR C 341 41.95 22.35 -36.84
CA THR C 341 40.95 21.70 -36.02
C THR C 341 39.52 21.85 -36.55
N GLY C 342 39.37 22.00 -37.86
CA GLY C 342 38.04 22.06 -38.46
C GLY C 342 37.42 23.45 -38.49
N ARG C 343 36.09 23.50 -38.59
CA ARG C 343 35.36 24.76 -38.52
C ARG C 343 35.64 25.46 -37.22
N ILE C 344 36.12 26.69 -37.29
CA ILE C 344 36.25 27.49 -36.09
C ILE C 344 35.16 28.55 -36.11
N THR C 345 34.40 28.62 -35.04
CA THR C 345 33.32 29.57 -34.91
C THR C 345 32.99 29.72 -33.44
N PHE C 346 32.92 30.96 -32.96
CA PHE C 346 32.61 31.17 -31.56
C PHE C 346 31.14 31.45 -31.34
N ASN C 347 30.75 31.31 -30.07
CA ASN C 347 29.38 31.49 -29.65
C ASN C 347 29.14 32.96 -29.40
N LYS C 348 28.19 33.55 -30.12
CA LYS C 348 27.85 34.95 -29.93
C LYS C 348 27.78 35.30 -28.44
N THR C 349 27.07 34.47 -27.69
CA THR C 349 26.81 34.70 -26.27
C THR C 349 28.06 34.80 -25.36
N ASN C 350 28.90 33.76 -25.31
CA ASN C 350 29.99 33.72 -24.32
C ASN C 350 31.43 33.61 -24.87
N GLY C 351 31.56 33.60 -26.19
CA GLY C 351 32.89 33.56 -26.80
C GLY C 351 33.56 32.20 -26.65
N LEU C 352 32.77 31.20 -26.27
CA LEU C 352 33.25 29.84 -26.16
C LEU C 352 32.99 29.10 -27.46
N ARG C 353 33.87 28.16 -27.81
CA ARG C 353 33.70 27.38 -29.02
C ARG C 353 32.77 26.22 -28.72
N THR C 354 31.46 26.41 -28.93
CA THR C 354 30.53 25.35 -28.56
C THR C 354 30.07 24.55 -29.75
N ASP C 355 30.30 25.06 -30.94
CA ASP C 355 29.93 24.33 -32.15
C ASP C 355 31.18 24.01 -32.95
N PHE C 356 31.43 22.72 -33.16
CA PHE C 356 32.63 22.26 -33.86
C PHE C 356 32.41 20.87 -34.46
N ASP C 357 33.38 20.37 -35.21
CA ASP C 357 33.24 19.06 -35.84
C ASP C 357 34.27 18.07 -35.30
N LEU C 358 33.80 16.90 -34.89
CA LEU C 358 34.68 15.82 -34.45
C LEU C 358 34.62 14.61 -35.41
N ASP C 359 35.79 14.06 -35.73
CA ASP C 359 35.83 12.71 -36.30
C ASP C 359 35.70 11.71 -35.15
N VAL C 360 35.02 10.59 -35.38
CA VAL C 360 34.95 9.55 -34.34
C VAL C 360 35.85 8.38 -34.74
N ILE C 361 36.81 8.03 -33.89
CA ILE C 361 37.82 7.02 -34.23
C ILE C 361 37.79 5.78 -33.31
N SER C 362 38.06 4.62 -33.89
CA SER C 362 38.05 3.33 -33.17
C SER C 362 39.25 2.49 -33.57
N LEU C 363 39.69 1.60 -32.69
CA LEU C 363 40.82 0.73 -33.00
C LEU C 363 40.38 -0.48 -33.83
N LYS C 364 40.83 -0.54 -35.07
CA LYS C 364 40.68 -1.73 -35.89
C LYS C 364 42.06 -2.39 -35.92
N GLU C 365 42.16 -3.60 -36.47
CA GLU C 365 43.45 -4.27 -36.53
C GLU C 365 44.49 -3.46 -37.31
N GLU C 366 44.03 -2.63 -38.24
CA GLU C 366 44.92 -1.82 -39.09
C GLU C 366 45.53 -0.63 -38.32
N GLY C 367 44.92 -0.27 -37.20
CA GLY C 367 45.31 0.91 -36.45
C GLY C 367 44.07 1.70 -36.06
N LEU C 368 44.24 2.96 -35.65
CA LEU C 368 43.08 3.81 -35.35
C LEU C 368 42.54 4.40 -36.64
N GLU C 369 41.25 4.24 -36.87
CA GLU C 369 40.62 4.69 -38.10
C GLU C 369 39.29 5.38 -37.83
N LYS C 370 38.85 6.20 -38.78
CA LYS C 370 37.60 6.95 -38.66
C LYS C 370 36.40 6.04 -38.90
N ILE C 371 35.37 6.16 -38.06
CA ILE C 371 34.15 5.37 -38.25
C ILE C 371 32.88 6.21 -38.23
N GLY C 372 33.03 7.54 -38.19
CA GLY C 372 31.89 8.44 -38.21
C GLY C 372 32.25 9.88 -37.96
N THR C 373 31.25 10.67 -37.57
CA THR C 373 31.45 12.07 -37.19
C THR C 373 30.49 12.45 -36.08
N TRP C 374 30.74 13.60 -35.45
CA TRP C 374 29.79 14.17 -34.50
C TRP C 374 29.79 15.69 -34.60
N ASP C 375 28.62 16.28 -34.46
CA ASP C 375 28.50 17.73 -34.30
C ASP C 375 27.23 18.01 -33.50
N PRO C 376 27.20 19.11 -32.75
CA PRO C 376 26.09 19.25 -31.80
C PRO C 376 24.71 19.24 -32.43
N ALA C 377 24.58 19.56 -33.72
CA ALA C 377 23.25 19.64 -34.34
C ALA C 377 22.75 18.34 -34.97
N SER C 378 23.63 17.37 -35.16
CA SER C 378 23.27 16.14 -35.86
C SER C 378 23.41 14.91 -34.99
N GLY C 379 24.15 15.05 -33.88
CA GLY C 379 24.53 13.89 -33.09
C GLY C 379 25.53 13.10 -33.92
N LEU C 380 25.46 11.77 -33.83
CA LEU C 380 26.39 10.97 -34.60
C LEU C 380 25.94 10.77 -36.04
N ASN C 381 26.92 10.68 -36.92
CA ASN C 381 26.70 10.33 -38.33
C ASN C 381 27.61 9.15 -38.60
N MET C 382 27.31 8.00 -37.99
CA MET C 382 28.16 6.84 -38.17
C MET C 382 27.96 6.28 -39.56
N THR C 383 29.05 5.86 -40.17
CA THR C 383 29.04 5.36 -41.53
C THR C 383 29.20 3.85 -41.51
N GLU C 384 28.10 3.15 -41.27
CA GLU C 384 28.12 1.68 -41.14
C GLU C 384 28.41 1.01 -42.48
N SER C 398 19.19 -18.25 -50.94
CA SER C 398 18.12 -18.78 -51.79
C SER C 398 18.57 -20.07 -52.50
N ASN C 399 19.79 -20.07 -53.02
CA ASN C 399 20.46 -21.31 -53.43
C ASN C 399 21.52 -21.68 -52.38
N ARG C 400 21.58 -20.92 -51.29
CA ARG C 400 22.43 -21.19 -50.13
C ARG C 400 22.19 -22.58 -49.55
N SER C 401 23.25 -23.33 -49.23
CA SER C 401 23.05 -24.62 -48.56
C SER C 401 22.69 -24.41 -47.11
N LEU C 402 21.81 -25.26 -46.60
CA LEU C 402 21.49 -25.22 -45.21
C LEU C 402 22.52 -25.96 -44.37
N ILE C 403 22.88 -25.39 -43.25
CA ILE C 403 23.77 -26.06 -42.31
C ILE C 403 22.90 -26.89 -41.38
N VAL C 404 23.15 -28.19 -41.33
CA VAL C 404 22.34 -29.09 -40.50
C VAL C 404 23.20 -29.58 -39.34
N THR C 405 22.80 -29.27 -38.10
CA THR C 405 23.53 -29.77 -36.94
C THR C 405 22.89 -31.10 -36.57
N THR C 406 23.72 -32.03 -36.14
CA THR C 406 23.22 -33.30 -35.70
C THR C 406 24.22 -33.92 -34.75
N ILE C 407 23.93 -35.14 -34.32
CA ILE C 407 24.72 -35.78 -33.31
C ILE C 407 24.67 -37.30 -33.56
N LEU C 408 25.74 -38.02 -33.24
CA LEU C 408 25.73 -39.47 -33.42
C LEU C 408 24.80 -40.10 -32.39
N GLU C 409 23.90 -40.93 -32.88
CA GLU C 409 22.94 -41.59 -31.99
C GLU C 409 22.32 -42.75 -32.79
N GLU C 410 22.60 -43.99 -32.39
CA GLU C 410 22.05 -45.17 -33.11
C GLU C 410 20.55 -45.34 -32.89
N PRO C 411 19.76 -45.64 -33.96
CA PRO C 411 20.07 -45.75 -35.40
C PRO C 411 19.67 -44.50 -36.16
N TYR C 412 19.68 -43.34 -35.52
CA TYR C 412 19.28 -42.10 -36.17
C TYR C 412 20.35 -41.55 -37.06
N VAL C 413 21.57 -41.54 -36.56
CA VAL C 413 22.75 -40.95 -37.26
C VAL C 413 23.96 -41.79 -36.84
N LEU C 414 24.61 -42.39 -37.82
CA LEU C 414 25.82 -43.18 -37.63
C LEU C 414 26.76 -42.96 -38.78
N PHE C 415 28.02 -43.31 -38.59
CA PHE C 415 28.93 -43.36 -39.74
C PHE C 415 28.68 -44.65 -40.51
N LYS C 416 28.51 -44.53 -41.80
CA LYS C 416 28.28 -45.67 -42.68
C LYS C 416 29.55 -46.50 -42.87
N LYS C 417 29.41 -47.82 -42.75
CA LYS C 417 30.45 -48.76 -43.22
C LYS C 417 30.17 -49.08 -44.68
N SER C 418 31.16 -48.91 -45.56
CA SER C 418 30.93 -49.15 -46.98
C SER C 418 32.23 -49.62 -47.63
N ASP C 419 32.09 -50.28 -48.76
CA ASP C 419 33.25 -50.69 -49.52
C ASP C 419 33.70 -49.48 -50.32
N LYS C 420 32.75 -48.87 -51.04
CA LYS C 420 33.00 -47.70 -51.85
C LYS C 420 33.58 -46.53 -51.05
N PRO C 421 34.32 -45.66 -51.74
CA PRO C 421 34.67 -44.40 -51.07
C PRO C 421 33.44 -43.54 -50.81
N LEU C 422 33.47 -42.88 -49.67
CA LEU C 422 32.40 -42.00 -49.24
C LEU C 422 32.99 -40.65 -48.90
N TYR C 423 32.32 -39.59 -49.32
CA TYR C 423 32.77 -38.24 -49.12
C TYR C 423 31.69 -37.44 -48.43
N GLY C 424 32.08 -36.56 -47.55
CA GLY C 424 31.17 -35.50 -47.09
C GLY C 424 29.91 -36.03 -46.43
N ASN C 425 28.77 -35.50 -46.83
CA ASN C 425 27.50 -35.96 -46.22
C ASN C 425 27.23 -37.46 -46.40
N ASP C 426 27.78 -38.05 -47.46
CA ASP C 426 27.46 -39.45 -47.73
C ASP C 426 28.18 -40.39 -46.76
N ARG C 427 29.00 -39.83 -45.87
CA ARG C 427 29.64 -40.64 -44.85
C ARG C 427 28.67 -41.08 -43.75
N PHE C 428 27.50 -40.48 -43.71
CA PHE C 428 26.52 -40.72 -42.64
C PHE C 428 25.32 -41.52 -43.15
N GLU C 429 24.72 -42.28 -42.26
CA GLU C 429 23.44 -42.95 -42.55
C GLU C 429 22.60 -43.03 -41.30
N GLY C 430 21.35 -43.45 -41.49
CA GLY C 430 20.44 -43.63 -40.37
C GLY C 430 19.06 -43.06 -40.65
N TYR C 431 18.14 -43.24 -39.70
CA TYR C 431 16.77 -42.74 -39.87
C TYR C 431 16.73 -41.25 -40.11
N CYS C 432 17.50 -40.47 -39.34
CA CYS C 432 17.45 -39.02 -39.48
C CYS C 432 18.11 -38.58 -40.77
N ILE C 433 19.13 -39.33 -41.22
CA ILE C 433 19.76 -39.02 -42.50
C ILE C 433 18.79 -39.31 -43.66
N ASP C 434 18.07 -40.43 -43.59
CA ASP C 434 17.01 -40.71 -44.55
C ASP C 434 15.94 -39.62 -44.55
N LEU C 435 15.53 -39.14 -43.37
CA LEU C 435 14.56 -38.06 -43.30
C LEU C 435 15.09 -36.79 -43.92
N LEU C 436 16.34 -36.45 -43.62
CA LEU C 436 16.95 -35.26 -44.16
C LEU C 436 17.00 -35.32 -45.69
N ARG C 437 17.33 -36.48 -46.24
CA ARG C 437 17.41 -36.66 -47.69
C ARG C 437 16.04 -36.45 -48.32
N GLU C 438 15.00 -37.01 -47.70
CA GLU C 438 13.65 -36.79 -48.20
C GLU C 438 13.25 -35.32 -48.12
N LEU C 439 13.48 -34.67 -46.97
CA LEU C 439 13.16 -33.25 -46.85
C LEU C 439 13.89 -32.41 -47.89
N SER C 440 15.13 -32.74 -48.19
CA SER C 440 15.89 -31.90 -49.09
C SER C 440 15.33 -32.03 -50.50
N THR C 441 14.85 -33.21 -50.85
CA THR C 441 14.22 -33.42 -52.15
C THR C 441 12.85 -32.76 -52.24
N ILE C 442 12.04 -32.90 -51.21
CA ILE C 442 10.68 -32.36 -51.23
C ILE C 442 10.72 -30.86 -51.23
N LEU C 443 11.58 -30.28 -50.43
CA LEU C 443 11.62 -28.83 -50.27
C LEU C 443 12.65 -28.14 -51.15
N GLY C 444 13.57 -28.91 -51.73
CA GLY C 444 14.49 -28.38 -52.72
C GLY C 444 15.60 -27.55 -52.13
N PHE C 445 16.32 -28.11 -51.17
CA PHE C 445 17.49 -27.42 -50.62
C PHE C 445 18.67 -28.35 -50.65
N THR C 446 19.86 -27.75 -50.66
CA THR C 446 21.09 -28.50 -50.45
C THR C 446 21.53 -28.24 -49.03
N TYR C 447 22.44 -29.06 -48.53
CA TYR C 447 22.76 -28.98 -47.11
C TYR C 447 24.16 -29.51 -46.81
N GLU C 448 24.64 -29.14 -45.63
CA GLU C 448 25.92 -29.63 -45.10
C GLU C 448 25.70 -30.14 -43.68
N ILE C 449 25.99 -31.42 -43.46
CA ILE C 449 25.85 -32.01 -42.14
C ILE C 449 27.08 -31.70 -41.28
N ARG C 450 26.84 -31.20 -40.08
CA ARG C 450 27.89 -30.97 -39.09
C ARG C 450 27.56 -31.54 -37.74
N LEU C 451 28.49 -32.30 -37.18
CA LEU C 451 28.34 -32.88 -35.86
C LEU C 451 28.53 -31.81 -34.79
N VAL C 452 27.59 -31.73 -33.87
CA VAL C 452 27.62 -30.67 -32.86
C VAL C 452 28.85 -30.68 -31.95
N GLU C 453 29.36 -29.46 -31.73
CA GLU C 453 30.69 -29.30 -31.13
C GLU C 453 30.81 -29.80 -29.70
N ASP C 454 29.73 -29.71 -28.92
CA ASP C 454 29.85 -30.18 -27.54
C ASP C 454 29.20 -31.54 -27.29
N GLY C 455 28.77 -32.22 -28.34
CA GLY C 455 28.16 -33.53 -28.14
C GLY C 455 26.92 -33.55 -27.28
N LYS C 456 26.14 -32.46 -27.35
CA LYS C 456 24.93 -32.31 -26.53
C LYS C 456 23.71 -31.97 -27.39
N TYR C 457 22.56 -32.39 -26.89
CA TYR C 457 21.31 -32.07 -27.54
C TYR C 457 20.89 -30.64 -27.26
N GLY C 458 20.86 -30.26 -26.00
CA GLY C 458 20.58 -28.87 -25.68
C GLY C 458 19.85 -28.71 -24.35
N ALA C 459 20.55 -28.06 -23.42
CA ALA C 459 19.98 -27.72 -22.13
C ALA C 459 20.41 -26.31 -21.68
N GLN C 460 19.67 -25.75 -20.73
CA GLN C 460 19.93 -24.41 -20.21
C GLN C 460 20.65 -24.50 -18.86
N ASP C 461 21.74 -23.76 -18.76
CA ASP C 461 22.51 -23.68 -17.52
C ASP C 461 21.69 -23.01 -16.43
N ASP C 462 21.59 -23.63 -15.26
CA ASP C 462 20.68 -23.17 -14.23
C ASP C 462 21.18 -21.90 -13.53
N VAL C 463 22.43 -21.52 -13.78
CA VAL C 463 23.02 -20.32 -13.16
C VAL C 463 23.16 -19.15 -14.13
N ASN C 464 23.78 -19.34 -15.30
CA ASN C 464 23.92 -18.22 -16.25
C ASN C 464 22.89 -18.19 -17.38
N GLY C 465 21.96 -19.14 -17.42
CA GLY C 465 20.88 -19.14 -18.39
C GLY C 465 21.29 -19.40 -19.85
N GLN C 466 22.56 -19.72 -20.09
CA GLN C 466 23.04 -20.00 -21.46
C GLN C 466 22.68 -21.42 -21.89
N TRP C 467 22.35 -21.57 -23.17
CA TRP C 467 22.09 -22.89 -23.76
C TRP C 467 23.36 -23.53 -24.32
N ASN C 468 23.32 -24.84 -24.46
CA ASN C 468 24.35 -25.61 -25.12
C ASN C 468 23.76 -26.52 -26.23
N GLY C 469 24.63 -27.35 -26.81
CA GLY C 469 24.17 -28.33 -27.77
C GLY C 469 23.62 -27.79 -29.08
N MET C 470 22.82 -28.63 -29.71
CA MET C 470 22.19 -28.25 -30.95
C MET C 470 21.23 -27.04 -30.78
N VAL C 471 20.55 -26.98 -29.64
CA VAL C 471 19.67 -25.87 -29.37
C VAL C 471 20.42 -24.55 -29.42
N ARG C 472 21.60 -24.50 -28.79
CA ARG C 472 22.42 -23.29 -28.86
C ARG C 472 22.87 -22.96 -30.30
N GLU C 473 23.20 -23.97 -31.12
CA GLU C 473 23.58 -23.71 -32.52
C GLU C 473 22.44 -23.04 -33.26
N LEU C 474 21.20 -23.45 -32.96
CA LEU C 474 20.07 -22.83 -33.62
C LEU C 474 19.82 -21.41 -33.12
N ILE C 475 19.88 -21.22 -31.82
CA ILE C 475 19.62 -19.91 -31.22
C ILE C 475 20.57 -18.88 -31.84
N ASP C 476 21.82 -19.29 -32.02
CA ASP C 476 22.86 -18.40 -32.50
C ASP C 476 22.94 -18.32 -34.02
N HIS C 477 22.03 -18.99 -34.69
CA HIS C 477 21.97 -19.05 -36.15
C HIS C 477 23.24 -19.62 -36.77
N LYS C 478 23.89 -20.54 -36.06
CA LYS C 478 24.98 -21.27 -36.62
C LYS C 478 24.51 -22.46 -37.42
N ALA C 479 23.31 -22.97 -37.13
CA ALA C 479 22.71 -23.98 -37.96
C ALA C 479 21.36 -23.53 -38.44
N ASP C 480 20.93 -24.06 -39.56
CA ASP C 480 19.59 -23.82 -40.08
C ASP C 480 18.57 -24.81 -39.55
N LEU C 481 19.03 -26.05 -39.41
CA LEU C 481 18.19 -27.18 -38.97
C LEU C 481 18.98 -28.05 -38.02
N ALA C 482 18.28 -28.63 -37.05
CA ALA C 482 18.80 -29.70 -36.23
C ALA C 482 17.99 -30.93 -36.58
N VAL C 483 18.59 -31.88 -37.27
CA VAL C 483 17.88 -33.08 -37.67
C VAL C 483 18.49 -34.21 -36.88
N ALA C 484 17.76 -34.64 -35.89
CA ALA C 484 18.22 -35.49 -34.81
C ALA C 484 16.98 -35.87 -34.00
N PRO C 485 17.07 -36.87 -33.12
CA PRO C 485 15.92 -37.17 -32.25
C PRO C 485 15.88 -36.15 -31.11
N LEU C 486 15.54 -34.91 -31.47
CA LEU C 486 15.51 -33.79 -30.53
C LEU C 486 14.13 -33.72 -29.91
N THR C 487 14.03 -34.00 -28.61
CA THR C 487 12.73 -34.06 -27.97
C THR C 487 12.12 -32.68 -27.90
N ILE C 488 10.83 -32.61 -28.27
CA ILE C 488 10.06 -31.37 -28.23
C ILE C 488 9.62 -31.16 -26.78
N THR C 489 10.18 -30.15 -26.12
CA THR C 489 9.86 -29.89 -24.72
C THR C 489 9.49 -28.42 -24.54
N TYR C 490 8.78 -28.16 -23.47
CA TYR C 490 8.35 -26.82 -23.08
C TYR C 490 9.52 -25.82 -23.05
N VAL C 491 10.58 -26.16 -22.35
CA VAL C 491 11.67 -25.22 -22.19
C VAL C 491 12.37 -24.93 -23.52
N ARG C 492 12.51 -25.95 -24.37
CA ARG C 492 13.14 -25.74 -25.68
C ARG C 492 12.23 -24.99 -26.67
N GLU C 493 10.93 -25.28 -26.66
CA GLU C 493 10.04 -24.71 -27.63
C GLU C 493 9.90 -23.19 -27.39
N LYS C 494 10.23 -22.73 -26.19
CA LYS C 494 10.24 -21.31 -25.91
C LYS C 494 11.37 -20.57 -26.58
N VAL C 495 12.43 -21.28 -26.99
CA VAL C 495 13.64 -20.60 -27.50
C VAL C 495 14.00 -20.97 -28.92
N ILE C 496 13.50 -22.08 -29.45
CA ILE C 496 13.63 -22.43 -30.86
C ILE C 496 12.24 -22.79 -31.39
N ASP C 497 12.15 -22.99 -32.71
CA ASP C 497 10.91 -23.39 -33.38
C ASP C 497 11.03 -24.85 -33.89
N PHE C 498 10.23 -25.74 -33.35
CA PHE C 498 10.24 -27.14 -33.76
C PHE C 498 9.26 -27.39 -34.86
N SER C 499 9.60 -28.27 -35.77
CA SER C 499 8.58 -28.91 -36.59
C SER C 499 7.64 -29.73 -35.75
N LYS C 500 6.52 -30.11 -36.33
CA LYS C 500 5.68 -31.12 -35.70
C LYS C 500 6.47 -32.43 -35.65
N PRO C 501 6.11 -33.32 -34.73
CA PRO C 501 6.97 -34.49 -34.48
C PRO C 501 7.02 -35.50 -35.63
N PHE C 502 8.20 -35.96 -35.99
CA PHE C 502 8.30 -37.06 -36.93
C PHE C 502 8.20 -38.41 -36.30
N MET C 503 8.31 -38.48 -34.96
CA MET C 503 8.12 -39.69 -34.18
C MET C 503 7.43 -39.31 -32.87
N THR C 504 6.44 -40.08 -32.41
CA THR C 504 5.83 -39.85 -31.10
C THR C 504 6.03 -41.11 -30.27
N LEU C 505 6.30 -40.96 -28.98
CA LEU C 505 6.83 -42.03 -28.16
C LEU C 505 6.56 -41.70 -26.71
N GLY C 506 7.15 -42.46 -25.77
CA GLY C 506 7.02 -42.16 -24.35
C GLY C 506 7.95 -43.06 -23.58
N ILE C 507 7.95 -42.88 -22.28
CA ILE C 507 8.72 -43.74 -21.39
C ILE C 507 7.98 -45.05 -21.28
N SER C 508 8.72 -46.16 -21.25
CA SER C 508 8.12 -47.43 -20.90
C SER C 508 9.13 -48.31 -20.15
N ILE C 509 8.80 -49.60 -20.03
CA ILE C 509 9.55 -50.55 -19.20
C ILE C 509 10.12 -51.67 -20.02
N LEU C 510 11.42 -51.91 -19.86
CA LEU C 510 12.09 -53.05 -20.46
C LEU C 510 12.30 -54.14 -19.42
N TYR C 511 11.83 -55.34 -19.73
CA TYR C 511 11.91 -56.44 -18.77
C TYR C 511 11.97 -57.75 -19.53
N ARG C 512 12.30 -58.83 -18.84
CA ARG C 512 12.34 -60.14 -19.50
C ARG C 512 10.93 -60.61 -19.76
N LYS C 513 10.80 -61.50 -20.74
CA LYS C 513 9.52 -62.07 -21.12
C LYS C 513 9.12 -63.13 -20.12
N GLY C 514 7.82 -63.40 -20.06
CA GLY C 514 7.33 -64.60 -19.40
C GLY C 514 7.00 -64.47 -17.94
N THR C 515 6.75 -63.25 -17.51
CA THR C 515 6.44 -62.93 -16.13
C THR C 515 5.03 -62.36 -16.06
N PRO C 516 4.51 -62.17 -14.85
CA PRO C 516 3.16 -61.60 -14.66
C PRO C 516 3.14 -60.09 -14.53
N ILE C 517 4.30 -59.45 -14.53
CA ILE C 517 4.35 -58.00 -14.45
C ILE C 517 3.81 -57.41 -15.73
N ASP C 518 2.92 -56.44 -15.61
CA ASP C 518 2.19 -55.94 -16.75
C ASP C 518 2.06 -54.41 -16.76
N SER C 519 2.58 -53.75 -15.73
CA SER C 519 2.42 -52.30 -15.60
C SER C 519 3.44 -51.72 -14.65
N ALA C 520 3.59 -50.40 -14.65
CA ALA C 520 4.43 -49.72 -13.69
C ALA C 520 3.87 -49.86 -12.27
N ASP C 521 2.56 -50.06 -12.19
CA ASP C 521 1.92 -50.23 -10.89
C ASP C 521 2.41 -51.51 -10.23
N ASP C 522 2.47 -52.58 -11.01
CA ASP C 522 2.94 -53.87 -10.51
C ASP C 522 4.36 -53.79 -9.96
N LEU C 523 5.18 -52.94 -10.56
CA LEU C 523 6.52 -52.72 -10.07
C LEU C 523 6.51 -51.84 -8.83
N ALA C 524 5.64 -50.84 -8.83
CA ALA C 524 5.68 -49.83 -7.79
C ALA C 524 5.24 -50.41 -6.44
N LYS C 525 4.35 -51.40 -6.49
CA LYS C 525 3.76 -51.95 -5.28
C LYS C 525 4.50 -53.21 -4.80
N GLN C 526 5.79 -53.33 -5.14
CA GLN C 526 6.61 -54.42 -4.63
C GLN C 526 8.07 -54.02 -4.55
N THR C 527 8.91 -54.93 -4.06
CA THR C 527 10.33 -54.63 -3.80
C THR C 527 11.27 -55.75 -4.22
N LYS C 528 10.72 -56.92 -4.49
CA LYS C 528 11.51 -58.07 -4.90
C LYS C 528 12.22 -57.82 -6.25
N ILE C 529 11.46 -57.36 -7.23
CA ILE C 529 12.00 -56.99 -8.55
C ILE C 529 12.54 -55.58 -8.50
N GLU C 530 13.82 -55.41 -8.72
CA GLU C 530 14.40 -54.09 -8.69
C GLU C 530 14.11 -53.40 -10.04
N TYR C 531 14.11 -52.08 -10.06
CA TYR C 531 13.92 -51.34 -11.31
C TYR C 531 14.60 -50.00 -11.18
N GLY C 532 15.00 -49.43 -12.30
CA GLY C 532 15.71 -48.19 -12.29
C GLY C 532 15.79 -47.61 -13.68
N ALA C 533 16.79 -46.79 -13.87
CA ALA C 533 16.92 -45.97 -15.05
C ALA C 533 18.35 -45.55 -15.20
N VAL C 534 18.71 -45.04 -16.36
CA VAL C 534 20.02 -44.48 -16.57
C VAL C 534 20.13 -43.15 -15.80
N GLU C 535 21.17 -43.05 -14.99
CA GLU C 535 21.35 -41.91 -14.13
C GLU C 535 21.47 -40.63 -14.97
N ASP C 536 20.71 -39.61 -14.58
CA ASP C 536 20.75 -38.26 -15.20
C ASP C 536 20.17 -38.18 -16.62
N GLY C 537 19.52 -39.23 -17.07
CA GLY C 537 18.90 -39.19 -18.39
C GLY C 537 17.54 -38.55 -18.31
N SER C 538 16.88 -38.42 -19.47
CA SER C 538 15.57 -37.79 -19.50
C SER C 538 14.54 -38.62 -18.75
N THR C 539 14.66 -39.94 -18.81
CA THR C 539 13.71 -40.78 -18.14
C THR C 539 13.84 -40.64 -16.63
N MET C 540 15.06 -40.66 -16.12
CA MET C 540 15.19 -40.51 -14.66
C MET C 540 14.60 -39.16 -14.23
N THR C 541 14.92 -38.13 -15.00
CA THR C 541 14.43 -36.78 -14.74
C THR C 541 12.90 -36.71 -14.67
N PHE C 542 12.20 -37.40 -15.57
CA PHE C 542 10.75 -37.49 -15.48
C PHE C 542 10.28 -37.99 -14.13
N PHE C 543 10.88 -39.08 -13.65
CA PHE C 543 10.46 -39.67 -12.39
C PHE C 543 10.78 -38.78 -11.22
N LYS C 544 11.91 -38.08 -11.32
CA LYS C 544 12.34 -37.23 -10.22
C LYS C 544 11.31 -36.12 -9.98
N LYS C 545 10.44 -35.89 -10.97
CA LYS C 545 9.53 -34.74 -10.96
C LYS C 545 8.04 -35.10 -10.97
N SER C 546 7.70 -36.32 -11.33
CA SER C 546 6.30 -36.68 -11.42
C SER C 546 5.67 -36.48 -10.05
N LYS C 547 4.52 -35.82 -10.05
CA LYS C 547 3.70 -35.76 -8.86
C LYS C 547 2.61 -36.80 -9.00
N ILE C 548 2.67 -37.58 -10.08
CA ILE C 548 1.72 -38.67 -10.26
C ILE C 548 2.08 -39.69 -9.19
N SER C 549 1.07 -40.40 -8.67
CA SER C 549 1.27 -41.21 -7.46
C SER C 549 2.29 -42.31 -7.67
N THR C 550 1.94 -43.24 -8.54
CA THR C 550 2.79 -44.39 -8.85
C THR C 550 4.24 -43.95 -9.11
N TYR C 551 4.41 -42.95 -9.98
CA TYR C 551 5.75 -42.56 -10.42
C TYR C 551 6.51 -41.86 -9.30
N ASP C 552 5.77 -41.18 -8.42
CA ASP C 552 6.42 -40.59 -7.25
C ASP C 552 6.93 -41.69 -6.30
N LYS C 553 6.16 -42.76 -6.14
CA LYS C 553 6.60 -43.89 -5.33
C LYS C 553 7.83 -44.56 -5.95
N MET C 554 7.79 -44.69 -7.26
CA MET C 554 8.88 -45.34 -7.98
C MET C 554 10.15 -44.57 -7.77
N TRP C 555 10.05 -43.25 -7.75
CA TRP C 555 11.22 -42.44 -7.60
C TRP C 555 11.75 -42.49 -6.18
N ALA C 556 10.85 -42.58 -5.20
CA ALA C 556 11.26 -42.79 -3.81
C ALA C 556 12.19 -44.00 -3.73
N PHE C 557 11.75 -45.11 -4.33
CA PHE C 557 12.52 -46.35 -4.38
C PHE C 557 13.85 -46.18 -5.10
N MET C 558 13.80 -45.64 -6.32
CA MET C 558 15.02 -45.49 -7.11
C MET C 558 16.03 -44.60 -6.42
N SER C 559 15.54 -43.50 -5.85
CA SER C 559 16.43 -42.54 -5.22
C SER C 559 17.11 -43.15 -3.99
N SER C 560 16.35 -43.89 -3.19
CA SER C 560 16.93 -44.48 -1.99
C SER C 560 17.95 -45.55 -2.35
N ARG C 561 17.60 -46.43 -3.29
CA ARG C 561 18.49 -47.52 -3.68
C ARG C 561 19.29 -47.15 -4.93
N ARG C 562 19.61 -45.87 -5.09
CA ARG C 562 20.26 -45.42 -6.32
C ARG C 562 21.60 -46.08 -6.62
N GLN C 563 22.39 -46.41 -5.62
CA GLN C 563 23.66 -47.03 -5.95
C GLN C 563 23.43 -48.43 -6.55
N SER C 564 22.29 -49.03 -6.19
CA SER C 564 21.95 -50.36 -6.65
C SER C 564 21.16 -50.38 -7.96
N VAL C 565 20.32 -49.38 -8.23
CA VAL C 565 19.41 -49.50 -9.36
C VAL C 565 19.51 -48.44 -10.47
N LEU C 566 20.22 -47.34 -10.24
CA LEU C 566 20.49 -46.37 -11.31
C LEU C 566 21.80 -46.79 -11.92
N VAL C 567 21.83 -46.87 -13.24
CA VAL C 567 22.96 -47.39 -13.97
C VAL C 567 23.55 -46.21 -14.75
N LYS C 568 24.83 -46.30 -15.14
CA LYS C 568 25.49 -45.18 -15.78
C LYS C 568 25.29 -45.16 -17.29
N SER C 569 24.81 -46.26 -17.85
CA SER C 569 24.60 -46.31 -19.30
C SER C 569 23.48 -47.27 -19.67
N SER C 570 22.88 -47.01 -20.82
CA SER C 570 21.85 -47.87 -21.35
C SER C 570 22.36 -49.29 -21.45
N GLU C 571 23.58 -49.42 -21.93
CA GLU C 571 24.17 -50.73 -22.14
C GLU C 571 24.27 -51.52 -20.82
N GLU C 572 24.66 -50.87 -19.74
CA GLU C 572 24.71 -51.54 -18.43
C GLU C 572 23.34 -51.97 -17.97
N GLY C 573 22.38 -51.07 -18.17
CA GLY C 573 21.00 -51.33 -17.83
C GLY C 573 20.45 -52.57 -18.54
N ILE C 574 20.70 -52.67 -19.83
CA ILE C 574 20.23 -53.83 -20.59
C ILE C 574 20.85 -55.12 -20.06
N GLN C 575 22.15 -55.09 -19.74
CA GLN C 575 22.75 -56.29 -19.13
C GLN C 575 22.16 -56.68 -17.78
N ARG C 576 21.78 -55.71 -16.97
CA ARG C 576 21.14 -55.98 -15.75
C ARG C 576 19.77 -56.65 -15.94
N VAL C 577 19.02 -56.21 -16.95
CA VAL C 577 17.73 -56.83 -17.23
C VAL C 577 17.98 -58.29 -17.63
N LEU C 578 19.03 -58.52 -18.42
CA LEU C 578 19.30 -59.88 -18.95
C LEU C 578 19.82 -60.84 -17.90
N THR C 579 20.49 -60.35 -16.84
CA THR C 579 21.27 -61.22 -15.96
C THR C 579 20.76 -61.21 -14.55
N SER C 580 19.71 -60.44 -14.28
CA SER C 580 19.20 -60.32 -12.94
C SER C 580 17.74 -59.94 -12.97
N ASP C 581 17.11 -59.90 -11.80
CA ASP C 581 15.68 -59.71 -11.75
C ASP C 581 15.43 -58.22 -11.64
N TYR C 582 15.50 -57.57 -12.80
CA TYR C 582 15.54 -56.12 -12.88
C TYR C 582 14.80 -55.63 -14.09
N ALA C 583 14.13 -54.50 -13.93
CA ALA C 583 13.44 -53.85 -15.03
C ALA C 583 14.03 -52.47 -15.24
N LEU C 584 14.10 -52.05 -16.50
CA LEU C 584 14.73 -50.77 -16.84
C LEU C 584 13.69 -49.83 -17.46
N LEU C 585 13.57 -48.63 -16.89
CA LEU C 585 12.70 -47.57 -17.42
C LEU C 585 13.49 -46.80 -18.47
N MET C 586 12.95 -46.68 -19.68
CA MET C 586 13.67 -45.97 -20.77
C MET C 586 12.69 -45.52 -21.85
N GLU C 587 13.18 -44.79 -22.83
CA GLU C 587 12.31 -44.28 -23.90
C GLU C 587 11.90 -45.46 -24.77
N SER C 588 10.65 -45.43 -25.20
CA SER C 588 10.05 -46.55 -25.93
C SER C 588 10.72 -46.82 -27.29
N THR C 589 11.30 -45.80 -27.90
CA THR C 589 12.07 -45.95 -29.14
C THR C 589 13.31 -46.82 -28.89
N THR C 590 14.03 -46.55 -27.80
CA THR C 590 15.16 -47.39 -27.41
C THR C 590 14.71 -48.78 -27.07
N ILE C 591 13.61 -48.92 -26.34
CA ILE C 591 13.12 -50.23 -25.98
C ILE C 591 12.81 -51.06 -27.22
N GLU C 592 12.19 -50.46 -28.21
CA GLU C 592 11.90 -51.19 -29.44
C GLU C 592 13.17 -51.63 -30.16
N PHE C 593 14.18 -50.77 -30.17
CA PHE C 593 15.44 -51.11 -30.80
C PHE C 593 16.03 -52.33 -30.11
N VAL C 594 15.98 -52.33 -28.81
CA VAL C 594 16.53 -53.39 -27.99
C VAL C 594 15.76 -54.70 -28.13
N THR C 595 14.45 -54.63 -28.13
CA THR C 595 13.65 -55.85 -28.12
C THR C 595 13.67 -56.48 -29.50
N GLN C 596 13.94 -55.70 -30.54
CA GLN C 596 14.11 -56.30 -31.86
C GLN C 596 15.39 -57.10 -31.95
N ARG C 597 16.31 -56.89 -31.01
CA ARG C 597 17.65 -57.48 -31.05
C ARG C 597 17.90 -58.42 -29.89
N ASN C 598 16.92 -58.51 -28.99
CA ASN C 598 17.00 -59.34 -27.79
C ASN C 598 15.67 -60.03 -27.61
N CYS C 599 15.56 -61.22 -28.20
CA CYS C 599 14.26 -61.87 -28.35
C CYS C 599 13.65 -62.29 -27.03
N ASN C 600 14.37 -62.34 -25.91
CA ASN C 600 13.67 -62.68 -24.64
C ASN C 600 13.27 -61.50 -23.80
N LEU C 601 13.60 -60.32 -24.30
CA LEU C 601 13.13 -59.12 -23.61
C LEU C 601 11.85 -58.57 -24.26
N THR C 602 11.11 -57.77 -23.50
CA THR C 602 9.87 -57.18 -23.97
C THR C 602 9.57 -55.84 -23.32
N GLN C 603 8.74 -55.03 -23.98
CA GLN C 603 8.20 -53.87 -23.32
C GLN C 603 7.08 -54.29 -22.38
N ILE C 604 7.06 -53.72 -21.19
CA ILE C 604 5.99 -53.99 -20.22
C ILE C 604 5.06 -52.80 -20.16
N GLY C 605 3.79 -53.04 -20.46
CA GLY C 605 2.83 -51.97 -20.28
C GLY C 605 2.88 -51.06 -21.48
N GLY C 606 2.22 -49.94 -21.35
CA GLY C 606 2.18 -48.97 -22.42
C GLY C 606 3.12 -47.84 -22.11
N LEU C 607 2.79 -46.67 -22.66
CA LEU C 607 3.60 -45.48 -22.43
C LEU C 607 3.22 -44.77 -21.15
N ILE C 608 4.24 -44.28 -20.47
CA ILE C 608 4.14 -43.64 -19.16
C ILE C 608 4.04 -42.13 -19.27
N ASP C 609 4.59 -41.56 -20.33
CA ASP C 609 4.38 -40.15 -20.66
C ASP C 609 4.23 -40.11 -22.19
N SER C 610 4.11 -38.93 -22.75
CA SER C 610 3.97 -38.82 -24.20
C SER C 610 4.87 -37.66 -24.62
N LYS C 611 5.69 -37.89 -25.62
CA LYS C 611 6.44 -36.83 -26.21
C LYS C 611 6.86 -37.19 -27.64
N GLY C 612 7.35 -36.21 -28.35
CA GLY C 612 7.76 -36.38 -29.74
C GLY C 612 9.17 -35.86 -30.00
N TYR C 613 9.76 -36.36 -31.07
CA TYR C 613 10.99 -35.82 -31.64
C TYR C 613 10.63 -34.93 -32.81
N GLY C 614 11.24 -33.75 -32.90
CA GLY C 614 10.99 -32.83 -33.99
C GLY C 614 12.27 -32.31 -34.61
N VAL C 615 12.18 -31.78 -35.82
CA VAL C 615 13.30 -31.04 -36.40
C VAL C 615 13.35 -29.66 -35.78
N GLY C 616 14.51 -29.27 -35.27
CA GLY C 616 14.67 -27.95 -34.71
C GLY C 616 15.06 -26.91 -35.74
N THR C 617 14.51 -25.69 -35.61
CA THR C 617 14.92 -24.57 -36.44
C THR C 617 15.04 -23.36 -35.54
N PRO C 618 15.77 -22.33 -35.98
CA PRO C 618 15.79 -21.11 -35.18
C PRO C 618 14.40 -20.47 -35.11
N MET C 619 14.12 -19.75 -34.03
CA MET C 619 12.83 -19.06 -33.87
C MET C 619 12.61 -18.15 -35.08
N GLY C 620 11.44 -18.25 -35.69
CA GLY C 620 11.12 -17.43 -36.85
C GLY C 620 11.50 -18.01 -38.19
N SER C 621 12.11 -19.21 -38.22
CA SER C 621 12.54 -19.79 -39.49
C SER C 621 11.40 -20.07 -40.41
N PRO C 622 11.53 -19.70 -41.70
CA PRO C 622 10.54 -20.07 -42.71
C PRO C 622 10.52 -21.55 -43.04
N TYR C 623 11.58 -22.27 -42.68
CA TYR C 623 11.59 -23.70 -42.98
C TYR C 623 10.72 -24.50 -42.02
N ARG C 624 10.43 -23.97 -40.84
CA ARG C 624 9.69 -24.74 -39.83
C ARG C 624 8.37 -25.29 -40.37
N ASP C 625 7.50 -24.42 -40.86
CA ASP C 625 6.21 -24.86 -41.39
C ASP C 625 6.30 -25.68 -42.65
N LYS C 626 7.33 -25.45 -43.49
CA LYS C 626 7.51 -26.26 -44.68
C LYS C 626 7.89 -27.72 -44.33
N ILE C 627 8.74 -27.85 -43.34
CA ILE C 627 9.20 -29.16 -42.86
C ILE C 627 8.04 -29.89 -42.18
N THR C 628 7.28 -29.16 -41.40
CA THR C 628 6.05 -29.73 -40.79
C THR C 628 5.13 -30.33 -41.85
N ILE C 629 4.83 -29.57 -42.91
CA ILE C 629 3.94 -30.08 -43.95
C ILE C 629 4.56 -31.27 -44.65
N ALA C 630 5.87 -31.22 -44.90
CA ALA C 630 6.51 -32.37 -45.54
C ALA C 630 6.49 -33.62 -44.65
N ILE C 631 6.72 -33.45 -43.36
CA ILE C 631 6.66 -34.55 -42.40
C ILE C 631 5.25 -35.15 -42.36
N LEU C 632 4.22 -34.31 -42.31
CA LEU C 632 2.85 -34.80 -42.27
C LEU C 632 2.49 -35.61 -43.53
N GLN C 633 2.96 -35.14 -44.66
CA GLN C 633 2.74 -35.89 -45.91
C GLN C 633 3.47 -37.22 -45.98
N LEU C 634 4.74 -37.23 -45.57
CA LEU C 634 5.50 -38.45 -45.41
C LEU C 634 4.83 -39.43 -44.46
N GLN C 635 4.23 -38.95 -43.37
CA GLN C 635 3.55 -39.83 -42.47
C GLN C 635 2.32 -40.45 -43.14
N GLU C 636 1.52 -39.61 -43.75
CA GLU C 636 0.26 -40.06 -44.33
C GLU C 636 0.50 -41.04 -45.47
N GLU C 637 1.58 -40.81 -46.23
CA GLU C 637 1.93 -41.70 -47.32
C GLU C 637 2.50 -43.04 -46.85
N GLY C 638 2.78 -43.19 -45.54
CA GLY C 638 3.33 -44.41 -44.99
C GLY C 638 4.86 -44.48 -45.02
N LYS C 639 5.48 -43.40 -45.48
CA LYS C 639 6.91 -43.45 -45.69
C LYS C 639 7.72 -43.38 -44.40
N LEU C 640 7.24 -42.67 -43.38
CA LEU C 640 8.00 -42.62 -42.13
C LEU C 640 7.90 -43.94 -41.41
N HIS C 641 6.77 -44.60 -41.55
CA HIS C 641 6.63 -45.91 -40.99
C HIS C 641 7.62 -46.88 -41.65
N MET C 642 7.79 -46.79 -42.97
CA MET C 642 8.74 -47.64 -43.67
C MET C 642 10.18 -47.36 -43.19
N MET C 643 10.49 -46.08 -43.00
CA MET C 643 11.80 -45.64 -42.55
C MET C 643 12.09 -46.19 -41.14
N LYS C 644 11.10 -46.12 -40.27
CA LYS C 644 11.24 -46.66 -38.95
C LYS C 644 11.51 -48.16 -39.00
N GLU C 645 10.75 -48.90 -39.79
CA GLU C 645 10.98 -50.34 -39.86
C GLU C 645 12.35 -50.65 -40.42
N LYS C 646 12.80 -49.87 -41.39
CA LYS C 646 14.10 -50.09 -42.01
C LYS C 646 15.21 -50.07 -40.95
N TRP C 647 15.17 -49.08 -40.07
CA TRP C 647 16.24 -48.87 -39.10
C TRP C 647 16.06 -49.59 -37.77
N TRP C 648 14.83 -49.99 -37.43
CA TRP C 648 14.60 -50.66 -36.16
C TRP C 648 14.50 -52.20 -36.27
N ARG C 649 14.05 -52.75 -37.39
CA ARG C 649 13.79 -54.21 -37.42
C ARG C 649 15.06 -55.01 -37.26
N GLY C 650 15.01 -56.09 -36.48
CA GLY C 650 16.19 -56.88 -36.20
C GLY C 650 16.33 -58.04 -37.19
N THR D 2 52.43 51.26 22.90
CA THR D 2 53.38 50.15 22.96
C THR D 2 53.64 49.60 21.55
N HIS D 3 53.90 48.30 21.45
CA HIS D 3 54.20 47.63 20.19
C HIS D 3 52.95 47.60 19.27
N VAL D 4 53.15 47.74 17.96
CA VAL D 4 52.02 47.78 17.01
C VAL D 4 52.24 46.99 15.71
N LEU D 5 51.19 46.31 15.27
CA LEU D 5 51.24 45.39 14.12
C LEU D 5 50.03 45.61 13.22
N ARG D 6 50.25 45.69 11.91
CA ARG D 6 49.16 45.97 10.98
C ARG D 6 48.78 44.75 10.12
N PHE D 7 47.49 44.43 10.08
CA PHE D 7 46.96 43.40 9.17
C PHE D 7 46.27 44.05 7.96
N GLY D 8 46.28 43.36 6.83
CA GLY D 8 45.54 43.83 5.67
C GLY D 8 44.26 43.04 5.49
N GLY D 9 43.26 43.66 4.89
CA GLY D 9 41.99 43.02 4.65
C GLY D 9 41.54 43.32 3.23
N ILE D 10 41.10 42.31 2.50
CA ILE D 10 40.54 42.53 1.18
C ILE D 10 39.19 41.84 1.05
N PHE D 11 38.14 42.64 0.92
CA PHE D 11 36.77 42.13 0.94
C PHE D 11 36.00 42.39 -0.34
N GLU D 12 35.33 41.35 -0.83
CA GLU D 12 34.67 41.36 -2.13
C GLU D 12 33.21 41.80 -1.95
N TYR D 13 32.66 42.54 -2.91
CA TYR D 13 31.25 42.95 -2.83
C TYR D 13 30.62 43.33 -4.19
N VAL D 14 29.29 43.39 -4.22
CA VAL D 14 28.56 43.85 -5.41
C VAL D 14 27.84 45.16 -5.08
N GLU D 15 27.75 46.05 -6.05
CA GLU D 15 27.18 47.39 -5.85
C GLU D 15 27.98 48.21 -4.83
N SER D 16 27.37 48.58 -3.70
CA SER D 16 28.05 49.40 -2.70
C SER D 16 27.81 48.86 -1.30
N GLY D 17 27.84 49.75 -0.30
CA GLY D 17 27.57 49.36 1.07
C GLY D 17 26.24 48.66 1.22
N PRO D 18 25.92 48.18 2.44
CA PRO D 18 26.70 48.30 3.67
C PRO D 18 27.97 47.45 3.65
N MET D 19 28.60 47.26 4.81
CA MET D 19 29.67 46.30 4.95
C MET D 19 29.09 44.89 4.88
N GLY D 20 29.89 43.95 4.41
CA GLY D 20 29.47 42.56 4.37
C GLY D 20 29.85 41.85 5.67
N ALA D 21 29.33 40.63 5.83
CA ALA D 21 29.62 39.83 7.02
C ALA D 21 31.12 39.65 7.24
N GLU D 22 31.85 39.33 6.18
CA GLU D 22 33.28 39.06 6.33
C GLU D 22 34.04 40.29 6.81
N GLU D 23 33.91 41.41 6.12
CA GLU D 23 34.63 42.61 6.56
C GLU D 23 34.21 43.02 7.97
N LEU D 24 32.97 42.71 8.35
CA LEU D 24 32.48 43.05 9.67
C LEU D 24 33.13 42.18 10.75
N ALA D 25 33.19 40.88 10.52
CA ALA D 25 33.78 39.95 11.48
C ALA D 25 35.26 40.24 11.65
N PHE D 26 35.90 40.69 10.57
CA PHE D 26 37.32 41.02 10.60
C PHE D 26 37.55 42.16 11.58
N ARG D 27 36.80 43.23 11.38
CA ARG D 27 36.93 44.41 12.21
C ARG D 27 36.58 44.08 13.64
N PHE D 28 35.51 43.32 13.80
CA PHE D 28 35.00 42.94 15.11
C PHE D 28 36.05 42.13 15.88
N ALA D 29 36.77 41.25 15.19
CA ALA D 29 37.78 40.43 15.82
C ALA D 29 38.94 41.29 16.32
N VAL D 30 39.41 42.19 15.46
CA VAL D 30 40.47 43.09 15.83
C VAL D 30 40.10 43.98 17.02
N ASN D 31 38.89 44.53 17.06
CA ASN D 31 38.47 45.39 18.17
C ASN D 31 38.42 44.60 19.49
N THR D 32 37.92 43.37 19.40
CA THR D 32 37.82 42.48 20.55
C THR D 32 39.18 42.13 21.11
N ILE D 33 40.08 41.70 20.23
CA ILE D 33 41.38 41.20 20.65
C ILE D 33 42.14 42.31 21.34
N ASN D 34 42.02 43.52 20.81
CA ASN D 34 42.70 44.65 21.40
C ASN D 34 42.34 44.81 22.87
N ARG D 35 41.06 44.65 23.18
CA ARG D 35 40.54 44.80 24.55
C ARG D 35 40.87 43.61 25.46
N ASN D 36 41.07 42.43 24.88
CA ASN D 36 41.56 41.28 25.65
C ASN D 36 42.93 41.61 26.23
N ARG D 37 43.14 41.30 27.51
CA ARG D 37 44.41 41.62 28.16
C ARG D 37 45.26 40.36 28.34
N THR D 38 44.70 39.21 27.94
CA THR D 38 45.42 37.96 27.97
C THR D 38 46.08 37.72 26.62
N LEU D 39 45.38 38.13 25.55
CA LEU D 39 45.87 37.93 24.20
C LEU D 39 46.45 39.21 23.63
N LEU D 40 47.69 39.11 23.17
CA LEU D 40 48.44 40.30 22.76
C LEU D 40 48.24 41.38 23.80
N PRO D 41 48.86 41.21 24.98
CA PRO D 41 48.81 42.15 26.10
C PRO D 41 49.51 43.46 25.74
N ASN D 42 50.76 43.34 25.31
CA ASN D 42 51.60 44.49 25.03
C ASN D 42 51.56 44.89 23.56
N THR D 43 50.70 44.22 22.79
CA THR D 43 50.62 44.44 21.35
C THR D 43 49.23 44.94 20.93
N THR D 44 49.20 45.93 20.03
CA THR D 44 47.94 46.54 19.60
C THR D 44 47.75 46.45 18.08
N LEU D 45 46.70 45.74 17.65
CA LEU D 45 46.46 45.49 16.23
C LEU D 45 45.79 46.67 15.49
N THR D 46 46.25 46.91 14.28
CA THR D 46 45.73 47.95 13.40
C THR D 46 45.45 47.30 12.04
N TYR D 47 44.75 47.99 11.14
CA TYR D 47 44.50 47.39 9.82
C TYR D 47 44.21 48.38 8.71
N ASP D 48 44.49 47.93 7.48
CA ASP D 48 44.01 48.61 6.28
C ASP D 48 42.94 47.72 5.64
N THR D 49 41.80 48.29 5.25
CA THR D 49 40.80 47.54 4.51
C THR D 49 40.59 48.11 3.11
N GLN D 50 40.51 47.20 2.15
CA GLN D 50 40.30 47.55 0.76
C GLN D 50 39.10 46.77 0.27
N LYS D 51 38.26 47.41 -0.54
CA LYS D 51 37.08 46.74 -1.05
C LYS D 51 37.29 46.54 -2.55
N ILE D 52 36.86 45.39 -3.08
CA ILE D 52 36.99 45.13 -4.51
C ILE D 52 35.73 44.52 -5.10
N ASN D 53 35.63 44.57 -6.43
CA ASN D 53 34.57 43.93 -7.16
C ASN D 53 34.76 42.42 -7.09
N LEU D 54 33.66 41.68 -7.22
CA LEU D 54 33.74 40.23 -7.26
C LEU D 54 34.33 39.82 -8.59
N TYR D 55 35.36 38.99 -8.56
CA TYR D 55 35.89 38.36 -9.77
C TYR D 55 36.83 39.26 -10.55
N ASP D 56 37.25 40.37 -9.94
CA ASP D 56 38.25 41.23 -10.58
C ASP D 56 39.63 40.92 -9.97
N SER D 57 40.30 39.89 -10.48
CA SER D 57 41.57 39.50 -9.89
C SER D 57 42.61 40.59 -10.10
N PHE D 58 42.54 41.29 -11.23
CA PHE D 58 43.37 42.48 -11.46
C PHE D 58 43.27 43.51 -10.34
N GLU D 59 42.06 43.89 -9.93
CA GLU D 59 41.91 44.85 -8.86
C GLU D 59 42.44 44.26 -7.54
N ALA D 60 42.15 42.98 -7.29
CA ALA D 60 42.64 42.31 -6.08
C ALA D 60 44.16 42.37 -6.02
N SER D 61 44.81 42.19 -7.16
CA SER D 61 46.27 42.25 -7.22
C SER D 61 46.73 43.64 -6.80
N LYS D 62 46.23 44.67 -7.48
CA LYS D 62 46.58 46.05 -7.15
C LYS D 62 46.41 46.34 -5.66
N LYS D 63 45.22 46.07 -5.10
CA LYS D 63 44.98 46.38 -3.69
C LYS D 63 45.96 45.59 -2.79
N ALA D 64 46.27 44.36 -3.15
CA ALA D 64 47.20 43.57 -2.33
C ALA D 64 48.60 44.19 -2.36
N CYS D 65 49.04 44.59 -3.54
CA CYS D 65 50.30 45.32 -3.69
C CYS D 65 50.32 46.65 -2.90
N ASP D 66 49.25 47.44 -2.94
CA ASP D 66 49.18 48.65 -2.13
C ASP D 66 49.40 48.30 -0.65
N GLN D 67 48.71 47.26 -0.16
CA GLN D 67 48.78 46.90 1.25
C GLN D 67 50.18 46.44 1.63
N LEU D 68 50.84 45.69 0.74
CA LEU D 68 52.18 45.20 1.03
C LEU D 68 53.13 46.38 1.06
N SER D 69 52.75 47.46 0.37
CA SER D 69 53.53 48.70 0.36
C SER D 69 53.36 49.49 1.67
N LEU D 70 52.13 49.72 2.11
CA LEU D 70 51.87 50.22 3.47
C LEU D 70 52.63 49.40 4.52
N GLY D 71 52.75 48.10 4.29
CA GLY D 71 53.37 47.20 5.24
C GLY D 71 52.34 46.46 6.06
N VAL D 72 52.29 45.14 5.92
CA VAL D 72 51.34 44.32 6.68
C VAL D 72 51.94 42.97 7.01
N ALA D 73 51.50 42.39 8.12
CA ALA D 73 52.07 41.14 8.60
C ALA D 73 51.34 39.95 8.01
N ALA D 74 50.16 40.19 7.47
CA ALA D 74 49.38 39.17 6.78
C ALA D 74 48.25 39.85 6.03
N ILE D 75 47.83 39.24 4.93
CA ILE D 75 46.67 39.68 4.21
C ILE D 75 45.55 38.67 4.36
N PHE D 76 44.46 39.07 4.99
CA PHE D 76 43.29 38.20 5.05
C PHE D 76 42.58 38.34 3.72
N GLY D 77 43.23 37.81 2.68
CA GLY D 77 42.90 38.05 1.29
C GLY D 77 41.46 37.73 1.06
N PRO D 78 40.98 37.95 -0.17
CA PRO D 78 39.57 37.86 -0.56
C PRO D 78 39.08 36.41 -0.63
N SER D 79 37.79 36.23 -0.83
CA SER D 79 37.14 34.93 -0.65
C SER D 79 37.10 34.03 -1.89
N HIS D 80 36.84 34.62 -3.06
CA HIS D 80 36.49 33.85 -4.22
C HIS D 80 37.67 33.41 -5.06
N SER D 81 37.56 32.20 -5.60
CA SER D 81 38.67 31.50 -6.23
C SER D 81 39.69 32.39 -6.98
N SER D 82 39.27 33.09 -8.03
CA SER D 82 40.21 33.76 -8.91
C SER D 82 40.96 34.92 -8.24
N SER D 83 40.28 35.72 -7.42
CA SER D 83 40.98 36.80 -6.73
C SER D 83 41.87 36.24 -5.64
N ALA D 84 41.41 35.18 -4.99
CA ALA D 84 42.13 34.57 -3.89
C ALA D 84 43.42 33.89 -4.38
N ASN D 85 43.39 33.30 -5.57
CA ASN D 85 44.56 32.65 -6.13
C ASN D 85 45.61 33.67 -6.56
N ALA D 86 45.16 34.87 -6.85
CA ALA D 86 46.04 35.92 -7.37
C ALA D 86 46.74 36.59 -6.22
N VAL D 87 46.00 36.86 -5.15
CA VAL D 87 46.58 37.42 -3.95
C VAL D 87 47.50 36.40 -3.25
N GLN D 88 47.25 35.11 -3.46
CA GLN D 88 48.04 34.07 -2.81
C GLN D 88 49.39 33.95 -3.49
N SER D 89 49.42 34.19 -4.79
CA SER D 89 50.64 34.09 -5.59
C SER D 89 51.55 35.25 -5.28
N ILE D 90 50.94 36.41 -5.09
CA ILE D 90 51.63 37.63 -4.71
C ILE D 90 52.20 37.45 -3.32
N CYS D 91 51.36 37.12 -2.37
CA CYS D 91 51.79 36.85 -1.01
C CYS D 91 52.92 35.82 -0.94
N ASN D 92 52.97 34.90 -1.89
CA ASN D 92 53.98 33.86 -1.88
C ASN D 92 55.33 34.40 -2.36
N ALA D 93 55.28 35.25 -3.37
CA ALA D 93 56.47 35.90 -3.90
C ALA D 93 57.10 36.86 -2.89
N LEU D 94 56.29 37.54 -2.09
CA LEU D 94 56.80 38.49 -1.12
C LEU D 94 56.83 37.90 0.30
N GLY D 95 56.56 36.60 0.40
CA GLY D 95 56.63 35.92 1.69
C GLY D 95 55.83 36.54 2.82
N VAL D 96 54.65 37.06 2.51
CA VAL D 96 53.68 37.46 3.55
C VAL D 96 52.55 36.44 3.62
N PRO D 97 52.20 35.98 4.83
CA PRO D 97 51.13 34.98 4.93
C PRO D 97 49.79 35.47 4.37
N HIS D 98 49.17 34.63 3.56
CA HIS D 98 47.83 34.88 3.07
C HIS D 98 46.87 34.01 3.83
N ILE D 99 45.93 34.60 4.55
CA ILE D 99 44.93 33.86 5.34
C ILE D 99 43.57 33.75 4.67
N GLN D 100 43.19 32.53 4.29
CA GLN D 100 41.93 32.29 3.58
C GLN D 100 40.84 31.76 4.53
N THR D 101 39.59 31.97 4.15
CA THR D 101 38.47 31.53 4.99
C THR D 101 37.47 30.70 4.21
N ARG D 102 37.75 30.47 2.93
CA ARG D 102 36.81 29.81 2.05
C ARG D 102 37.58 28.79 1.22
N TRP D 103 36.92 27.69 0.89
CA TRP D 103 37.52 26.65 0.09
C TRP D 103 37.71 27.12 -1.35
N LYS D 104 38.83 26.73 -1.95
CA LYS D 104 39.01 26.86 -3.40
C LYS D 104 39.77 25.62 -3.85
N HIS D 105 39.67 25.26 -5.13
CA HIS D 105 40.26 24.02 -5.61
C HIS D 105 41.79 24.03 -5.54
N GLN D 106 42.34 23.09 -4.77
CA GLN D 106 43.78 22.96 -4.64
C GLN D 106 44.37 22.21 -5.83
N VAL D 107 45.23 22.88 -6.59
CA VAL D 107 45.99 22.22 -7.64
C VAL D 107 47.23 21.60 -7.02
N SER D 108 47.49 20.34 -7.37
CA SER D 108 48.54 19.56 -6.74
C SER D 108 49.91 20.17 -7.00
N ASP D 109 50.19 20.43 -8.28
CA ASP D 109 51.49 20.91 -8.71
C ASP D 109 51.70 22.40 -8.43
N ASN D 110 50.89 22.99 -7.57
CA ASN D 110 51.07 24.38 -7.20
C ASN D 110 51.89 24.47 -5.91
N LYS D 111 52.97 25.25 -5.99
CA LYS D 111 54.01 25.25 -4.97
C LYS D 111 53.90 26.36 -3.92
N ASP D 112 52.88 27.21 -4.01
CA ASP D 112 52.68 28.25 -3.00
C ASP D 112 52.69 27.61 -1.63
N SER D 113 53.31 28.28 -0.66
CA SER D 113 53.42 27.75 0.69
C SER D 113 53.05 28.79 1.75
N PHE D 114 52.89 30.05 1.33
CA PHE D 114 52.55 31.12 2.25
C PHE D 114 51.05 31.33 2.39
N TYR D 115 50.33 30.27 2.74
CA TYR D 115 48.92 30.42 3.04
C TYR D 115 48.43 29.29 3.93
N VAL D 116 47.43 29.60 4.74
CA VAL D 116 46.63 28.62 5.46
C VAL D 116 45.17 28.90 5.14
N SER D 117 44.29 27.93 5.34
CA SER D 117 42.87 28.10 5.07
C SER D 117 42.07 27.60 6.24
N LEU D 118 41.22 28.45 6.79
CA LEU D 118 40.44 28.08 7.98
C LEU D 118 39.17 27.30 7.66
N TYR D 119 38.88 27.13 6.38
CA TYR D 119 37.69 26.39 5.99
C TYR D 119 37.89 24.88 6.10
N PRO D 120 36.92 24.18 6.71
CA PRO D 120 36.99 22.72 6.85
C PRO D 120 37.16 22.05 5.51
N ASP D 121 38.26 21.35 5.29
CA ASP D 121 38.55 20.82 3.97
C ASP D 121 37.43 19.92 3.44
N PHE D 122 37.21 19.99 2.14
CA PHE D 122 36.22 19.18 1.45
C PHE D 122 36.41 17.67 1.66
N SER D 123 37.65 17.17 1.60
CA SER D 123 37.87 15.74 1.76
C SER D 123 37.24 15.21 3.03
N SER D 124 37.41 15.92 4.13
CA SER D 124 36.87 15.50 5.41
C SER D 124 35.35 15.62 5.50
N LEU D 125 34.80 16.66 4.87
CA LEU D 125 33.35 16.90 4.87
C LEU D 125 32.62 15.86 4.04
N SER D 126 33.17 15.61 2.86
CA SER D 126 32.78 14.51 2.00
C SER D 126 32.63 13.23 2.81
N ARG D 127 33.64 12.89 3.62
CA ARG D 127 33.59 11.62 4.34
C ARG D 127 32.48 11.65 5.37
N ALA D 128 32.31 12.78 6.04
CA ALA D 128 31.32 12.89 7.10
C ALA D 128 29.89 12.83 6.54
N ILE D 129 29.70 13.27 5.30
CA ILE D 129 28.42 13.10 4.65
C ILE D 129 28.17 11.62 4.48
N LEU D 130 29.14 10.93 3.87
CA LEU D 130 29.04 9.51 3.62
C LEU D 130 28.85 8.74 4.93
N ASP D 131 29.52 9.16 6.00
CA ASP D 131 29.39 8.48 7.27
C ASP D 131 27.95 8.55 7.78
N LEU D 132 27.33 9.69 7.57
CA LEU D 132 25.98 9.93 8.03
C LEU D 132 24.97 9.10 7.24
N VAL D 133 25.07 9.15 5.91
CA VAL D 133 24.27 8.31 5.04
C VAL D 133 24.30 6.84 5.48
N GLN D 134 25.48 6.32 5.79
CA GLN D 134 25.63 4.92 6.17
C GLN D 134 25.05 4.61 7.53
N PHE D 135 24.96 5.63 8.39
CA PHE D 135 24.38 5.45 9.71
C PHE D 135 22.85 5.38 9.63
N PHE D 136 22.28 6.10 8.66
CA PHE D 136 20.86 6.03 8.40
C PHE D 136 20.54 4.79 7.56
N LYS D 137 21.59 4.04 7.23
CA LYS D 137 21.45 2.78 6.50
C LYS D 137 20.81 2.95 5.12
N TRP D 138 20.92 4.13 4.53
CA TRP D 138 20.38 4.37 3.19
C TRP D 138 21.08 3.53 2.15
N LYS D 139 20.30 2.93 1.25
CA LYS D 139 20.85 2.17 0.13
C LYS D 139 20.55 2.91 -1.17
N THR D 140 19.68 3.90 -1.09
CA THR D 140 19.28 4.69 -2.25
C THR D 140 19.33 6.15 -1.84
N VAL D 141 19.90 6.98 -2.71
CA VAL D 141 19.99 8.42 -2.40
C VAL D 141 20.14 9.27 -3.66
N THR D 142 19.47 10.40 -3.68
CA THR D 142 19.58 11.32 -4.80
C THR D 142 20.38 12.53 -4.34
N VAL D 143 21.57 12.71 -4.94
CA VAL D 143 22.41 13.88 -4.69
C VAL D 143 21.97 15.00 -5.65
N VAL D 144 21.55 16.13 -5.10
CA VAL D 144 21.24 17.31 -5.91
C VAL D 144 22.26 18.43 -5.65
N TYR D 145 22.99 18.86 -6.69
CA TYR D 145 24.00 19.91 -6.52
C TYR D 145 23.67 21.19 -7.29
N ASP D 146 24.23 22.34 -6.89
CA ASP D 146 24.01 23.59 -7.62
C ASP D 146 24.99 23.77 -8.79
N ASP D 147 26.26 24.02 -8.51
CA ASP D 147 27.19 24.28 -9.60
C ASP D 147 28.35 23.31 -9.57
N SER D 148 29.03 23.18 -10.71
CA SER D 148 30.16 22.26 -10.86
C SER D 148 30.88 21.91 -9.56
N THR D 149 31.34 22.92 -8.80
CA THR D 149 32.22 22.64 -7.67
C THR D 149 31.52 21.83 -6.57
N GLY D 150 30.20 21.86 -6.57
CA GLY D 150 29.42 20.94 -5.75
C GLY D 150 29.85 19.49 -5.95
N LEU D 151 29.94 19.06 -7.20
CA LEU D 151 30.48 17.74 -7.54
C LEU D 151 31.74 17.39 -6.75
N ILE D 152 32.68 18.33 -6.68
CA ILE D 152 33.96 18.08 -6.07
C ILE D 152 33.85 17.88 -4.56
N ARG D 153 32.93 18.58 -3.93
CA ARG D 153 32.75 18.47 -2.48
C ARG D 153 32.14 17.13 -2.11
N LEU D 154 31.50 16.49 -3.06
CA LEU D 154 30.90 15.19 -2.82
C LEU D 154 31.59 14.03 -3.54
N GLN D 155 32.85 14.18 -3.97
CA GLN D 155 33.45 13.10 -4.73
C GLN D 155 33.54 11.81 -3.91
N GLU D 156 33.95 11.91 -2.64
CA GLU D 156 33.99 10.72 -1.79
C GLU D 156 32.66 9.98 -1.81
N LEU D 157 31.57 10.73 -1.88
CA LEU D 157 30.23 10.13 -1.87
C LEU D 157 29.87 9.53 -3.21
N ILE D 158 30.26 10.20 -4.29
CA ILE D 158 29.96 9.78 -5.64
C ILE D 158 30.74 8.50 -6.04
N LYS D 159 31.85 8.23 -5.35
CA LYS D 159 32.68 7.06 -5.64
C LYS D 159 32.35 5.87 -4.75
N ALA D 160 31.39 6.04 -3.84
CA ALA D 160 30.99 4.99 -2.91
C ALA D 160 30.26 3.82 -3.57
N PRO D 161 29.43 4.08 -4.60
CA PRO D 161 28.63 3.00 -5.20
C PRO D 161 29.41 1.82 -5.76
N SER D 162 30.74 1.82 -5.70
CA SER D 162 31.53 0.70 -6.20
C SER D 162 32.14 -0.10 -5.06
N ARG D 163 32.25 0.53 -3.90
CA ARG D 163 32.71 -0.14 -2.67
C ARG D 163 31.50 -0.63 -1.85
N TYR D 164 30.71 0.29 -1.29
CA TYR D 164 29.51 -0.08 -0.54
C TYR D 164 28.34 -0.38 -1.48
N ASN D 165 27.15 -0.53 -0.90
CA ASN D 165 25.97 -0.80 -1.71
C ASN D 165 25.00 0.38 -1.74
N LEU D 166 25.42 1.44 -2.41
CA LEU D 166 24.54 2.58 -2.65
C LEU D 166 24.33 2.78 -4.14
N ARG D 167 23.09 2.62 -4.58
CA ARG D 167 22.72 3.13 -5.89
C ARG D 167 22.46 4.59 -5.64
N LEU D 168 22.78 5.43 -6.59
CA LEU D 168 22.59 6.85 -6.38
C LEU D 168 22.35 7.60 -7.68
N LYS D 169 21.44 8.58 -7.63
CA LYS D 169 21.09 9.36 -8.79
C LYS D 169 21.59 10.79 -8.59
N ILE D 170 22.13 11.39 -9.64
CA ILE D 170 22.72 12.71 -9.54
C ILE D 170 21.95 13.69 -10.41
N ARG D 171 21.41 14.72 -9.78
CA ARG D 171 20.63 15.74 -10.46
C ARG D 171 21.22 17.11 -10.19
N GLN D 172 20.96 18.06 -11.08
CA GLN D 172 21.44 19.43 -10.85
C GLN D 172 20.28 20.40 -10.71
N LEU D 173 20.38 21.31 -9.75
CA LEU D 173 19.45 22.42 -9.61
C LEU D 173 19.60 23.37 -10.80
N PRO D 174 18.55 24.15 -11.08
CA PRO D 174 18.73 25.20 -12.10
C PRO D 174 19.28 26.49 -11.46
N ALA D 175 19.62 27.46 -12.28
CA ALA D 175 20.12 28.74 -11.77
C ALA D 175 19.23 29.27 -10.63
N ASP D 176 17.91 29.33 -10.86
CA ASP D 176 16.96 29.86 -9.87
C ASP D 176 16.09 28.78 -9.25
N THR D 177 15.93 28.78 -7.92
CA THR D 177 15.16 27.73 -7.24
C THR D 177 13.67 27.75 -7.59
N LYS D 178 13.19 28.88 -8.09
CA LYS D 178 11.81 28.98 -8.54
C LYS D 178 11.60 28.09 -9.77
N ASP D 179 12.69 27.76 -10.43
CA ASP D 179 12.62 26.93 -11.62
C ASP D 179 12.66 25.46 -11.22
N ALA D 180 12.59 25.17 -9.92
CA ALA D 180 12.94 23.82 -9.44
C ALA D 180 11.76 22.84 -9.29
N LYS D 181 10.55 23.25 -9.64
CA LYS D 181 9.41 22.35 -9.48
C LYS D 181 9.52 21.16 -10.44
N PRO D 182 9.84 21.42 -11.71
CA PRO D 182 9.93 20.31 -12.67
C PRO D 182 10.93 19.24 -12.22
N LEU D 183 12.04 19.68 -11.61
CA LEU D 183 13.05 18.77 -11.09
C LEU D 183 12.50 17.99 -9.91
N LEU D 184 11.79 18.69 -9.02
CA LEU D 184 11.24 18.06 -7.83
C LEU D 184 10.11 17.09 -8.18
N LYS D 185 9.39 17.40 -9.26
CA LYS D 185 8.32 16.53 -9.73
C LYS D 185 8.92 15.21 -10.19
N GLU D 186 10.06 15.26 -10.88
CA GLU D 186 10.71 14.02 -11.32
C GLU D 186 11.16 13.19 -10.12
N MET D 187 11.69 13.84 -9.10
CA MET D 187 12.10 13.12 -7.90
C MET D 187 10.88 12.49 -7.23
N LYS D 188 9.74 13.18 -7.27
CA LYS D 188 8.53 12.69 -6.61
C LYS D 188 7.99 11.45 -7.31
N ARG D 189 7.82 11.53 -8.63
CA ARG D 189 7.45 10.37 -9.45
C ARG D 189 8.46 9.26 -9.25
N GLY D 190 9.73 9.63 -9.09
CA GLY D 190 10.80 8.67 -8.96
C GLY D 190 10.86 8.03 -7.59
N LYS D 191 10.06 8.53 -6.65
CA LYS D 191 10.06 7.97 -5.31
C LYS D 191 11.41 8.17 -4.64
N GLU D 192 12.09 9.24 -4.99
CA GLU D 192 13.37 9.58 -4.39
C GLU D 192 13.14 10.28 -3.06
N PHE D 193 12.95 9.48 -2.03
CA PHE D 193 12.64 9.99 -0.71
C PHE D 193 13.87 10.41 0.08
N HIS D 194 15.03 9.92 -0.32
CA HIS D 194 16.27 10.17 0.42
C HIS D 194 17.16 11.07 -0.42
N VAL D 195 17.41 12.28 0.05
CA VAL D 195 18.00 13.31 -0.79
C VAL D 195 19.04 14.15 -0.08
N ILE D 196 20.20 14.29 -0.71
CA ILE D 196 21.24 15.20 -0.23
C ILE D 196 21.21 16.47 -1.09
N PHE D 197 21.02 17.63 -0.48
CA PHE D 197 21.15 18.91 -1.21
C PHE D 197 22.52 19.54 -0.99
N ASP D 198 23.35 19.54 -2.04
CA ASP D 198 24.63 20.26 -2.02
C ASP D 198 24.44 21.63 -2.65
N CYS D 199 24.38 22.66 -1.81
CA CYS D 199 24.10 24.01 -2.27
C CYS D 199 24.20 25.02 -1.12
N SER D 200 24.19 26.30 -1.43
CA SER D 200 24.33 27.28 -0.39
C SER D 200 23.10 27.24 0.53
N HIS D 201 23.21 27.75 1.74
CA HIS D 201 22.05 27.80 2.63
C HIS D 201 20.93 28.71 2.09
N GLU D 202 21.25 29.68 1.24
CA GLU D 202 20.20 30.51 0.63
C GLU D 202 19.43 29.69 -0.41
N MET D 203 20.15 28.87 -1.16
CA MET D 203 19.52 27.94 -2.11
C MET D 203 18.65 26.95 -1.36
N ALA D 204 19.13 26.51 -0.20
CA ALA D 204 18.42 25.50 0.58
C ALA D 204 17.11 26.07 1.14
N ALA D 205 17.13 27.32 1.60
CA ALA D 205 15.92 27.96 2.05
C ALA D 205 14.91 28.03 0.91
N GLY D 206 15.41 28.34 -0.28
CA GLY D 206 14.56 28.45 -1.44
C GLY D 206 14.00 27.11 -1.91
N ILE D 207 14.79 26.05 -1.84
CA ILE D 207 14.37 24.78 -2.40
C ILE D 207 13.38 24.10 -1.45
N LEU D 208 13.53 24.33 -0.14
CA LEU D 208 12.55 23.87 0.83
C LEU D 208 11.14 24.44 0.57
N LYS D 209 11.01 25.73 0.26
CA LYS D 209 9.69 26.30 -0.02
C LYS D 209 9.06 25.57 -1.20
N GLN D 210 9.85 25.30 -2.23
CA GLN D 210 9.34 24.61 -3.40
C GLN D 210 8.96 23.17 -3.03
N ALA D 211 9.67 22.59 -2.07
CA ALA D 211 9.44 21.21 -1.72
C ALA D 211 8.14 21.10 -0.94
N LEU D 212 7.81 22.14 -0.18
CA LEU D 212 6.57 22.23 0.58
C LEU D 212 5.37 22.31 -0.38
N ALA D 213 5.44 23.27 -1.28
CA ALA D 213 4.47 23.43 -2.35
C ALA D 213 4.20 22.12 -3.06
N MET D 214 5.19 21.25 -3.09
CA MET D 214 5.13 20.04 -3.90
C MET D 214 4.70 18.80 -3.10
N GLY D 215 4.35 19.00 -1.85
CA GLY D 215 3.88 17.93 -1.02
C GLY D 215 5.00 16.98 -0.66
N MET D 216 6.18 17.54 -0.48
CA MET D 216 7.39 16.72 -0.23
C MET D 216 8.05 17.07 1.10
N MET D 217 7.37 17.84 1.94
CA MET D 217 7.80 17.99 3.33
C MET D 217 6.85 17.19 4.23
N THR D 218 7.08 15.89 4.28
CA THR D 218 6.30 14.98 5.11
C THR D 218 7.22 13.90 5.69
N GLU D 219 6.68 13.06 6.55
CA GLU D 219 7.43 11.98 7.20
C GLU D 219 8.08 11.01 6.22
N TYR D 220 7.66 11.05 4.95
CA TYR D 220 8.22 10.14 3.95
C TYR D 220 9.61 10.58 3.46
N TYR D 221 9.94 11.86 3.63
CA TYR D 221 11.15 12.41 3.03
C TYR D 221 12.19 12.67 4.10
N HIS D 222 13.45 12.34 3.76
CA HIS D 222 14.59 12.69 4.60
C HIS D 222 15.68 13.42 3.78
N TYR D 223 15.99 14.64 4.19
CA TYR D 223 16.89 15.53 3.46
C TYR D 223 18.14 15.75 4.25
N ILE D 224 19.29 15.42 3.66
CA ILE D 224 20.57 15.78 4.25
C ILE D 224 21.12 17.03 3.55
N PHE D 225 21.54 18.00 4.36
CA PHE D 225 22.05 19.25 3.82
C PHE D 225 23.54 19.38 3.98
N THR D 226 24.15 19.75 2.87
CA THR D 226 25.58 19.83 2.76
C THR D 226 26.06 21.09 3.48
N THR D 227 25.22 22.14 3.48
CA THR D 227 25.62 23.44 4.02
C THR D 227 25.83 23.46 5.53
N LEU D 228 26.88 24.18 5.96
CA LEU D 228 27.23 24.30 7.36
C LEU D 228 26.41 25.40 8.03
N ASP D 229 25.68 26.14 7.20
CA ASP D 229 24.85 27.21 7.69
C ASP D 229 23.40 26.78 7.77
N LEU D 230 23.20 25.48 7.86
CA LEU D 230 21.87 24.92 8.03
C LEU D 230 21.14 25.58 9.19
N PHE D 231 21.86 25.81 10.29
CA PHE D 231 21.28 26.38 11.51
C PHE D 231 20.75 27.80 11.31
N ALA D 232 21.02 28.39 10.15
CA ALA D 232 20.60 29.76 9.86
C ALA D 232 19.24 29.80 9.21
N LEU D 233 18.72 28.64 8.85
CA LEU D 233 17.47 28.57 8.10
C LEU D 233 16.27 28.78 9.03
N ASP D 234 15.36 29.65 8.63
CA ASP D 234 14.04 29.72 9.25
C ASP D 234 13.42 28.34 9.11
N VAL D 235 13.21 27.67 10.23
CA VAL D 235 12.66 26.33 10.21
C VAL D 235 11.20 26.28 10.75
N GLU D 236 10.63 27.45 11.01
CA GLU D 236 9.27 27.54 11.56
C GLU D 236 8.22 26.95 10.62
N PRO D 237 8.34 27.19 9.31
CA PRO D 237 7.39 26.58 8.39
C PRO D 237 7.43 25.04 8.28
N TYR D 238 8.42 24.37 8.87
CA TYR D 238 8.59 22.95 8.54
C TYR D 238 8.65 22.01 9.74
N ARG D 239 8.87 22.52 10.95
CA ARG D 239 9.08 21.63 12.10
C ARG D 239 7.86 20.84 12.54
N TYR D 240 6.66 21.26 12.15
CA TYR D 240 5.45 20.56 12.59
C TYR D 240 5.05 19.46 11.61
N SER D 241 5.75 19.37 10.49
CA SER D 241 5.31 18.56 9.35
C SER D 241 5.74 17.12 9.42
N GLY D 242 6.80 16.83 10.18
CA GLY D 242 7.33 15.48 10.22
C GLY D 242 8.48 15.18 9.27
N VAL D 243 8.87 16.08 8.37
CA VAL D 243 10.05 15.81 7.54
C VAL D 243 11.24 15.63 8.42
N ASN D 244 12.21 14.92 7.86
CA ASN D 244 13.51 14.77 8.48
C ASN D 244 14.50 15.63 7.73
N MET D 245 15.17 16.52 8.45
CA MET D 245 16.24 17.32 7.89
C MET D 245 17.45 17.11 8.76
N THR D 246 18.54 16.66 8.17
CA THR D 246 19.76 16.48 8.92
C THR D 246 20.91 17.16 8.19
N GLY D 247 21.80 17.76 8.95
CA GLY D 247 23.00 18.35 8.40
C GLY D 247 24.07 18.49 9.46
N PHE D 248 25.05 19.35 9.21
CA PHE D 248 26.18 19.52 10.12
C PHE D 248 26.32 20.97 10.51
N ARG D 249 27.02 21.21 11.61
CA ARG D 249 27.27 22.55 12.10
C ARG D 249 28.65 22.62 12.75
N ILE D 250 29.49 23.54 12.28
CA ILE D 250 30.84 23.67 12.83
C ILE D 250 30.90 24.82 13.81
N LEU D 251 29.90 25.69 13.76
CA LEU D 251 29.81 26.80 14.69
C LEU D 251 29.43 26.21 16.06
N ASN D 252 30.28 26.43 17.05
CA ASN D 252 30.13 25.79 18.36
C ASN D 252 29.19 26.55 19.30
N THR D 253 27.89 26.45 19.02
CA THR D 253 26.88 27.25 19.73
C THR D 253 26.54 26.74 21.12
N GLU D 254 26.92 25.50 21.43
CA GLU D 254 26.64 24.92 22.75
C GLU D 254 27.53 25.52 23.84
N ASN D 255 28.75 25.90 23.47
CA ASN D 255 29.66 26.57 24.39
C ASN D 255 29.12 27.95 24.76
N THR D 256 29.01 28.23 26.06
CA THR D 256 28.35 29.44 26.51
C THR D 256 29.15 30.69 26.13
N GLN D 257 30.47 30.61 26.23
CA GLN D 257 31.34 31.71 25.83
C GLN D 257 31.15 32.09 24.36
N VAL D 258 30.87 31.10 23.51
CA VAL D 258 30.69 31.33 22.08
C VAL D 258 29.31 31.88 21.76
N SER D 259 28.32 31.53 22.58
CA SER D 259 26.96 32.04 22.39
C SER D 259 26.95 33.54 22.66
N SER D 260 27.61 33.97 23.73
CA SER D 260 27.62 35.38 24.11
C SER D 260 28.31 36.25 23.07
N ILE D 261 29.30 35.68 22.38
CA ILE D 261 30.02 36.41 21.35
C ILE D 261 29.16 36.56 20.09
N ILE D 262 28.44 35.50 19.73
CA ILE D 262 27.53 35.54 18.59
C ILE D 262 26.40 36.54 18.80
N GLU D 263 26.08 36.80 20.07
CA GLU D 263 25.02 37.75 20.41
C GLU D 263 25.48 39.19 20.18
N LYS D 264 26.61 39.56 20.76
CA LYS D 264 27.15 40.92 20.63
C LYS D 264 27.30 41.27 19.16
N TRP D 265 27.45 40.23 18.35
CA TRP D 265 27.55 40.39 16.92
C TRP D 265 26.20 40.77 16.31
N SER D 266 25.17 40.02 16.69
CA SER D 266 23.82 40.27 16.20
C SER D 266 23.34 41.69 16.51
N MET D 267 23.87 42.28 17.58
CA MET D 267 23.40 43.59 18.02
C MET D 267 23.90 44.69 17.08
N GLU D 268 25.18 44.62 16.71
CA GLU D 268 25.74 45.59 15.78
C GLU D 268 25.38 45.25 14.33
N ARG D 269 25.01 43.99 14.09
CA ARG D 269 24.65 43.58 12.73
C ARG D 269 23.14 43.62 12.47
N LEU D 270 22.39 42.81 13.23
CA LEU D 270 20.92 42.77 13.12
C LEU D 270 20.31 44.18 13.07
N GLN D 271 21.07 45.14 13.60
CA GLN D 271 20.69 46.55 13.58
C GLN D 271 20.52 47.10 12.15
N ALA D 272 21.04 46.36 11.17
CA ALA D 272 21.01 46.74 9.77
C ALA D 272 20.18 45.71 8.97
N PRO D 273 20.20 45.78 7.63
CA PRO D 273 19.10 45.21 6.82
C PRO D 273 18.85 43.69 6.92
N PRO D 274 17.67 43.30 7.43
CA PRO D 274 17.14 41.93 7.38
C PRO D 274 16.07 41.79 6.28
N LYS D 275 15.76 40.56 5.85
CA LYS D 275 14.77 40.38 4.80
C LYS D 275 13.62 39.49 5.25
N PRO D 276 12.44 39.68 4.64
CA PRO D 276 11.19 39.03 5.05
C PRO D 276 10.95 37.72 4.31
N ASP D 277 11.25 37.73 3.02
CA ASP D 277 10.91 36.64 2.13
C ASP D 277 12.13 35.71 1.95
N SER D 278 13.12 35.88 2.81
CA SER D 278 14.38 35.16 2.68
C SER D 278 14.24 33.68 3.08
N GLY D 279 13.66 33.45 4.24
CA GLY D 279 13.61 32.13 4.84
C GLY D 279 14.86 31.87 5.65
N LEU D 280 15.64 32.93 5.89
CA LEU D 280 16.78 32.88 6.79
C LEU D 280 16.41 33.65 8.07
N LEU D 281 16.96 33.23 9.20
CA LEU D 281 16.86 34.01 10.44
C LEU D 281 17.67 35.27 10.26
N ASP D 282 17.15 36.39 10.75
CA ASP D 282 17.89 37.65 10.67
C ASP D 282 18.93 37.74 11.78
N GLY D 283 20.11 38.25 11.44
CA GLY D 283 21.16 38.47 12.41
C GLY D 283 21.82 37.22 12.98
N PHE D 284 21.79 36.11 12.25
CA PHE D 284 22.54 34.93 12.65
C PHE D 284 23.94 35.08 12.06
N MET D 285 24.96 34.70 12.83
CA MET D 285 26.33 34.77 12.35
C MET D 285 26.64 33.58 11.44
N THR D 286 26.86 33.85 10.15
CA THR D 286 27.10 32.77 9.21
C THR D 286 28.51 32.21 9.39
N THR D 287 28.78 31.10 8.74
CA THR D 287 30.07 30.44 8.87
C THR D 287 31.18 31.23 8.16
N ASP D 288 30.89 31.82 7.00
CA ASP D 288 31.87 32.65 6.29
C ASP D 288 32.48 33.72 7.21
N ALA D 289 31.74 34.14 8.23
CA ALA D 289 32.11 35.29 9.06
C ALA D 289 32.73 34.85 10.38
N ALA D 290 32.22 33.76 10.91
CA ALA D 290 32.82 33.16 12.10
C ALA D 290 34.25 32.71 11.79
N LEU D 291 34.48 32.29 10.56
CA LEU D 291 35.80 31.81 10.16
C LEU D 291 36.77 32.97 10.04
N MET D 292 36.32 34.09 9.50
CA MET D 292 37.19 35.26 9.38
C MET D 292 37.58 35.73 10.78
N TYR D 293 36.61 35.75 11.68
CA TYR D 293 36.83 36.19 13.05
C TYR D 293 37.79 35.24 13.77
N ASP D 294 37.73 33.96 13.43
CA ASP D 294 38.60 32.96 14.04
C ASP D 294 40.01 33.06 13.45
N ALA D 295 40.07 33.41 12.17
CA ALA D 295 41.34 33.55 11.50
C ALA D 295 42.15 34.66 12.14
N VAL D 296 41.49 35.75 12.50
CA VAL D 296 42.19 36.89 13.08
C VAL D 296 42.73 36.53 14.47
N HIS D 297 42.03 35.64 15.16
CA HIS D 297 42.51 35.15 16.45
C HIS D 297 43.69 34.15 16.30
N VAL D 298 43.53 33.13 15.47
CA VAL D 298 44.58 32.11 15.32
C VAL D 298 45.90 32.76 14.90
N VAL D 299 45.85 33.63 13.89
CA VAL D 299 47.01 34.39 13.50
C VAL D 299 47.60 35.21 14.67
N SER D 300 46.76 35.80 15.52
CA SER D 300 47.25 36.57 16.67
C SER D 300 47.98 35.71 17.70
N VAL D 301 47.52 34.47 17.89
CA VAL D 301 48.19 33.56 18.80
C VAL D 301 49.64 33.36 18.35
N ALA D 302 49.85 33.46 17.04
CA ALA D 302 51.17 33.31 16.45
C ALA D 302 52.01 34.55 16.65
N VAL D 303 51.38 35.71 16.52
CA VAL D 303 52.03 37.00 16.73
C VAL D 303 52.58 37.11 18.16
N GLN D 304 51.86 36.57 19.12
CA GLN D 304 52.30 36.61 20.51
C GLN D 304 53.65 35.95 20.67
N GLN D 305 53.91 34.93 19.85
CA GLN D 305 55.14 34.14 19.96
C GLN D 305 56.29 34.70 19.11
N PHE D 306 56.11 35.89 18.55
CA PHE D 306 57.09 36.48 17.64
C PHE D 306 57.18 37.98 17.90
N PRO D 307 57.54 38.38 19.14
CA PRO D 307 57.60 39.80 19.51
C PRO D 307 58.61 40.61 18.70
N GLN D 308 59.59 39.96 18.08
CA GLN D 308 60.62 40.65 17.31
C GLN D 308 60.03 41.27 16.05
N MET D 309 59.02 40.59 15.51
CA MET D 309 58.47 40.90 14.19
C MET D 309 57.91 42.32 14.06
N THR D 310 58.15 42.89 12.88
CA THR D 310 57.58 44.19 12.52
C THR D 310 57.29 44.18 11.03
N VAL D 311 56.41 45.07 10.63
CA VAL D 311 56.01 45.15 9.24
C VAL D 311 57.10 45.83 8.41
N SER D 312 57.18 45.48 7.13
CA SER D 312 58.10 46.15 6.19
C SER D 312 57.33 46.63 4.98
N SER D 313 57.75 47.75 4.41
CA SER D 313 57.15 48.24 3.19
C SER D 313 57.78 47.49 2.03
N LEU D 314 56.99 46.60 1.44
CA LEU D 314 57.43 45.77 0.32
C LEU D 314 56.85 46.26 -0.99
N GLN D 315 57.60 46.07 -2.05
CA GLN D 315 57.20 46.54 -3.36
C GLN D 315 57.07 45.36 -4.32
N CYS D 316 55.93 45.26 -4.99
CA CYS D 316 55.71 44.17 -5.93
C CYS D 316 56.71 44.25 -7.09
N ASN D 317 57.18 45.46 -7.40
CA ASN D 317 58.25 45.67 -8.38
C ASN D 317 59.41 44.73 -8.19
N ARG D 318 59.90 44.66 -6.96
CA ARG D 318 61.17 44.02 -6.63
C ARG D 318 60.97 42.62 -6.04
N HIS D 319 61.93 41.73 -6.27
CA HIS D 319 61.79 40.34 -5.88
C HIS D 319 62.30 40.11 -4.46
N LYS D 320 62.22 41.14 -3.63
CA LYS D 320 62.78 41.09 -2.28
C LYS D 320 61.71 40.79 -1.24
N PRO D 321 61.68 39.56 -0.69
CA PRO D 321 60.67 39.15 0.29
C PRO D 321 60.88 39.72 1.68
N TRP D 322 59.87 39.51 2.52
CA TRP D 322 59.84 39.97 3.89
C TRP D 322 60.71 39.09 4.77
N ARG D 323 61.59 39.70 5.56
CA ARG D 323 62.51 38.97 6.44
C ARG D 323 61.81 37.94 7.31
N PHE D 324 60.74 38.38 7.96
CA PHE D 324 60.10 37.58 8.99
C PHE D 324 59.05 36.62 8.45
N GLY D 325 58.87 36.59 7.14
CA GLY D 325 57.78 35.84 6.54
C GLY D 325 57.84 34.36 6.85
N THR D 326 58.97 33.76 6.52
CA THR D 326 59.14 32.33 6.66
C THR D 326 58.85 31.84 8.06
N ARG D 327 59.30 32.59 9.07
CA ARG D 327 59.16 32.19 10.46
C ARG D 327 57.73 32.42 10.95
N PHE D 328 57.10 33.51 10.52
CA PHE D 328 55.72 33.80 10.87
C PHE D 328 54.79 32.75 10.27
N MET D 329 54.96 32.45 8.98
CA MET D 329 54.16 31.44 8.33
C MET D 329 54.25 30.14 9.10
N SER D 330 55.43 29.80 9.57
CA SER D 330 55.62 28.54 10.29
C SER D 330 54.89 28.56 11.64
N LEU D 331 54.86 29.71 12.30
CA LEU D 331 54.19 29.82 13.58
C LEU D 331 52.68 29.71 13.42
N ILE D 332 52.17 30.26 12.33
CA ILE D 332 50.74 30.22 12.04
C ILE D 332 50.30 28.78 11.80
N LYS D 333 51.06 28.03 10.99
CA LYS D 333 50.70 26.65 10.70
C LYS D 333 50.76 25.76 11.94
N GLU D 334 51.54 26.16 12.94
CA GLU D 334 51.70 25.35 14.14
C GLU D 334 50.65 25.73 15.19
N ALA D 335 49.92 26.82 14.93
CA ALA D 335 49.04 27.39 15.94
C ALA D 335 47.83 26.52 16.23
N HIS D 336 47.31 26.71 17.44
CA HIS D 336 46.18 25.96 17.98
C HIS D 336 45.30 26.99 18.67
N TRP D 337 43.99 26.86 18.53
CA TRP D 337 43.08 27.86 19.09
C TRP D 337 41.67 27.34 19.20
N GLU D 338 41.00 27.67 20.31
CA GLU D 338 39.58 27.39 20.47
C GLU D 338 38.79 28.65 20.11
N GLY D 339 38.15 28.63 18.95
CA GLY D 339 37.39 29.79 18.49
C GLY D 339 35.93 29.48 18.29
N LEU D 340 35.22 30.39 17.62
CA LEU D 340 33.82 30.20 17.34
C LEU D 340 33.54 28.86 16.65
N THR D 341 34.50 28.36 15.89
CA THR D 341 34.27 27.15 15.10
C THR D 341 34.99 25.92 15.64
N GLY D 342 35.21 25.88 16.96
CA GLY D 342 35.78 24.70 17.59
C GLY D 342 37.30 24.67 17.58
N ARG D 343 37.87 23.47 17.68
CA ARG D 343 39.32 23.29 17.60
C ARG D 343 39.82 23.80 16.27
N ILE D 344 40.77 24.71 16.30
CA ILE D 344 41.44 25.09 15.07
C ILE D 344 42.84 24.49 15.09
N THR D 345 43.19 23.80 14.01
CA THR D 345 44.48 23.17 13.87
C THR D 345 44.71 22.87 12.41
N PHE D 346 45.88 23.28 11.90
CA PHE D 346 46.17 23.04 10.50
C PHE D 346 46.98 21.79 10.29
N ASN D 347 46.96 21.33 9.04
CA ASN D 347 47.65 20.13 8.62
C ASN D 347 49.10 20.49 8.33
N LYS D 348 50.02 19.85 9.03
CA LYS D 348 51.45 20.10 8.81
C LYS D 348 51.75 20.12 7.32
N THR D 349 51.25 19.11 6.61
CA THR D 349 51.54 18.92 5.19
C THR D 349 51.12 20.09 4.27
N ASN D 350 49.83 20.44 4.23
CA ASN D 350 49.35 21.40 3.21
C ASN D 350 48.73 22.71 3.73
N GLY D 351 48.70 22.87 5.06
CA GLY D 351 48.14 24.07 5.64
C GLY D 351 46.63 24.15 5.52
N LEU D 352 46.00 23.03 5.20
CA LEU D 352 44.55 22.94 5.12
C LEU D 352 44.00 22.46 6.46
N ARG D 353 42.80 22.93 6.81
CA ARG D 353 42.18 22.50 8.05
C ARG D 353 41.46 21.18 7.80
N THR D 354 42.13 20.06 8.03
CA THR D 354 41.54 18.77 7.70
C THR D 354 40.99 18.07 8.93
N ASP D 355 41.41 18.52 10.10
CA ASP D 355 40.91 17.92 11.33
C ASP D 355 40.14 18.98 12.12
N PHE D 356 38.87 18.72 12.38
CA PHE D 356 37.98 19.67 13.07
C PHE D 356 36.81 18.93 13.70
N ASP D 357 36.00 19.64 14.48
CA ASP D 357 34.85 19.03 15.13
C ASP D 357 33.53 19.58 14.59
N LEU D 358 32.63 18.67 14.22
CA LEU D 358 31.27 19.04 13.82
C LEU D 358 30.21 18.55 14.82
N ASP D 359 29.25 19.41 15.14
CA ASP D 359 28.01 18.95 15.76
C ASP D 359 27.11 18.41 14.63
N VAL D 360 26.35 17.35 14.90
CA VAL D 360 25.41 16.86 13.91
C VAL D 360 23.99 17.25 14.35
N ILE D 361 23.28 17.98 13.48
CA ILE D 361 21.96 18.52 13.83
C ILE D 361 20.82 17.98 12.94
N SER D 362 19.64 17.81 13.56
CA SER D 362 18.45 17.26 12.89
C SER D 362 17.19 18.02 13.30
N LEU D 363 16.18 18.07 12.44
CA LEU D 363 14.94 18.77 12.75
C LEU D 363 14.03 17.92 13.63
N LYS D 364 13.83 18.36 14.86
CA LYS D 364 12.82 17.81 15.73
C LYS D 364 11.66 18.80 15.76
N GLU D 365 10.53 18.43 16.33
CA GLU D 365 9.41 19.36 16.39
C GLU D 365 9.76 20.65 17.14
N GLU D 366 10.75 20.58 18.03
CA GLU D 366 11.16 21.74 18.84
C GLU D 366 11.99 22.74 18.03
N GLY D 367 12.54 22.29 16.91
CA GLY D 367 13.46 23.09 16.12
C GLY D 367 14.67 22.24 15.72
N LEU D 368 15.73 22.88 15.26
CA LEU D 368 16.97 22.14 14.96
C LEU D 368 17.76 21.92 16.24
N GLU D 369 18.11 20.66 16.49
CA GLU D 369 18.79 20.30 17.73
C GLU D 369 19.94 19.32 17.47
N LYS D 370 20.90 19.28 18.38
CA LYS D 370 22.06 18.41 18.25
C LYS D 370 21.71 16.96 18.57
N ILE D 371 22.18 16.03 17.74
CA ILE D 371 21.94 14.61 17.98
C ILE D 371 23.22 13.77 17.94
N GLY D 372 24.37 14.42 17.84
CA GLY D 372 25.65 13.72 17.86
C GLY D 372 26.84 14.61 17.56
N THR D 373 27.95 13.98 17.17
CA THR D 373 29.14 14.70 16.75
C THR D 373 29.85 13.95 15.64
N TRP D 374 30.79 14.61 14.97
CA TRP D 374 31.66 13.93 14.02
C TRP D 374 33.06 14.52 14.05
N ASP D 375 34.07 13.66 13.92
CA ASP D 375 35.44 14.11 13.72
C ASP D 375 36.16 13.02 12.94
N PRO D 376 37.18 13.39 12.16
CA PRO D 376 37.73 12.40 11.23
C PRO D 376 38.29 11.15 11.86
N ALA D 377 38.66 11.19 13.14
CA ALA D 377 39.26 10.03 13.80
C ALA D 377 38.26 9.07 14.47
N SER D 378 37.03 9.52 14.66
CA SER D 378 36.05 8.73 15.42
C SER D 378 34.83 8.35 14.58
N GLY D 379 34.66 9.03 13.47
CA GLY D 379 33.43 8.92 12.71
C GLY D 379 32.32 9.58 13.52
N LEU D 380 31.13 8.99 13.50
CA LEU D 380 30.04 9.55 14.28
C LEU D 380 30.11 9.10 15.73
N ASN D 381 29.66 9.98 16.61
CA ASN D 381 29.42 9.69 18.02
C ASN D 381 27.98 10.07 18.30
N MET D 382 27.03 9.33 17.74
CA MET D 382 25.63 9.67 17.94
C MET D 382 25.23 9.30 19.36
N THR D 383 24.44 10.17 19.97
CA THR D 383 24.00 10.00 21.34
C THR D 383 22.55 9.55 21.36
N GLU D 384 22.32 8.26 21.17
CA GLU D 384 20.97 7.71 21.09
C GLU D 384 20.27 7.76 22.44
N SER D 398 5.18 -13.02 24.76
CA SER D 398 4.18 -12.88 23.71
C SER D 398 4.77 -13.26 22.34
N ASN D 399 6.00 -12.79 22.07
CA ASN D 399 6.79 -13.31 20.97
C ASN D 399 7.89 -14.24 21.54
N ARG D 400 7.85 -14.47 22.85
CA ARG D 400 8.72 -15.42 23.56
C ARG D 400 8.64 -16.82 22.97
N SER D 401 9.78 -17.49 22.76
CA SER D 401 9.72 -18.89 22.31
C SER D 401 9.33 -19.79 23.45
N LEU D 402 8.55 -20.82 23.14
CA LEU D 402 8.22 -21.80 24.13
C LEU D 402 9.33 -22.83 24.28
N ILE D 403 9.62 -23.19 25.52
CA ILE D 403 10.57 -24.26 25.78
C ILE D 403 9.79 -25.56 25.78
N VAL D 404 10.20 -26.50 24.94
CA VAL D 404 9.49 -27.78 24.81
C VAL D 404 10.38 -28.88 25.37
N THR D 405 9.96 -29.56 26.43
CA THR D 405 10.73 -30.68 26.97
C THR D 405 10.25 -31.93 26.24
N THR D 406 11.19 -32.82 25.96
CA THR D 406 10.83 -34.06 25.33
C THR D 406 11.89 -35.10 25.66
N ILE D 407 11.73 -36.28 25.09
CA ILE D 407 12.59 -37.38 25.42
C ILE D 407 12.71 -38.28 24.16
N LEU D 408 13.86 -38.93 23.98
CA LEU D 408 14.01 -39.82 22.84
C LEU D 408 13.15 -41.06 23.04
N GLU D 409 12.35 -41.38 22.04
CA GLU D 409 11.47 -42.54 22.12
C GLU D 409 10.99 -42.84 20.70
N GLU D 410 11.41 -43.98 20.14
CA GLU D 410 11.01 -44.33 18.74
C GLU D 410 9.53 -44.73 18.64
N PRO D 411 8.79 -44.25 17.61
CA PRO D 411 9.11 -43.28 16.55
C PRO D 411 8.58 -41.89 16.85
N TYR D 412 8.45 -41.53 18.12
CA TYR D 412 7.91 -40.23 18.50
C TYR D 412 8.92 -39.13 18.34
N VAL D 413 10.14 -39.38 18.81
CA VAL D 413 11.24 -38.39 18.82
C VAL D 413 12.54 -39.17 18.65
N LEU D 414 13.25 -38.86 17.58
CA LEU D 414 14.54 -39.45 17.26
C LEU D 414 15.45 -38.41 16.67
N PHE D 415 16.75 -38.69 16.67
CA PHE D 415 17.67 -37.85 15.90
C PHE D 415 17.56 -38.24 14.44
N LYS D 416 17.39 -37.24 13.59
CA LYS D 416 17.30 -37.44 12.15
C LYS D 416 18.65 -37.79 11.54
N LYS D 417 18.66 -38.81 10.69
CA LYS D 417 19.81 -39.07 9.78
C LYS D 417 19.58 -38.28 8.50
N SER D 418 20.55 -37.47 8.08
CA SER D 418 20.35 -36.65 6.89
C SER D 418 21.69 -36.41 6.21
N ASP D 419 21.64 -36.11 4.94
CA ASP D 419 22.85 -35.76 4.20
C ASP D 419 23.15 -34.30 4.53
N LYS D 420 22.14 -33.44 4.36
CA LYS D 420 22.26 -32.02 4.63
C LYS D 420 22.70 -31.72 6.06
N PRO D 421 23.35 -30.56 6.26
CA PRO D 421 23.55 -30.12 7.64
C PRO D 421 22.22 -29.79 8.31
N LEU D 422 22.17 -30.15 9.60
CA LEU D 422 21.00 -29.91 10.42
C LEU D 422 21.44 -29.16 11.66
N TYR D 423 20.64 -28.17 12.05
CA TYR D 423 20.95 -27.32 13.18
C TYR D 423 19.76 -27.33 14.13
N GLY D 424 20.05 -27.31 15.42
CA GLY D 424 19.02 -26.96 16.39
C GLY D 424 17.83 -27.89 16.39
N ASN D 425 16.64 -27.33 16.39
CA ASN D 425 15.43 -28.18 16.38
C ASN D 425 15.33 -29.12 15.19
N ASP D 426 15.94 -28.75 14.06
CA ASP D 426 15.79 -29.56 12.86
C ASP D 426 16.62 -30.84 12.95
N ARG D 427 17.36 -31.02 14.04
CA ARG D 427 18.08 -32.27 14.26
C ARG D 427 17.17 -33.43 14.64
N PHE D 428 15.93 -33.12 15.00
CA PHE D 428 14.98 -34.13 15.49
C PHE D 428 13.88 -34.42 14.48
N GLU D 429 13.37 -35.63 14.52
CA GLU D 429 12.18 -36.00 13.74
C GLU D 429 11.34 -37.00 14.50
N GLY D 430 10.15 -37.26 13.96
CA GLY D 430 9.26 -38.25 14.55
C GLY D 430 7.83 -37.76 14.65
N TYR D 431 6.94 -38.62 15.10
CA TYR D 431 5.52 -38.27 15.22
C TYR D 431 5.31 -37.04 16.09
N CYS D 432 5.98 -36.99 17.25
CA CYS D 432 5.76 -35.86 18.15
C CYS D 432 6.37 -34.60 17.62
N ILE D 433 7.47 -34.72 16.85
CA ILE D 433 8.07 -33.55 16.21
C ILE D 433 7.14 -33.01 15.12
N ASP D 434 6.56 -33.90 14.32
CA ASP D 434 5.54 -33.50 13.36
C ASP D 434 4.36 -32.83 14.04
N LEU D 435 3.89 -33.36 15.17
CA LEU D 435 2.80 -32.72 15.89
C LEU D 435 3.19 -31.34 16.39
N LEU D 436 4.38 -31.22 16.94
CA LEU D 436 4.86 -29.95 17.45
C LEU D 436 4.93 -28.91 16.33
N ARG D 437 5.40 -29.32 15.15
CA ARG D 437 5.49 -28.41 14.00
C ARG D 437 4.12 -27.92 13.60
N GLU D 438 3.14 -28.83 13.54
CA GLU D 438 1.77 -28.44 13.24
C GLU D 438 1.20 -27.48 14.29
N LEU D 439 1.35 -27.82 15.57
CA LEU D 439 0.87 -26.94 16.63
C LEU D 439 1.50 -25.55 16.55
N SER D 440 2.79 -25.48 16.21
CA SER D 440 3.45 -24.18 16.23
C SER D 440 2.92 -23.32 15.09
N THR D 441 2.57 -23.95 13.98
CA THR D 441 1.98 -23.23 12.86
C THR D 441 0.55 -22.80 13.14
N ILE D 442 -0.25 -23.69 13.70
CA ILE D 442 -1.66 -23.41 13.95
C ILE D 442 -1.81 -22.35 15.00
N LEU D 443 -1.01 -22.44 16.05
CA LEU D 443 -1.15 -21.53 17.19
C LEU D 443 -0.19 -20.34 17.13
N GLY D 444 0.80 -20.40 16.25
CA GLY D 444 1.68 -19.26 16.01
C GLY D 444 2.68 -18.99 17.11
N PHE D 445 3.45 -20.01 17.45
CA PHE D 445 4.53 -19.84 18.42
C PHE D 445 5.82 -20.37 17.84
N THR D 446 6.92 -19.86 18.36
CA THR D 446 8.23 -20.44 18.08
C THR D 446 8.64 -21.21 19.31
N TYR D 447 9.62 -22.07 19.16
CA TYR D 447 9.93 -23.00 20.25
C TYR D 447 11.38 -23.48 20.22
N GLU D 448 11.81 -24.02 21.35
CA GLU D 448 13.14 -24.63 21.49
C GLU D 448 12.96 -26.02 22.11
N ILE D 449 13.40 -27.05 21.40
CA ILE D 449 13.33 -28.41 21.91
C ILE D 449 14.50 -28.69 22.84
N ARG D 450 14.19 -29.21 24.01
CA ARG D 450 15.21 -29.67 24.97
C ARG D 450 14.94 -31.05 25.49
N LEU D 451 15.94 -31.91 25.44
CA LEU D 451 15.85 -33.27 25.95
C LEU D 451 15.92 -33.25 27.48
N VAL D 452 14.98 -33.91 28.10
CA VAL D 452 14.88 -33.89 29.56
C VAL D 452 16.10 -34.43 30.30
N GLU D 453 16.46 -33.70 31.36
CA GLU D 453 17.76 -33.90 32.01
C GLU D 453 17.93 -35.25 32.67
N ASP D 454 16.85 -35.83 33.20
CA ASP D 454 17.01 -37.12 33.86
C ASP D 454 16.53 -38.30 33.04
N GLY D 455 16.18 -38.09 31.76
CA GLY D 455 15.73 -39.19 30.94
C GLY D 455 14.48 -39.90 31.43
N LYS D 456 13.59 -39.16 32.08
CA LYS D 456 12.36 -39.72 32.66
C LYS D 456 11.11 -38.96 32.19
N TYR D 457 10.01 -39.71 32.15
CA TYR D 457 8.75 -39.12 31.81
C TYR D 457 8.16 -38.34 32.98
N GLY D 458 8.09 -38.96 34.14
CA GLY D 458 7.64 -38.24 35.32
C GLY D 458 6.90 -39.11 36.30
N ALA D 459 7.51 -39.27 37.47
CA ALA D 459 6.90 -39.97 38.59
C ALA D 459 7.17 -39.28 39.92
N GLN D 460 6.36 -39.61 40.93
CA GLN D 460 6.47 -39.02 42.26
C GLN D 460 7.17 -39.97 43.22
N ASP D 461 8.18 -39.44 43.90
CA ASP D 461 8.93 -40.20 44.89
C ASP D 461 8.02 -40.57 46.07
N ASP D 462 8.00 -41.83 46.45
CA ASP D 462 7.03 -42.30 47.43
C ASP D 462 7.38 -41.87 48.86
N VAL D 463 8.59 -41.33 49.04
CA VAL D 463 9.03 -40.88 50.37
C VAL D 463 9.04 -39.35 50.52
N ASN D 464 9.69 -38.61 49.61
CA ASN D 464 9.70 -37.14 49.74
C ASN D 464 8.67 -36.40 48.87
N GLY D 465 7.86 -37.13 48.11
CA GLY D 465 6.79 -36.51 47.33
C GLY D 465 7.24 -35.63 46.14
N GLN D 466 8.53 -35.59 45.85
CA GLN D 466 9.05 -34.79 44.73
C GLN D 466 8.86 -35.52 43.40
N TRP D 467 8.55 -34.74 42.36
CA TRP D 467 8.44 -35.27 40.99
C TRP D 467 9.79 -35.23 40.26
N ASN D 468 9.90 -36.06 39.23
CA ASN D 468 11.01 -36.04 38.32
C ASN D 468 10.54 -35.95 36.84
N GLY D 469 11.50 -36.05 35.92
CA GLY D 469 11.15 -36.10 34.50
C GLY D 469 10.56 -34.84 33.93
N MET D 470 9.86 -35.05 32.82
CA MET D 470 9.20 -33.95 32.15
C MET D 470 8.11 -33.30 33.04
N VAL D 471 7.42 -34.11 33.84
CA VAL D 471 6.41 -33.58 34.74
C VAL D 471 7.01 -32.57 35.69
N ARG D 472 8.16 -32.89 36.27
CA ARG D 472 8.85 -31.92 37.13
C ARG D 472 9.26 -30.64 36.38
N GLU D 473 9.70 -30.75 35.12
CA GLU D 473 10.06 -29.55 34.34
C GLU D 473 8.85 -28.64 34.19
N LEU D 474 7.68 -29.23 34.02
CA LEU D 474 6.48 -28.43 33.89
C LEU D 474 6.08 -27.79 35.22
N ILE D 475 6.10 -28.57 36.28
CA ILE D 475 5.68 -28.08 37.59
C ILE D 475 6.52 -26.85 37.96
N ASP D 476 7.81 -26.93 37.65
CA ASP D 476 8.75 -25.87 38.02
C ASP D 476 8.83 -24.74 37.02
N HIS D 477 8.00 -24.80 35.99
CA HIS D 477 7.96 -23.82 34.92
C HIS D 477 9.28 -23.68 34.18
N LYS D 478 10.02 -24.78 34.09
CA LYS D 478 11.20 -24.81 33.27
C LYS D 478 10.87 -25.12 31.83
N ALA D 479 9.73 -25.77 31.58
CA ALA D 479 9.27 -25.95 30.23
C ALA D 479 7.86 -25.40 30.10
N ASP D 480 7.51 -25.02 28.90
CA ASP D 480 6.15 -24.58 28.59
C ASP D 480 5.25 -25.74 28.18
N LEU D 481 5.84 -26.67 27.44
CA LEU D 481 5.14 -27.83 26.89
C LEU D 481 6.02 -29.07 27.01
N ALA D 482 5.39 -30.21 27.24
CA ALA D 482 6.03 -31.50 27.11
C ALA D 482 5.35 -32.18 25.94
N VAL D 483 6.08 -32.33 24.83
CA VAL D 483 5.50 -32.93 23.64
C VAL D 483 6.24 -34.24 23.46
N ALA D 484 5.54 -35.31 23.80
CA ALA D 484 6.11 -36.63 24.00
C ALA D 484 4.91 -37.55 24.22
N PRO D 485 5.11 -38.88 24.15
CA PRO D 485 4.00 -39.78 24.45
C PRO D 485 3.83 -39.88 25.97
N LEU D 486 3.36 -38.78 26.56
CA LEU D 486 3.19 -38.66 27.99
C LEU D 486 1.81 -39.15 28.38
N THR D 487 1.73 -40.29 29.09
CA THR D 487 0.45 -40.88 29.40
C THR D 487 -0.32 -40.00 30.36
N ILE D 488 -1.60 -39.80 30.03
CA ILE D 488 -2.50 -39.01 30.87
C ILE D 488 -2.98 -39.92 32.01
N THR D 489 -2.54 -39.63 33.23
CA THR D 489 -2.89 -40.46 34.37
C THR D 489 -3.43 -39.58 35.49
N TYR D 490 -4.17 -40.21 36.38
CA TYR D 490 -4.75 -39.57 37.55
C TYR D 490 -3.72 -38.80 38.37
N VAL D 491 -2.61 -39.46 38.73
CA VAL D 491 -1.64 -38.82 39.60
C VAL D 491 -0.98 -37.63 38.90
N ARG D 492 -0.72 -37.73 37.61
CA ARG D 492 -0.11 -36.61 36.87
C ARG D 492 -1.08 -35.45 36.63
N GLU D 493 -2.35 -35.76 36.32
CA GLU D 493 -3.30 -34.74 35.96
C GLU D 493 -3.61 -33.85 37.18
N LYS D 494 -3.34 -34.36 38.38
CA LYS D 494 -3.50 -33.56 39.57
C LYS D 494 -2.45 -32.47 39.73
N VAL D 495 -1.32 -32.60 39.03
CA VAL D 495 -0.19 -31.67 39.25
C VAL D 495 0.23 -30.90 38.01
N ILE D 496 -0.15 -31.34 36.82
CA ILE D 496 0.03 -30.58 35.58
C ILE D 496 -1.31 -30.56 34.84
N ASP D 497 -1.37 -29.79 33.76
CA ASP D 497 -2.55 -29.69 32.88
C ASP D 497 -2.27 -30.35 31.51
N PHE D 498 -2.96 -31.42 31.20
CA PHE D 498 -2.79 -32.11 29.94
C PHE D 498 -3.72 -31.58 28.90
N SER D 499 -3.28 -31.53 27.67
CA SER D 499 -4.22 -31.48 26.55
C SER D 499 -5.06 -32.72 26.50
N LYS D 500 -6.14 -32.67 25.72
CA LYS D 500 -6.85 -33.89 25.39
C LYS D 500 -5.91 -34.79 24.57
N PRO D 501 -6.18 -36.10 24.56
CA PRO D 501 -5.19 -37.03 23.99
C PRO D 501 -5.03 -36.92 22.48
N PHE D 502 -3.79 -36.90 22.00
CA PHE D 502 -3.56 -37.00 20.57
C PHE D 502 -3.52 -38.40 20.06
N MET D 503 -3.41 -39.39 20.97
CA MET D 503 -3.46 -40.80 20.65
C MET D 503 -4.19 -41.52 21.79
N THR D 504 -5.09 -42.46 21.50
CA THR D 504 -5.73 -43.28 22.54
C THR D 504 -5.39 -44.74 22.24
N LEU D 505 -5.15 -45.51 23.29
CA LEU D 505 -4.49 -46.80 23.17
C LEU D 505 -4.81 -47.63 24.40
N GLY D 506 -4.15 -48.77 24.58
CA GLY D 506 -4.31 -49.57 25.79
C GLY D 506 -3.29 -50.69 25.78
N ILE D 507 -3.31 -51.47 26.83
CA ILE D 507 -2.45 -52.65 26.92
C ILE D 507 -3.05 -53.71 26.02
N SER D 508 -2.18 -54.44 25.33
CA SER D 508 -2.64 -55.64 24.63
C SER D 508 -1.54 -56.71 24.61
N ILE D 509 -1.71 -57.72 23.78
CA ILE D 509 -0.87 -58.93 23.76
C ILE D 509 -0.16 -59.09 22.44
N LEU D 510 1.15 -59.27 22.50
CA LEU D 510 1.94 -59.60 21.33
C LEU D 510 2.27 -61.07 21.31
N TYR D 511 1.96 -61.74 20.22
CA TYR D 511 2.15 -63.18 20.14
C TYR D 511 2.37 -63.57 18.68
N ARG D 512 2.81 -64.78 18.44
CA ARG D 512 3.01 -65.23 17.06
C ARG D 512 1.65 -65.49 16.41
N LYS D 513 1.64 -65.43 15.10
CA LYS D 513 0.44 -65.67 14.31
C LYS D 513 0.15 -67.15 14.25
N GLY D 514 -1.10 -67.49 13.98
CA GLY D 514 -1.46 -68.83 13.57
C GLY D 514 -1.82 -69.80 14.67
N THR D 515 -2.21 -69.25 15.81
CA THR D 515 -2.55 -70.04 16.98
C THR D 515 -4.02 -69.79 17.32
N PRO D 516 -4.57 -70.56 18.27
CA PRO D 516 -5.96 -70.41 18.68
C PRO D 516 -6.18 -69.43 19.83
N ILE D 517 -5.09 -68.88 20.38
CA ILE D 517 -5.20 -67.92 21.46
C ILE D 517 -5.80 -66.64 20.91
N ASP D 518 -6.79 -66.12 21.62
CA ASP D 518 -7.58 -65.01 21.09
C ASP D 518 -7.87 -63.93 22.15
N SER D 519 -7.45 -64.16 23.38
CA SER D 519 -7.77 -63.25 24.47
C SER D 519 -6.83 -63.43 25.63
N ALA D 520 -6.83 -62.48 26.58
CA ALA D 520 -6.07 -62.62 27.82
C ALA D 520 -6.62 -63.77 28.66
N ASP D 521 -7.90 -64.06 28.48
CA ASP D 521 -8.52 -65.15 29.23
C ASP D 521 -7.89 -66.49 28.84
N ASP D 522 -7.71 -66.69 27.53
CA ASP D 522 -7.09 -67.91 27.02
C ASP D 522 -5.70 -68.13 27.59
N LEU D 523 -4.97 -67.04 27.83
CA LEU D 523 -3.67 -67.13 28.45
C LEU D 523 -3.79 -67.39 29.94
N ALA D 524 -4.77 -66.75 30.57
CA ALA D 524 -4.86 -66.77 32.02
C ALA D 524 -5.22 -68.16 32.52
N LYS D 525 -6.01 -68.90 31.73
CA LYS D 525 -6.52 -70.19 32.14
C LYS D 525 -5.64 -71.36 31.66
N GLN D 526 -4.36 -71.09 31.44
CA GLN D 526 -3.43 -72.16 31.10
C GLN D 526 -2.01 -71.83 31.57
N THR D 527 -1.07 -72.74 31.35
CA THR D 527 0.30 -72.61 31.87
C THR D 527 1.37 -73.04 30.87
N LYS D 528 0.95 -73.70 29.80
CA LYS D 528 1.88 -74.16 28.77
C LYS D 528 2.55 -72.98 28.05
N ILE D 529 1.74 -72.01 27.61
CA ILE D 529 2.25 -70.79 26.99
C ILE D 529 2.63 -69.78 28.06
N GLU D 530 3.89 -69.42 28.13
CA GLU D 530 4.31 -68.45 29.12
C GLU D 530 3.94 -67.04 28.62
N TYR D 531 3.80 -66.10 29.55
CA TYR D 531 3.52 -64.70 29.16
C TYR D 531 4.05 -63.80 30.25
N GLY D 532 4.39 -62.58 29.88
CA GLY D 532 4.95 -61.67 30.82
C GLY D 532 4.98 -60.27 30.27
N ALA D 533 5.87 -59.48 30.79
CA ALA D 533 5.91 -58.06 30.53
C ALA D 533 7.29 -57.54 30.84
N VAL D 534 7.58 -56.33 30.41
CA VAL D 534 8.83 -55.70 30.77
C VAL D 534 8.79 -55.29 32.25
N GLU D 535 9.81 -55.72 32.98
CA GLU D 535 9.85 -55.51 34.40
C GLU D 535 9.82 -54.00 34.71
N ASP D 536 8.95 -53.63 35.65
CA ASP D 536 8.83 -52.24 36.16
C ASP D 536 8.25 -51.22 35.17
N GLY D 537 7.73 -51.69 34.05
CA GLY D 537 7.12 -50.77 33.10
C GLY D 537 5.69 -50.49 33.47
N SER D 538 5.02 -49.62 32.70
CA SER D 538 3.65 -49.27 33.00
C SER D 538 2.73 -50.47 32.88
N THR D 539 3.00 -51.33 31.91
CA THR D 539 2.15 -52.48 31.72
C THR D 539 2.25 -53.43 32.89
N MET D 540 3.46 -53.71 33.34
CA MET D 540 3.57 -54.63 34.49
C MET D 540 2.83 -54.02 35.70
N THR D 541 3.02 -52.74 35.89
CA THR D 541 2.38 -52.00 36.99
C THR D 541 0.85 -52.12 36.96
N PHE D 542 0.24 -52.03 35.78
CA PHE D 542 -1.19 -52.26 35.65
C PHE D 542 -1.60 -53.61 36.22
N PHE D 543 -0.88 -54.67 35.85
CA PHE D 543 -1.25 -56.01 36.29
C PHE D 543 -1.03 -56.18 37.77
N LYS D 544 0.00 -55.53 38.28
CA LYS D 544 0.35 -55.68 39.70
C LYS D 544 -0.82 -55.14 40.56
N LYS D 545 -1.70 -54.34 39.95
CA LYS D 545 -2.74 -53.61 40.68
C LYS D 545 -4.17 -53.98 40.30
N SER D 546 -4.37 -54.61 39.16
CA SER D 546 -5.71 -54.91 38.73
C SER D 546 -6.38 -55.79 39.78
N LYS D 547 -7.60 -55.41 40.14
CA LYS D 547 -8.41 -56.27 40.96
C LYS D 547 -9.37 -57.00 40.03
N ILE D 548 -9.23 -56.77 38.73
CA ILE D 548 -10.04 -57.49 37.76
C ILE D 548 -9.58 -58.94 37.83
N SER D 549 -10.50 -59.88 37.62
CA SER D 549 -10.22 -61.29 37.92
C SER D 549 -9.07 -61.82 37.09
N THR D 550 -9.32 -61.90 35.79
CA THR D 550 -8.34 -62.42 34.84
C THR D 550 -6.95 -61.81 35.08
N TYR D 551 -6.88 -60.50 35.19
CA TYR D 551 -5.60 -59.80 35.25
C TYR D 551 -4.93 -60.04 36.60
N ASP D 552 -5.74 -60.24 37.64
CA ASP D 552 -5.18 -60.60 38.93
C ASP D 552 -4.55 -62.00 38.87
N LYS D 553 -5.19 -62.93 38.17
CA LYS D 553 -4.62 -64.26 38.01
C LYS D 553 -3.32 -64.21 37.19
N MET D 554 -3.34 -63.36 36.17
CA MET D 554 -2.19 -63.23 35.29
C MET D 554 -1.01 -62.74 36.10
N TRP D 555 -1.27 -61.83 37.03
CA TRP D 555 -0.19 -61.28 37.80
C TRP D 555 0.33 -62.28 38.82
N ALA D 556 -0.55 -63.11 39.36
CA ALA D 556 -0.14 -64.21 40.23
C ALA D 556 0.94 -65.04 39.52
N PHE D 557 0.62 -65.43 38.29
CA PHE D 557 1.53 -66.21 37.45
C PHE D 557 2.84 -65.47 37.17
N MET D 558 2.73 -64.23 36.68
CA MET D 558 3.92 -63.48 36.33
C MET D 558 4.82 -63.26 37.53
N SER D 559 4.21 -62.93 38.66
CA SER D 559 4.99 -62.63 39.86
C SER D 559 5.72 -63.87 40.35
N SER D 560 5.06 -65.01 40.34
CA SER D 560 5.69 -66.23 40.83
C SER D 560 6.82 -66.66 39.90
N ARG D 561 6.58 -66.64 38.59
CA ARG D 561 7.59 -67.05 37.63
C ARG D 561 8.34 -65.85 37.07
N ARG D 562 8.53 -64.82 37.88
CA ARG D 562 9.13 -63.57 37.37
C ARG D 562 10.52 -63.72 36.81
N GLN D 563 11.34 -64.60 37.36
CA GLN D 563 12.68 -64.71 36.80
C GLN D 563 12.61 -65.29 35.37
N SER D 564 11.56 -66.05 35.10
CA SER D 564 11.37 -66.69 33.82
C SER D 564 10.60 -65.84 32.81
N VAL D 565 9.64 -65.02 33.25
CA VAL D 565 8.75 -64.36 32.29
C VAL D 565 8.74 -62.83 32.26
N LEU D 566 9.32 -62.17 33.26
CA LEU D 566 9.48 -60.71 33.20
C LEU D 566 10.83 -60.47 32.58
N VAL D 567 10.88 -59.58 31.59
CA VAL D 567 12.08 -59.35 30.80
C VAL D 567 12.53 -57.93 31.13
N LYS D 568 13.80 -57.61 30.91
CA LYS D 568 14.34 -56.31 31.29
C LYS D 568 14.15 -55.26 30.23
N SER D 569 13.80 -55.67 29.01
CA SER D 569 13.61 -54.71 27.93
C SER D 569 12.60 -55.20 26.91
N SER D 570 11.98 -54.25 26.22
CA SER D 570 11.06 -54.56 25.16
C SER D 570 11.72 -55.45 24.13
N GLU D 571 12.96 -55.11 23.80
CA GLU D 571 13.70 -55.84 22.79
C GLU D 571 13.88 -57.32 23.17
N GLU D 572 14.19 -57.59 24.43
CA GLU D 572 14.31 -58.98 24.89
C GLU D 572 12.99 -59.72 24.80
N GLY D 573 11.93 -59.02 25.20
CA GLY D 573 10.60 -59.55 25.14
C GLY D 573 10.19 -59.96 23.73
N ILE D 574 10.45 -59.10 22.76
CA ILE D 574 10.11 -59.42 21.37
C ILE D 574 10.89 -60.65 20.90
N GLN D 575 12.17 -60.76 21.25
CA GLN D 575 12.91 -61.99 20.91
C GLN D 575 12.36 -63.25 21.53
N ARG D 576 11.87 -63.17 22.75
CA ARG D 576 11.25 -64.28 23.38
C ARG D 576 9.97 -64.71 22.66
N VAL D 577 9.19 -63.75 22.18
CA VAL D 577 7.97 -64.10 21.44
C VAL D 577 8.38 -64.82 20.15
N LEU D 578 9.46 -64.35 19.52
CA LEU D 578 9.89 -64.90 18.22
C LEU D 578 10.51 -66.29 18.33
N THR D 579 11.11 -66.63 19.47
CA THR D 579 11.98 -67.81 19.55
C THR D 579 11.46 -68.83 20.52
N SER D 580 10.33 -68.56 21.16
CA SER D 580 9.81 -69.47 22.16
C SER D 580 8.31 -69.29 22.28
N ASP D 581 7.68 -70.15 23.08
CA ASP D 581 6.23 -70.15 23.12
C ASP D 581 5.81 -69.20 24.23
N TYR D 582 5.82 -67.92 23.87
CA TYR D 582 5.70 -66.83 24.84
C TYR D 582 4.91 -65.69 24.25
N ALA D 583 4.10 -65.07 25.10
CA ALA D 583 3.35 -63.88 24.72
C ALA D 583 3.78 -62.72 25.59
N LEU D 584 3.80 -61.53 25.01
CA LEU D 584 4.30 -60.34 25.71
C LEU D 584 3.15 -59.32 25.85
N LEU D 585 2.89 -58.89 27.07
CA LEU D 585 1.92 -57.84 27.38
C LEU D 585 2.62 -56.49 27.23
N MET D 586 2.07 -55.60 26.42
CA MET D 586 2.71 -54.27 26.20
C MET D 586 1.69 -53.27 25.68
N GLU D 587 2.10 -52.02 25.55
CA GLU D 587 1.19 -50.98 25.07
C GLU D 587 0.91 -51.22 23.59
N SER D 588 -0.33 -50.99 23.19
CA SER D 588 -0.80 -51.32 21.85
C SER D 588 -0.09 -50.49 20.74
N THR D 589 0.38 -49.29 21.08
CA THR D 589 1.17 -48.47 20.17
C THR D 589 2.49 -49.16 19.83
N THR D 590 3.16 -49.68 20.86
CA THR D 590 4.38 -50.45 20.64
C THR D 590 4.09 -51.71 19.87
N ILE D 591 3.01 -52.42 20.20
CA ILE D 591 2.68 -53.62 19.49
C ILE D 591 2.48 -53.36 18.00
N GLU D 592 1.79 -52.28 17.67
CA GLU D 592 1.60 -51.95 16.26
C GLU D 592 2.91 -51.65 15.55
N PHE D 593 3.81 -50.96 16.23
CA PHE D 593 5.11 -50.66 15.65
C PHE D 593 5.83 -51.96 15.34
N VAL D 594 5.77 -52.88 16.26
CA VAL D 594 6.44 -54.17 16.14
C VAL D 594 5.82 -55.05 15.06
N THR D 595 4.51 -55.10 14.99
CA THR D 595 3.85 -56.03 14.08
C THR D 595 3.95 -55.49 12.65
N GLN D 596 4.15 -54.19 12.49
CA GLN D 596 4.39 -53.66 11.16
C GLN D 596 5.75 -54.06 10.64
N ARG D 597 6.64 -54.51 11.52
CA ARG D 597 8.03 -54.79 11.19
C ARG D 597 8.38 -56.26 11.37
N ASN D 598 7.42 -57.03 11.87
CA ASN D 598 7.59 -58.45 12.15
C ASN D 598 6.34 -59.17 11.68
N CYS D 599 6.37 -59.59 10.41
CA CYS D 599 5.16 -60.05 9.75
C CYS D 599 4.59 -61.33 10.33
N ASN D 600 5.30 -62.09 11.16
CA ASN D 600 4.65 -63.29 11.75
C ASN D 600 4.11 -63.08 13.14
N LEU D 601 4.29 -61.88 13.63
CA LEU D 601 3.69 -61.55 14.94
C LEU D 601 2.36 -60.81 14.75
N THR D 602 1.54 -60.84 15.78
CA THR D 602 0.23 -60.19 15.76
C THR D 602 -0.21 -59.72 17.13
N GLN D 603 -1.14 -58.76 17.16
CA GLN D 603 -1.81 -58.44 18.40
C GLN D 603 -2.88 -59.49 18.67
N ILE D 604 -2.97 -59.93 19.92
CA ILE D 604 -4.00 -60.89 20.31
C ILE D 604 -5.07 -60.17 21.12
N GLY D 605 -6.30 -60.23 20.64
CA GLY D 605 -7.37 -59.67 21.44
C GLY D 605 -7.42 -58.19 21.23
N GLY D 606 -8.21 -57.54 22.05
CA GLY D 606 -8.36 -56.10 21.97
C GLY D 606 -7.56 -55.45 23.07
N LEU D 607 -8.01 -54.28 23.47
CA LEU D 607 -7.34 -53.53 24.53
C LEU D 607 -7.81 -53.97 25.90
N ILE D 608 -6.85 -54.02 26.82
CA ILE D 608 -7.02 -54.51 28.18
C ILE D 608 -7.30 -53.38 29.15
N ASP D 609 -6.82 -52.18 28.84
CA ASP D 609 -7.19 -50.97 29.59
C ASP D 609 -7.33 -49.87 28.52
N SER D 610 -7.59 -48.65 28.94
CA SER D 610 -7.72 -47.57 27.99
C SER D 610 -6.97 -46.38 28.57
N LYS D 611 -6.11 -45.77 27.77
CA LYS D 611 -5.49 -44.56 28.16
C LYS D 611 -5.03 -43.78 26.93
N GLY D 612 -4.65 -42.53 27.15
CA GLY D 612 -4.22 -41.64 26.09
C GLY D 612 -2.87 -40.98 26.39
N TYR D 613 -2.23 -40.53 25.33
CA TYR D 613 -1.06 -39.66 25.41
C TYR D 613 -1.51 -38.23 25.18
N GLY D 614 -1.05 -37.28 26.00
CA GLY D 614 -1.39 -35.89 25.85
C GLY D 614 -0.18 -34.99 25.89
N VAL D 615 -0.32 -33.76 25.39
CA VAL D 615 0.71 -32.75 25.59
C VAL D 615 0.60 -32.21 27.00
N GLY D 616 1.70 -32.22 27.74
CA GLY D 616 1.71 -31.67 29.08
C GLY D 616 1.99 -30.17 29.10
N THR D 617 1.30 -29.46 30.00
CA THR D 617 1.58 -28.04 30.24
C THR D 617 1.55 -27.83 31.74
N PRO D 618 2.17 -26.74 32.21
CA PRO D 618 2.04 -26.43 33.63
C PRO D 618 0.58 -26.13 34.01
N MET D 619 0.22 -26.42 35.27
CA MET D 619 -1.13 -26.16 35.74
C MET D 619 -1.46 -24.67 35.50
N GLY D 620 -2.61 -24.39 34.91
CA GLY D 620 -3.01 -23.03 34.64
C GLY D 620 -2.55 -22.46 33.32
N SER D 621 -1.83 -23.23 32.51
CA SER D 621 -1.32 -22.72 31.24
C SER D 621 -2.42 -22.35 30.28
N PRO D 622 -2.32 -21.17 29.64
CA PRO D 622 -3.26 -20.80 28.59
C PRO D 622 -3.10 -21.61 27.31
N TYR D 623 -1.96 -22.28 27.15
CA TYR D 623 -1.79 -23.06 25.94
C TYR D 623 -2.57 -24.38 25.98
N ARG D 624 -2.92 -24.87 27.16
CA ARG D 624 -3.57 -26.17 27.27
C ARG D 624 -4.82 -26.29 26.39
N ASP D 625 -5.78 -25.39 26.59
CA ASP D 625 -7.02 -25.42 25.80
C ASP D 625 -6.82 -25.11 24.34
N LYS D 626 -5.82 -24.28 23.99
CA LYS D 626 -5.54 -24.00 22.59
C LYS D 626 -5.00 -25.23 21.85
N ILE D 627 -4.15 -25.96 22.53
CA ILE D 627 -3.54 -27.18 22.00
C ILE D 627 -4.62 -28.26 21.87
N THR D 628 -5.47 -28.36 22.87
CA THR D 628 -6.62 -29.29 22.79
C THR D 628 -7.46 -29.03 21.55
N ILE D 629 -7.83 -27.77 21.30
CA ILE D 629 -8.66 -27.47 20.13
C ILE D 629 -7.91 -27.76 18.85
N ALA D 630 -6.62 -27.44 18.82
CA ALA D 630 -5.83 -27.76 17.63
C ALA D 630 -5.72 -29.27 17.36
N ILE D 631 -5.52 -30.04 18.42
CA ILE D 631 -5.45 -31.50 18.31
C ILE D 631 -6.79 -32.06 17.81
N LEU D 632 -7.91 -31.58 18.35
CA LEU D 632 -9.21 -32.06 17.90
C LEU D 632 -9.47 -31.77 16.43
N GLN D 633 -9.06 -30.60 16.00
CA GLN D 633 -9.18 -30.26 14.57
C GLN D 633 -8.30 -31.10 13.65
N LEU D 634 -7.04 -31.29 14.04
CA LEU D 634 -6.13 -32.21 13.36
C LEU D 634 -6.71 -33.61 13.29
N GLN D 635 -7.35 -34.09 14.35
CA GLN D 635 -7.94 -35.41 14.31
C GLN D 635 -9.08 -35.46 13.29
N GLU D 636 -9.97 -34.50 13.38
CA GLU D 636 -11.18 -34.51 12.55
C GLU D 636 -10.81 -34.36 11.08
N GLU D 637 -9.77 -33.59 10.79
CA GLU D 637 -9.30 -33.43 9.43
C GLU D 637 -8.59 -34.65 8.87
N GLY D 638 -8.31 -35.65 9.72
CA GLY D 638 -7.62 -36.86 9.30
C GLY D 638 -6.10 -36.76 9.35
N LYS D 639 -5.60 -35.64 9.83
CA LYS D 639 -4.17 -35.41 9.77
C LYS D 639 -3.39 -36.21 10.81
N LEU D 640 -3.95 -36.47 11.98
CA LEU D 640 -3.20 -37.27 12.97
C LEU D 640 -3.15 -38.71 12.55
N HIS D 641 -4.20 -39.16 11.89
CA HIS D 641 -4.18 -40.49 11.35
C HIS D 641 -3.09 -40.63 10.28
N MET D 642 -2.93 -39.62 9.43
CA MET D 642 -1.88 -39.64 8.42
C MET D 642 -0.48 -39.68 9.08
N MET D 643 -0.33 -38.89 10.13
CA MET D 643 0.92 -38.79 10.87
C MET D 643 1.27 -40.15 11.51
N LYS D 644 0.26 -40.80 12.09
CA LYS D 644 0.46 -42.10 12.65
C LYS D 644 0.91 -43.10 11.60
N GLU D 645 0.24 -43.12 10.45
CA GLU D 645 0.63 -44.07 9.41
C GLU D 645 2.02 -43.78 8.90
N LYS D 646 2.39 -42.50 8.81
CA LYS D 646 3.72 -42.14 8.32
C LYS D 646 4.81 -42.78 9.17
N TRP D 647 4.65 -42.70 10.50
CA TRP D 647 5.68 -43.15 11.43
C TRP D 647 5.58 -44.61 11.84
N TRP D 648 4.41 -45.24 11.70
CA TRP D 648 4.25 -46.62 12.10
C TRP D 648 4.32 -47.63 10.94
N ARG D 649 3.95 -47.26 9.73
CA ARG D 649 3.85 -48.29 8.67
C ARG D 649 5.22 -48.86 8.32
N GLY D 650 5.27 -50.18 8.10
CA GLY D 650 6.54 -50.85 7.84
C GLY D 650 6.82 -50.96 6.35
F2 LY5 E . -28.55 -42.24 13.91
C15 LY5 E . -27.74 -41.25 14.03
F1 LY5 E . -28.53 -40.20 13.79
C14 LY5 E . -26.56 -41.49 13.10
C12 LY5 E . -25.46 -42.05 13.99
C13 LY5 E . -24.13 -41.91 13.29
O4 LY5 E . -23.39 -42.91 13.17
O3 LY5 E . -23.79 -40.79 12.90
C16 LY5 E . -27.12 -41.22 15.43
N2 LY5 E . -25.65 -41.22 15.21
C11 LY5 E . -24.86 -41.80 16.33
C7 LY5 E . -25.16 -41.27 17.77
C6 LY5 E . -24.94 -39.77 17.81
C8 LY5 E . -24.39 -42.04 18.84
C9 LY5 E . -24.59 -41.45 20.25
C4 LY5 E . -24.31 -39.94 20.11
C5 LY5 E . -25.19 -39.14 19.18
C3 LY5 E . -22.82 -39.54 20.14
N1 LY5 E . -22.63 -38.07 20.13
C1 LY5 E . -23.35 -37.31 19.07
C2 LY5 E . -24.87 -37.67 19.20
C10 LY5 E . -23.13 -35.86 19.33
O1 LY5 E . -22.55 -35.49 20.34
O2 LY5 E . -23.55 -35.00 18.49
F2 LY5 F . -17.89 -42.17 -36.77
C15 LY5 F . -17.03 -41.50 -37.42
F1 LY5 F . -17.79 -40.82 -38.28
C14 LY5 F . -15.99 -42.46 -37.98
C12 LY5 F . -14.82 -42.39 -37.03
C13 LY5 F . -13.59 -42.96 -37.71
O4 LY5 F . -12.92 -43.85 -37.13
O3 LY5 F . -13.25 -42.47 -38.78
C16 LY5 F . -16.23 -40.59 -36.49
N2 LY5 F . -14.80 -40.92 -36.74
C11 LY5 F . -13.89 -40.66 -35.58
C7 LY5 F . -13.96 -39.26 -34.92
C6 LY5 F . -13.66 -38.19 -35.97
C8 LY5 F . -13.11 -39.16 -33.66
C9 LY5 F . -13.08 -37.74 -33.07
C4 LY5 F . -12.74 -36.80 -34.26
C5 LY5 F . -13.70 -36.76 -35.43
C3 LY5 F . -11.25 -36.68 -34.61
N1 LY5 F . -10.99 -35.69 -35.66
C1 LY5 F . -11.81 -35.79 -36.90
C2 LY5 F . -13.31 -35.75 -36.47
C10 LY5 F . -11.48 -34.61 -37.75
O1 LY5 F . -11.96 -34.53 -38.93
O2 LY5 F . -10.75 -33.72 -37.33
F2 LY5 G . 21.01 -43.16 -22.07
C15 LY5 G . 20.38 -42.05 -21.99
F1 LY5 G . 21.34 -41.22 -21.55
C14 LY5 G . 19.16 -42.24 -21.09
C12 LY5 G . 18.01 -42.42 -22.05
C13 LY5 G . 16.71 -42.19 -21.31
O4 LY5 G . 15.80 -43.05 -21.36
O3 LY5 G . 16.57 -41.12 -20.72
C16 LY5 G . 19.81 -41.65 -23.34
N2 LY5 G . 18.36 -41.43 -23.10
C11 LY5 G . 17.49 -41.64 -24.30
C7 LY5 G . 17.90 -40.91 -25.62
C6 LY5 G . 17.94 -39.42 -25.36
C8 LY5 G . 17.04 -41.33 -26.80
C9 LY5 G . 17.35 -40.53 -28.07
C4 LY5 G . 17.34 -39.04 -27.65
C5 LY5 G . 18.34 -38.59 -26.59
C3 LY5 G . 15.95 -38.38 -27.58
N1 LY5 G . 16.01 -36.95 -27.29
C1 LY5 G . 16.84 -36.54 -26.12
C2 LY5 G . 18.27 -37.10 -26.34
C10 LY5 G . 16.87 -35.04 -26.09
O1 LY5 G . 16.38 -34.39 -27.01
O2 LY5 G . 17.42 -34.45 -25.11
F2 LY5 H . 9.69 -50.81 27.88
C15 LY5 H . 8.93 -50.14 28.67
F1 LY5 H . 9.80 -49.77 29.64
C14 LY5 H . 7.74 -51.00 29.06
C12 LY5 H . 6.62 -50.53 28.16
C13 LY5 H . 5.30 -50.99 28.74
O4 LY5 H . 4.50 -51.63 28.02
O3 LY5 H . 5.03 -50.67 29.89
C16 LY5 H . 8.32 -48.94 27.93
N2 LY5 H . 6.86 -49.06 28.14
C11 LY5 H . 6.02 -48.43 27.07
C7 LY5 H . 6.36 -46.96 26.69
C6 LY5 H . 6.23 -46.08 27.91
C8 LY5 H . 5.56 -46.48 25.49
C9 LY5 H . 5.79 -44.99 25.18
C4 LY5 H . 5.60 -44.25 26.51
C5 LY5 H . 6.53 -44.60 27.66
C3 LY5 H . 4.13 -43.94 26.91
N1 LY5 H . 4.04 -43.13 28.13
C1 LY5 H . 4.80 -43.60 29.31
C2 LY5 H . 6.30 -43.74 28.88
C10 LY5 H . 4.67 -42.56 30.39
O1 LY5 H . 5.14 -42.80 31.55
O2 LY5 H . 4.12 -41.50 30.15
#